data_4FK1
#
_entry.id   4FK1
#
_cell.length_a   82.558
_cell.length_b   54.096
_cell.length_c   140.037
_cell.angle_alpha   90.00
_cell.angle_beta   93.04
_cell.angle_gamma   90.00
#
_symmetry.space_group_name_H-M   'P 1 21 1'
#
loop_
_entity.id
_entity.type
_entity.pdbx_description
1 polymer 'Putative thioredoxin reductase'
2 polymer 'Putative thioredoxin reductase'
3 non-polymer 'FLAVIN-ADENINE DINUCLEOTIDE'
4 non-polymer 'MAGNESIUM ION'
5 non-polymer GLYCEROL
6 water water
#
loop_
_entity_poly.entity_id
_entity_poly.type
_entity_poly.pdbx_seq_one_letter_code
_entity_poly.pdbx_strand_id
1 'polypeptide(L)'
;SNA(MSE)KYIDCAVIGAGPAGLNASLVLGRARKQIALFDNNTNRNRVTQNSHGFITRDGIKPEEFKEIGLNEV(MSE)K
YPSVHYYEKTVV(MSE)ITKQSTGLFEIVTKDHTKYLAERVLLATG(MSE)QEEFPSIPNVREYYGKSLFSCPYCDGWEL
KDQPLIIISENEDHTLH(MSE)TKLVYNWSTDLVIATNGNELSQTI(MSE)DELSNKNIPVITESIRTLQGEGGYLKKVE
FHSGLRIERAGGFIVPTFFRPNQFIEQLGCELQSNGTFVIDDFGRTSEKNIYLAGETTTQGPSSLIIAASQGNKAAIAIN
SDITDERF
;
A,B,D
2 'polypeptide(L)'
;SNA(MSE)KYIDCAVIGAGPAGLNASLVLGRARKQIALFDNNTNRNRVTQNSHGFITRDGIKPEEFKEIGLNEV(MSO)K
YPSVHYYEKTVV(MSE)ITKQSTGLFEIVTKDHTKYLAERVLLATG(MSE)QEEFPSIPNVREYYGKSLFSCPYCDGWEL
KDQPLIIISENEDHTLH(MSE)TKLVYNWSTDLVIATNGNELSQTI(MSE)DELSNKNIPVITESIRTLQGEGGYLKKVE
FHSGLRIERAGGFIVPTFFRPNQFIEQLGCELQSNGTFVIDDFGRTSEKNIYLAGETTTQGPSSLIIAASQGNKAAIAIN
SDITDERF
;
C
#
loop_
_chem_comp.id
_chem_comp.type
_chem_comp.name
_chem_comp.formula
FAD non-polymer 'FLAVIN-ADENINE DINUCLEOTIDE' 'C27 H33 N9 O15 P2'
GOL non-polymer GLYCEROL 'C3 H8 O3'
MG non-polymer 'MAGNESIUM ION' 'Mg 2'
#
# COMPACT_ATOMS: atom_id res chain seq x y z
N TYR A 6 4.30 0.93 -10.93
CA TYR A 6 3.79 1.13 -12.28
C TYR A 6 2.98 2.41 -12.36
N ILE A 7 2.76 2.87 -13.59
CA ILE A 7 1.82 3.97 -13.82
C ILE A 7 0.43 3.37 -14.11
N ASP A 8 -0.55 3.70 -13.30
CA ASP A 8 -1.93 3.30 -13.58
C ASP A 8 -2.43 4.03 -14.83
N CYS A 9 -2.35 5.37 -14.81
CA CYS A 9 -2.78 6.16 -15.95
C CYS A 9 -1.82 7.30 -16.21
N ALA A 10 -1.33 7.37 -17.46
CA ALA A 10 -0.54 8.50 -17.89
C ALA A 10 -1.52 9.51 -18.46
N VAL A 11 -1.53 10.71 -17.88
CA VAL A 11 -2.39 11.78 -18.37
C VAL A 11 -1.56 12.75 -19.16
N ILE A 12 -1.80 12.78 -20.48
CA ILE A 12 -1.09 13.67 -21.41
C ILE A 12 -1.87 14.98 -21.57
N GLY A 13 -1.41 16.04 -20.90
CA GLY A 13 -2.04 17.34 -20.97
C GLY A 13 -2.52 17.87 -19.61
N ALA A 14 -1.93 18.97 -19.15
CA ALA A 14 -2.37 19.62 -17.92
C ALA A 14 -3.26 20.86 -18.13
N GLY A 15 -4.21 20.78 -19.05
CA GLY A 15 -5.26 21.79 -19.13
C GLY A 15 -6.35 21.50 -18.11
N PRO A 16 -7.49 22.20 -18.22
CA PRO A 16 -8.57 21.92 -17.26
C PRO A 16 -8.97 20.43 -17.27
N ALA A 17 -8.95 19.81 -18.45
CA ALA A 17 -9.34 18.41 -18.56
C ALA A 17 -8.39 17.46 -17.80
N GLY A 18 -7.12 17.45 -18.20
CA GLY A 18 -6.14 16.58 -17.57
C GLY A 18 -6.00 16.82 -16.07
N LEU A 19 -6.02 18.10 -15.69
CA LEU A 19 -5.87 18.50 -14.29
C LEU A 19 -6.99 18.00 -13.43
N ASN A 20 -8.23 18.10 -13.92
CA ASN A 20 -9.36 17.71 -13.09
C ASN A 20 -9.47 16.18 -13.04
N ALA A 21 -9.07 15.55 -14.14
CA ALA A 21 -8.97 14.11 -14.21
C ALA A 21 -7.89 13.62 -13.24
N SER A 22 -6.75 14.29 -13.25
CA SER A 22 -5.67 13.92 -12.33
C SER A 22 -6.05 14.13 -10.87
N LEU A 23 -6.83 15.16 -10.59
CA LEU A 23 -7.29 15.45 -9.23
C LEU A 23 -8.17 14.32 -8.66
N VAL A 24 -9.17 13.92 -9.44
CA VAL A 24 -10.08 12.85 -9.03
C VAL A 24 -9.36 11.50 -8.92
N LEU A 25 -8.45 11.23 -9.86
CA LEU A 25 -7.71 9.98 -9.87
C LEU A 25 -6.67 9.95 -8.75
N GLY A 26 -6.05 11.10 -8.49
CA GLY A 26 -5.15 11.23 -7.37
C GLY A 26 -5.87 11.01 -6.04
N ARG A 27 -7.08 11.54 -5.93
CA ARG A 27 -7.88 11.31 -4.74
C ARG A 27 -8.38 9.87 -4.62
N ALA A 28 -8.40 9.14 -5.75
CA ALA A 28 -8.80 7.73 -5.78
C ALA A 28 -7.60 6.77 -5.64
N ARG A 29 -6.46 7.32 -5.23
CA ARG A 29 -5.23 6.56 -4.95
C ARG A 29 -4.60 5.83 -6.15
N LYS A 30 -4.78 6.40 -7.34
CA LYS A 30 -4.19 5.79 -8.53
C LYS A 30 -2.84 6.42 -8.85
N GLN A 31 -1.93 5.64 -9.42
CA GLN A 31 -0.62 6.17 -9.82
C GLN A 31 -0.70 6.91 -11.16
N ILE A 32 -0.43 8.20 -11.13
CA ILE A 32 -0.65 9.05 -12.31
C ILE A 32 0.60 9.78 -12.78
N ALA A 33 0.93 9.62 -14.05
CA ALA A 33 1.95 10.45 -14.67
C ALA A 33 1.26 11.53 -15.53
N LEU A 34 1.34 12.78 -15.07
CA LEU A 34 0.76 13.94 -15.78
C LEU A 34 1.81 14.66 -16.62
N PHE A 35 1.51 14.84 -17.91
CA PHE A 35 2.45 15.48 -18.84
C PHE A 35 1.91 16.78 -19.40
N ASP A 36 2.72 17.84 -19.35
CA ASP A 36 2.40 19.10 -20.04
C ASP A 36 3.64 19.74 -20.63
N ASN A 37 3.47 20.48 -21.72
CA ASN A 37 4.60 21.15 -22.36
C ASN A 37 4.29 22.61 -22.71
N ASN A 38 3.25 23.16 -22.08
CA ASN A 38 2.94 24.58 -22.18
C ASN A 38 2.65 25.10 -23.58
N THR A 39 1.98 24.28 -24.40
CA THR A 39 1.55 24.70 -25.72
C THR A 39 0.02 24.77 -25.79
N ASN A 40 -0.60 25.07 -24.65
CA ASN A 40 -2.05 25.28 -24.59
C ASN A 40 -2.48 26.49 -25.40
N ARG A 41 -3.56 26.32 -26.17
CA ARG A 41 -3.93 27.34 -27.15
C ARG A 41 -4.38 28.66 -26.53
N ASN A 42 -4.93 28.64 -25.32
CA ASN A 42 -5.39 29.86 -24.65
C ASN A 42 -4.32 30.66 -23.89
N ARG A 43 -3.05 30.35 -24.12
CA ARG A 43 -1.99 31.12 -23.46
C ARG A 43 -1.72 32.42 -24.20
N VAL A 44 -2.39 32.59 -25.35
CA VAL A 44 -2.25 33.79 -26.16
C VAL A 44 -3.29 34.86 -25.81
N THR A 45 -4.10 34.59 -24.79
CA THR A 45 -5.13 35.52 -24.34
C THR A 45 -4.83 36.07 -22.94
N GLN A 46 -5.31 37.28 -22.67
CA GLN A 46 -5.01 37.98 -21.42
C GLN A 46 -5.77 37.45 -20.20
N ASN A 47 -7.05 37.20 -20.37
N ASN A 47 -7.04 37.16 -20.42
CA ASN A 47 -7.86 36.69 -19.27
CA ASN A 47 -7.96 36.79 -19.36
C ASN A 47 -8.82 35.61 -19.73
C ASN A 47 -8.80 35.57 -19.73
N SER A 48 -9.59 35.08 -18.79
CA SER A 48 -10.53 34.02 -19.08
C SER A 48 -11.75 34.22 -18.20
N HIS A 49 -12.94 33.97 -18.76
CA HIS A 49 -14.18 34.16 -18.04
C HIS A 49 -15.13 32.98 -18.25
N GLY A 50 -16.13 32.83 -17.39
CA GLY A 50 -17.15 31.81 -17.61
C GLY A 50 -16.97 30.54 -16.79
N PHE A 51 -15.80 30.41 -16.19
CA PHE A 51 -15.51 29.39 -15.21
C PHE A 51 -15.90 29.93 -13.84
N ILE A 52 -17.06 29.51 -13.33
CA ILE A 52 -17.57 29.98 -12.03
C ILE A 52 -16.56 29.89 -10.86
N THR A 53 -16.47 30.98 -10.11
CA THR A 53 -15.50 31.23 -9.02
C THR A 53 -14.09 31.58 -9.53
N ARG A 54 -13.87 31.49 -10.83
CA ARG A 54 -12.61 31.91 -11.46
C ARG A 54 -12.85 32.91 -12.61
N ASP A 55 -14.03 33.53 -12.64
CA ASP A 55 -14.38 34.48 -13.69
C ASP A 55 -13.45 35.69 -13.67
N GLY A 56 -12.51 35.72 -14.60
CA GLY A 56 -11.55 36.80 -14.69
C GLY A 56 -10.11 36.43 -14.39
N ILE A 57 -9.81 35.14 -14.38
CA ILE A 57 -8.47 34.67 -14.02
C ILE A 57 -7.56 34.61 -15.25
N LYS A 58 -6.28 34.86 -15.03
CA LYS A 58 -5.30 34.74 -16.10
C LYS A 58 -5.03 33.26 -16.40
N PRO A 59 -5.02 32.89 -17.69
CA PRO A 59 -4.88 31.50 -18.14
C PRO A 59 -3.67 30.76 -17.56
N GLU A 60 -2.60 31.46 -17.24
CA GLU A 60 -1.42 30.82 -16.66
C GLU A 60 -1.54 30.68 -15.14
N GLU A 61 -2.34 31.55 -14.54
CA GLU A 61 -2.64 31.43 -13.10
C GLU A 61 -3.55 30.23 -12.80
N PHE A 62 -4.55 30.01 -13.66
CA PHE A 62 -5.44 28.86 -13.56
C PHE A 62 -4.66 27.55 -13.58
N LYS A 63 -3.91 27.38 -14.66
CA LYS A 63 -2.96 26.28 -14.84
C LYS A 63 -2.15 26.04 -13.58
N GLU A 64 -1.56 27.10 -13.02
CA GLU A 64 -0.69 26.94 -11.86
C GLU A 64 -1.41 26.55 -10.58
N ILE A 65 -2.60 27.12 -10.35
CA ILE A 65 -3.34 26.80 -9.13
C ILE A 65 -3.81 25.35 -9.16
N GLY A 66 -4.39 24.94 -10.28
CA GLY A 66 -4.80 23.56 -10.47
C GLY A 66 -3.67 22.55 -10.39
N LEU A 67 -2.53 22.87 -10.99
CA LEU A 67 -1.35 22.01 -11.00
C LEU A 67 -0.85 21.77 -9.59
N ASN A 68 -1.12 22.72 -8.71
CA ASN A 68 -0.64 22.58 -7.35
C ASN A 68 -1.57 21.82 -6.43
N GLU A 69 -2.86 21.89 -6.72
CA GLU A 69 -3.84 21.15 -5.93
C GLU A 69 -3.59 19.67 -6.21
N VAL A 70 -3.37 19.38 -7.48
CA VAL A 70 -3.11 18.03 -7.96
C VAL A 70 -1.89 17.43 -7.25
N MSE A 71 -0.86 18.23 -7.06
CA MSE A 71 0.36 17.73 -6.44
C MSE A 71 0.31 17.63 -4.91
O MSE A 71 1.33 17.34 -4.27
CB MSE A 71 1.57 18.55 -6.90
CG MSE A 71 1.83 18.49 -8.40
SE MSE A 71 3.71 18.72 -8.87
CE MSE A 71 4.34 16.88 -8.51
N LYS A 72 -0.85 17.86 -4.31
CA LYS A 72 -1.02 17.56 -2.90
C LYS A 72 -1.06 16.03 -2.73
N TYR A 73 -1.60 15.37 -3.74
CA TYR A 73 -1.81 13.93 -3.73
C TYR A 73 -0.57 13.16 -4.17
N PRO A 74 -0.02 12.35 -3.25
CA PRO A 74 1.31 11.75 -3.36
C PRO A 74 1.50 10.80 -4.56
N SER A 75 0.41 10.35 -5.15
CA SER A 75 0.48 9.40 -6.25
C SER A 75 0.49 10.05 -7.65
N VAL A 76 0.31 11.37 -7.70
CA VAL A 76 0.32 12.09 -8.97
C VAL A 76 1.68 12.72 -9.24
N HIS A 77 2.33 12.31 -10.32
CA HIS A 77 3.66 12.83 -10.63
C HIS A 77 3.66 13.67 -11.90
N TYR A 78 4.34 14.82 -11.85
CA TYR A 78 4.27 15.78 -12.94
C TYR A 78 5.56 15.87 -13.76
N TYR A 79 5.43 15.87 -15.08
CA TYR A 79 6.59 16.03 -15.95
C TYR A 79 6.35 17.13 -16.99
N GLU A 80 7.10 18.22 -16.91
CA GLU A 80 7.00 19.28 -17.91
C GLU A 80 7.80 18.85 -19.13
N LYS A 81 7.19 18.03 -19.97
CA LYS A 81 7.90 17.34 -21.05
C LYS A 81 7.00 17.19 -22.28
N THR A 82 7.59 17.32 -23.47
CA THR A 82 6.85 17.12 -24.70
C THR A 82 6.79 15.64 -25.05
N VAL A 83 5.60 15.06 -24.95
CA VAL A 83 5.39 13.66 -25.36
C VAL A 83 5.33 13.61 -26.88
N VAL A 84 6.15 12.75 -27.47
CA VAL A 84 6.23 12.68 -28.93
C VAL A 84 5.75 11.33 -29.48
N MSE A 85 5.63 10.33 -28.61
CA MSE A 85 5.24 9.00 -29.04
C MSE A 85 4.49 8.26 -27.95
O MSE A 85 4.85 8.32 -26.78
CB MSE A 85 6.48 8.20 -29.44
CG MSE A 85 6.21 6.88 -30.11
SE MSE A 85 7.44 6.61 -31.59
CE MSE A 85 9.05 7.37 -30.77
N ILE A 86 3.42 7.55 -28.33
CA ILE A 86 2.70 6.66 -27.41
C ILE A 86 2.40 5.34 -28.12
N THR A 87 2.92 4.25 -27.57
CA THR A 87 2.93 2.96 -28.29
C THR A 87 2.50 1.79 -27.42
N LYS A 88 1.48 1.06 -27.88
CA LYS A 88 1.05 -0.17 -27.20
C LYS A 88 2.09 -1.26 -27.41
N GLN A 89 2.71 -1.71 -26.32
CA GLN A 89 3.72 -2.75 -26.38
C GLN A 89 3.12 -4.14 -26.55
N SER A 90 3.99 -5.12 -26.82
CA SER A 90 3.62 -6.52 -26.79
C SER A 90 3.25 -6.95 -25.36
N THR A 91 3.61 -6.12 -24.39
CA THR A 91 3.32 -6.36 -22.98
C THR A 91 1.95 -5.82 -22.54
N GLY A 92 1.26 -5.14 -23.44
CA GLY A 92 -0.04 -4.59 -23.13
C GLY A 92 0.02 -3.16 -22.66
N LEU A 93 1.12 -2.82 -21.98
CA LEU A 93 1.32 -1.45 -21.49
C LEU A 93 1.57 -0.51 -22.66
N PHE A 94 1.23 0.76 -22.46
CA PHE A 94 1.56 1.79 -23.43
C PHE A 94 2.88 2.44 -23.03
N GLU A 95 3.73 2.69 -24.02
CA GLU A 95 5.00 3.34 -23.78
C GLU A 95 4.94 4.81 -24.22
N ILE A 96 5.08 5.70 -23.25
CA ILE A 96 5.12 7.14 -23.51
C ILE A 96 6.58 7.53 -23.66
N VAL A 97 6.91 8.23 -24.74
CA VAL A 97 8.27 8.71 -24.96
C VAL A 97 8.23 10.24 -25.09
N THR A 98 9.23 10.91 -24.53
CA THR A 98 9.28 12.38 -24.57
C THR A 98 10.36 12.90 -25.50
N LYS A 99 10.41 14.23 -25.66
CA LYS A 99 11.36 14.89 -26.53
C LYS A 99 12.81 14.57 -26.14
N ASP A 100 13.05 14.46 -24.83
CA ASP A 100 14.37 14.14 -24.29
C ASP A 100 14.63 12.64 -24.20
N HIS A 101 13.87 11.86 -24.97
CA HIS A 101 14.03 10.41 -25.06
C HIS A 101 13.74 9.60 -23.78
N THR A 102 13.09 10.23 -22.80
CA THR A 102 12.69 9.52 -21.59
C THR A 102 11.47 8.63 -21.87
N LYS A 103 11.47 7.41 -21.33
CA LYS A 103 10.41 6.44 -21.58
C LYS A 103 9.56 6.13 -20.33
N TYR A 104 8.26 6.02 -20.52
CA TYR A 104 7.34 5.75 -19.43
C TYR A 104 6.36 4.65 -19.85
N LEU A 105 6.09 3.69 -18.97
CA LEU A 105 5.13 2.63 -19.30
C LEU A 105 3.87 2.80 -18.47
N ALA A 106 2.71 2.73 -19.14
CA ALA A 106 1.43 2.96 -18.48
C ALA A 106 0.37 1.91 -18.86
N GLU A 107 -0.45 1.53 -17.89
CA GLU A 107 -1.55 0.58 -18.14
C GLU A 107 -2.69 1.27 -18.87
N ARG A 108 -2.88 2.54 -18.57
CA ARG A 108 -3.89 3.32 -19.26
C ARG A 108 -3.35 4.69 -19.69
N VAL A 109 -3.92 5.22 -20.76
CA VAL A 109 -3.60 6.55 -21.24
C VAL A 109 -4.87 7.40 -21.34
N LEU A 110 -4.85 8.58 -20.72
CA LEU A 110 -5.88 9.59 -20.94
C LEU A 110 -5.32 10.74 -21.76
N LEU A 111 -5.79 10.88 -23.01
CA LEU A 111 -5.37 11.97 -23.90
C LEU A 111 -6.20 13.23 -23.61
N ALA A 112 -5.55 14.29 -23.14
CA ALA A 112 -6.24 15.57 -22.87
C ALA A 112 -5.40 16.72 -23.40
N THR A 113 -5.09 16.63 -24.69
CA THR A 113 -4.09 17.47 -25.31
C THR A 113 -4.71 18.68 -26.00
N GLY A 114 -6.03 18.74 -26.01
CA GLY A 114 -6.73 19.89 -26.56
C GLY A 114 -6.60 19.97 -28.06
N MSE A 115 -6.71 21.18 -28.59
N MSE A 115 -6.76 21.18 -28.58
CA MSE A 115 -6.50 21.35 -30.01
CA MSE A 115 -6.68 21.41 -30.01
C MSE A 115 -5.77 22.64 -30.30
C MSE A 115 -5.80 22.62 -30.31
O MSE A 115 -5.35 23.35 -29.39
O MSE A 115 -5.30 23.27 -29.38
CB MSE A 115 -7.83 21.30 -30.76
CB MSE A 115 -8.08 21.64 -30.60
CG MSE A 115 -8.95 22.15 -30.19
CG MSE A 115 -9.11 20.56 -30.28
SE MSE A 115 -10.61 21.69 -31.10
SE MSE A 115 -8.91 18.89 -31.30
CE MSE A 115 -9.90 20.20 -32.17
CE MSE A 115 -9.27 19.54 -33.10
N GLN A 116 -5.64 22.92 -31.59
CA GLN A 116 -4.85 24.04 -32.05
C GLN A 116 -5.59 24.72 -33.21
N GLU A 117 -5.45 26.04 -33.30
CA GLU A 117 -6.10 26.80 -34.36
C GLU A 117 -5.34 26.75 -35.69
N GLU A 118 -6.08 26.53 -36.77
CA GLU A 118 -5.56 26.79 -38.12
C GLU A 118 -6.25 28.03 -38.69
N PHE A 119 -5.45 29.02 -39.07
CA PHE A 119 -5.99 30.33 -39.42
C PHE A 119 -6.25 30.54 -40.89
N PRO A 120 -7.25 31.39 -41.20
CA PRO A 120 -7.49 31.86 -42.57
C PRO A 120 -6.21 32.47 -43.12
N SER A 121 -5.98 32.30 -44.42
CA SER A 121 -4.77 32.79 -45.05
C SER A 121 -4.74 34.31 -45.06
N ILE A 122 -4.55 34.88 -43.87
CA ILE A 122 -4.46 36.31 -43.69
C ILE A 122 -3.15 36.58 -43.01
N PRO A 123 -2.37 37.50 -43.57
CA PRO A 123 -1.06 37.79 -42.98
C PRO A 123 -1.22 38.48 -41.63
N ASN A 124 -0.31 38.19 -40.70
CA ASN A 124 -0.23 38.88 -39.41
C ASN A 124 -1.40 38.58 -38.46
N VAL A 125 -2.27 37.65 -38.85
CA VAL A 125 -3.46 37.33 -38.07
C VAL A 125 -3.15 36.87 -36.64
N ARG A 126 -2.05 36.14 -36.46
CA ARG A 126 -1.74 35.55 -35.15
C ARG A 126 -1.44 36.58 -34.05
N GLU A 127 -1.01 37.77 -34.43
CA GLU A 127 -0.69 38.80 -33.44
C GLU A 127 -1.95 39.39 -32.82
N TYR A 128 -3.01 39.44 -33.62
CA TYR A 128 -4.27 39.99 -33.17
C TYR A 128 -5.06 38.98 -32.33
N TYR A 129 -4.82 37.69 -32.59
CA TYR A 129 -5.56 36.62 -31.94
C TYR A 129 -5.25 36.47 -30.47
N GLY A 130 -6.16 37.00 -29.65
CA GLY A 130 -6.02 36.91 -28.20
C GLY A 130 -6.09 38.26 -27.55
N LYS A 131 -5.89 39.31 -28.35
CA LYS A 131 -5.96 40.69 -27.88
C LYS A 131 -7.19 41.41 -28.42
N SER A 132 -7.38 41.38 -29.74
CA SER A 132 -8.50 42.07 -30.37
C SER A 132 -9.31 41.16 -31.30
N LEU A 133 -8.76 40.01 -31.66
CA LEU A 133 -9.51 39.05 -32.45
C LEU A 133 -9.68 37.77 -31.66
N PHE A 134 -10.91 37.25 -31.63
CA PHE A 134 -11.22 36.05 -30.87
C PHE A 134 -12.06 35.07 -31.68
N SER A 135 -12.37 33.93 -31.09
CA SER A 135 -13.04 32.89 -31.83
C SER A 135 -14.31 32.41 -31.15
N CYS A 136 -14.45 32.70 -29.85
CA CYS A 136 -15.68 32.38 -29.16
C CYS A 136 -16.32 33.59 -28.47
N PRO A 137 -17.48 34.01 -28.98
CA PRO A 137 -18.24 35.14 -28.43
C PRO A 137 -18.81 34.89 -27.02
N TYR A 138 -19.14 33.66 -26.66
CA TYR A 138 -19.52 33.38 -25.29
C TYR A 138 -18.38 33.65 -24.30
N CYS A 139 -17.15 33.68 -24.80
CA CYS A 139 -15.96 33.86 -23.95
C CYS A 139 -15.47 35.32 -23.89
N ASP A 140 -15.43 35.98 -25.05
CA ASP A 140 -14.76 37.27 -25.17
C ASP A 140 -15.64 38.38 -25.74
N GLY A 141 -16.94 38.09 -25.86
CA GLY A 141 -17.89 39.07 -26.38
C GLY A 141 -18.06 40.27 -25.49
N TRP A 142 -18.34 40.02 -24.21
CA TRP A 142 -18.55 41.07 -23.20
C TRP A 142 -17.51 42.20 -23.26
N GLU A 143 -16.25 41.82 -23.45
CA GLU A 143 -15.16 42.80 -23.47
C GLU A 143 -15.14 43.62 -24.76
N LEU A 144 -15.86 43.14 -25.76
CA LEU A 144 -15.87 43.75 -27.09
C LEU A 144 -17.20 44.45 -27.36
N LYS A 145 -18.11 44.39 -26.38
CA LYS A 145 -19.49 44.83 -26.60
C LYS A 145 -19.63 46.26 -27.12
N ASP A 146 -20.60 46.44 -28.01
CA ASP A 146 -20.97 47.74 -28.59
C ASP A 146 -19.88 48.41 -29.43
N GLN A 147 -18.80 47.70 -29.69
CA GLN A 147 -17.72 48.24 -30.52
C GLN A 147 -17.91 47.90 -31.99
N PRO A 148 -17.33 48.70 -32.90
CA PRO A 148 -17.34 48.35 -34.33
C PRO A 148 -16.53 47.08 -34.57
N LEU A 149 -17.18 45.98 -34.94
CA LEU A 149 -16.50 44.66 -35.04
C LEU A 149 -16.48 44.08 -36.45
N ILE A 150 -15.54 43.17 -36.68
CA ILE A 150 -15.50 42.40 -37.92
C ILE A 150 -15.61 40.89 -37.67
N ILE A 151 -16.29 40.19 -38.57
CA ILE A 151 -16.32 38.73 -38.53
C ILE A 151 -15.55 38.24 -39.75
N ILE A 152 -14.48 37.50 -39.51
CA ILE A 152 -13.77 36.92 -40.64
C ILE A 152 -14.17 35.46 -40.72
N SER A 153 -14.93 35.11 -41.77
CA SER A 153 -15.45 33.76 -41.92
C SER A 153 -15.41 33.33 -43.38
N GLU A 154 -14.56 32.35 -43.68
CA GLU A 154 -14.36 31.89 -45.05
C GLU A 154 -15.49 30.97 -45.51
N ASN A 155 -15.78 29.93 -44.73
CA ASN A 155 -16.83 28.97 -45.06
C ASN A 155 -18.23 29.51 -44.81
N GLU A 156 -19.12 29.38 -45.79
CA GLU A 156 -20.43 30.01 -45.76
C GLU A 156 -21.36 29.62 -44.59
N ASP A 157 -21.58 28.32 -44.40
CA ASP A 157 -22.55 27.86 -43.39
C ASP A 157 -22.18 28.29 -41.97
N HIS A 158 -20.90 28.61 -41.77
CA HIS A 158 -20.43 29.09 -40.49
C HIS A 158 -20.82 30.55 -40.30
N THR A 159 -20.67 31.32 -41.37
CA THR A 159 -20.85 32.77 -41.33
C THR A 159 -22.18 33.19 -40.73
N LEU A 160 -23.26 32.59 -41.23
CA LEU A 160 -24.61 32.96 -40.83
C LEU A 160 -24.82 32.79 -39.32
N HIS A 161 -24.51 31.59 -38.84
CA HIS A 161 -24.61 31.29 -37.41
C HIS A 161 -23.72 32.20 -36.57
N MSE A 162 -22.44 32.23 -36.91
CA MSE A 162 -21.46 33.09 -36.25
C MSE A 162 -21.95 34.53 -36.14
O MSE A 162 -21.82 35.15 -35.08
CB MSE A 162 -20.13 33.03 -37.00
CG MSE A 162 -18.96 33.68 -36.26
SE MSE A 162 -18.84 33.07 -34.39
CE MSE A 162 -17.14 33.88 -33.88
N THR A 163 -22.49 35.07 -37.22
CA THR A 163 -23.00 36.43 -37.19
C THR A 163 -24.13 36.61 -36.19
N LYS A 164 -25.18 35.78 -36.29
CA LYS A 164 -26.35 35.90 -35.42
C LYS A 164 -25.94 35.90 -33.96
N LEU A 165 -24.98 35.04 -33.64
CA LEU A 165 -24.43 34.94 -32.29
C LEU A 165 -23.64 36.18 -31.88
N VAL A 166 -22.74 36.64 -32.74
CA VAL A 166 -21.92 37.80 -32.45
C VAL A 166 -22.77 39.05 -32.24
N TYR A 167 -23.83 39.17 -33.03
CA TYR A 167 -24.78 40.27 -32.95
C TYR A 167 -25.36 40.49 -31.53
N ASN A 168 -25.23 39.47 -30.66
CA ASN A 168 -25.63 39.63 -29.26
C ASN A 168 -24.84 40.72 -28.54
N TRP A 169 -23.57 40.85 -28.88
CA TRP A 169 -22.70 41.76 -28.15
C TRP A 169 -22.59 43.11 -28.84
N SER A 170 -22.71 43.12 -30.17
CA SER A 170 -22.67 44.37 -30.93
C SER A 170 -23.47 44.29 -32.23
N THR A 171 -24.25 45.34 -32.49
CA THR A 171 -25.06 45.41 -33.70
C THR A 171 -24.31 46.12 -34.84
N ASP A 172 -23.06 46.49 -34.58
CA ASP A 172 -22.24 47.15 -35.59
C ASP A 172 -21.22 46.18 -36.19
N LEU A 173 -21.63 45.43 -37.21
CA LEU A 173 -20.81 44.35 -37.74
C LEU A 173 -20.51 44.48 -39.24
N VAL A 174 -19.28 44.12 -39.62
CA VAL A 174 -18.92 43.90 -41.02
C VAL A 174 -18.47 42.45 -41.17
N ILE A 175 -19.08 41.71 -42.09
CA ILE A 175 -18.64 40.34 -42.33
C ILE A 175 -17.64 40.34 -43.46
N ALA A 176 -16.53 39.65 -43.27
CA ALA A 176 -15.50 39.53 -44.30
C ALA A 176 -15.21 38.06 -44.58
N THR A 177 -15.42 37.65 -45.84
CA THR A 177 -15.28 36.25 -46.24
C THR A 177 -13.86 35.93 -46.71
N ASN A 178 -13.05 36.97 -46.87
CA ASN A 178 -11.65 36.84 -47.28
C ASN A 178 -11.44 36.05 -48.57
N GLY A 179 -12.26 36.33 -49.58
CA GLY A 179 -12.04 35.75 -50.89
C GLY A 179 -12.97 34.60 -51.21
N ASN A 180 -14.09 34.53 -50.51
CA ASN A 180 -15.05 33.46 -50.76
C ASN A 180 -16.46 33.95 -51.01
N GLU A 181 -17.20 33.19 -51.82
CA GLU A 181 -18.56 33.54 -52.15
C GLU A 181 -19.47 33.36 -50.94
N LEU A 182 -20.55 34.12 -50.90
CA LEU A 182 -21.58 33.99 -49.89
C LEU A 182 -22.94 34.07 -50.59
N SER A 183 -23.81 33.09 -50.33
CA SER A 183 -25.11 33.01 -50.99
C SER A 183 -25.85 34.34 -50.93
N GLN A 184 -26.54 34.68 -52.01
CA GLN A 184 -27.42 35.83 -52.03
C GLN A 184 -28.36 35.76 -50.83
N THR A 185 -28.74 34.54 -50.47
CA THR A 185 -29.56 34.31 -49.29
C THR A 185 -28.93 34.94 -48.05
N ILE A 186 -27.71 34.53 -47.75
CA ILE A 186 -27.04 35.05 -46.55
C ILE A 186 -26.77 36.55 -46.67
N MSE A 187 -26.38 36.97 -47.86
CA MSE A 187 -26.10 38.38 -48.10
C MSE A 187 -27.31 39.28 -47.81
O MSE A 187 -27.18 40.32 -47.16
CB MSE A 187 -25.63 38.60 -49.53
CG MSE A 187 -24.36 37.86 -49.90
SE MSE A 187 -23.44 38.61 -51.43
CE MSE A 187 -24.97 39.10 -52.57
N ASP A 188 -28.49 38.87 -48.28
CA ASP A 188 -29.71 39.64 -48.11
C ASP A 188 -30.21 39.67 -46.68
N GLU A 189 -30.04 38.55 -45.98
CA GLU A 189 -30.49 38.47 -44.60
C GLU A 189 -29.63 39.33 -43.69
N LEU A 190 -28.32 39.28 -43.87
CA LEU A 190 -27.43 40.15 -43.11
C LEU A 190 -27.67 41.63 -43.46
N SER A 191 -27.69 41.96 -44.75
CA SER A 191 -27.86 43.34 -45.20
C SER A 191 -29.19 43.92 -44.75
N ASN A 192 -30.15 43.05 -44.48
CA ASN A 192 -31.45 43.44 -43.95
C ASN A 192 -31.33 43.84 -42.47
N LYS A 193 -30.17 43.57 -41.88
CA LYS A 193 -29.87 43.94 -40.50
C LYS A 193 -28.82 45.05 -40.43
N ASN A 194 -28.64 45.73 -41.56
CA ASN A 194 -27.66 46.82 -41.67
C ASN A 194 -26.23 46.31 -41.44
N ILE A 195 -26.02 45.05 -41.80
CA ILE A 195 -24.72 44.40 -41.72
C ILE A 195 -24.18 44.17 -43.13
N PRO A 196 -23.11 44.90 -43.49
CA PRO A 196 -22.49 44.77 -44.82
C PRO A 196 -21.58 43.54 -44.93
N VAL A 197 -21.32 43.09 -46.16
CA VAL A 197 -20.46 41.94 -46.40
C VAL A 197 -19.38 42.25 -47.45
N ILE A 198 -18.13 41.95 -47.11
CA ILE A 198 -17.05 42.12 -48.07
C ILE A 198 -16.54 40.75 -48.49
N THR A 199 -16.63 40.49 -49.78
CA THR A 199 -16.26 39.18 -50.30
C THR A 199 -14.82 39.19 -50.83
N GLU A 200 -14.25 40.39 -50.97
CA GLU A 200 -12.86 40.54 -51.38
C GLU A 200 -11.93 39.88 -50.37
N SER A 201 -10.78 39.44 -50.85
CA SER A 201 -9.75 38.92 -49.97
C SER A 201 -9.09 40.05 -49.17
N ILE A 202 -8.82 39.78 -47.90
CA ILE A 202 -8.13 40.73 -47.03
C ILE A 202 -6.64 40.82 -47.38
N ARG A 203 -6.13 42.04 -47.49
CA ARG A 203 -4.72 42.20 -47.80
C ARG A 203 -3.90 42.57 -46.56
N THR A 204 -4.54 43.22 -45.60
CA THR A 204 -3.81 43.83 -44.50
C THR A 204 -4.68 44.11 -43.25
N LEU A 205 -4.06 43.97 -42.08
CA LEU A 205 -4.66 44.41 -40.83
C LEU A 205 -3.81 45.55 -40.27
N GLN A 206 -4.44 46.55 -39.68
CA GLN A 206 -3.69 47.71 -39.17
C GLN A 206 -3.96 47.96 -37.69
N GLY A 207 -2.94 48.44 -36.99
CA GLY A 207 -3.06 48.73 -35.56
C GLY A 207 -1.96 48.01 -34.81
N GLU A 208 -1.12 48.77 -34.12
CA GLU A 208 0.07 48.22 -33.49
C GLU A 208 -0.22 47.18 -32.40
N GLY A 209 0.54 46.09 -32.45
CA GLY A 209 0.56 45.11 -31.36
C GLY A 209 -0.67 44.27 -31.13
N GLY A 210 -1.28 43.79 -32.21
CA GLY A 210 -2.43 42.92 -32.11
C GLY A 210 -3.73 43.63 -31.80
N TYR A 211 -3.71 44.96 -31.80
CA TYR A 211 -4.93 45.74 -31.58
C TYR A 211 -5.43 46.38 -32.86
N LEU A 212 -6.53 45.85 -33.37
CA LEU A 212 -7.07 46.21 -34.67
C LEU A 212 -7.57 47.65 -34.75
N LYS A 213 -7.28 48.31 -35.87
CA LYS A 213 -7.75 49.67 -36.14
C LYS A 213 -8.48 49.73 -37.50
N LYS A 214 -7.81 49.27 -38.54
CA LYS A 214 -8.41 49.25 -39.88
C LYS A 214 -8.18 47.92 -40.57
N VAL A 215 -8.99 47.61 -41.58
CA VAL A 215 -8.76 46.45 -42.41
C VAL A 215 -8.71 46.86 -43.88
N GLU A 216 -7.61 46.52 -44.56
CA GLU A 216 -7.42 46.85 -45.98
C GLU A 216 -7.65 45.61 -46.84
N PHE A 217 -8.54 45.74 -47.82
CA PHE A 217 -8.84 44.62 -48.70
C PHE A 217 -8.00 44.66 -49.98
N HIS A 218 -8.15 43.67 -50.85
CA HIS A 218 -7.31 43.58 -52.05
C HIS A 218 -7.65 44.68 -53.05
N SER A 219 -8.94 45.05 -53.08
CA SER A 219 -9.43 46.12 -53.92
C SER A 219 -8.79 47.46 -53.56
N GLY A 220 -8.37 47.61 -52.31
CA GLY A 220 -7.79 48.85 -51.84
C GLY A 220 -8.61 49.44 -50.71
N LEU A 221 -9.88 49.04 -50.63
CA LEU A 221 -10.82 49.55 -49.64
C LEU A 221 -10.38 49.43 -48.18
N ARG A 222 -10.64 50.46 -47.40
CA ARG A 222 -10.29 50.49 -45.99
C ARG A 222 -11.50 50.83 -45.12
N ILE A 223 -11.79 49.98 -44.15
CA ILE A 223 -12.81 50.27 -43.14
C ILE A 223 -12.14 50.36 -41.76
N GLU A 224 -12.90 50.78 -40.75
CA GLU A 224 -12.32 51.04 -39.43
C GLU A 224 -12.95 50.20 -38.34
N ARG A 225 -12.41 49.01 -38.11
CA ARG A 225 -12.91 48.11 -37.07
C ARG A 225 -12.00 48.10 -35.85
N ALA A 226 -12.57 47.86 -34.66
CA ALA A 226 -11.78 47.82 -33.43
C ALA A 226 -11.36 46.40 -33.00
N GLY A 227 -11.93 45.39 -33.64
CA GLY A 227 -11.63 44.01 -33.32
C GLY A 227 -12.72 43.10 -33.86
N GLY A 228 -12.89 41.96 -33.26
CA GLY A 228 -13.95 41.08 -33.71
C GLY A 228 -13.63 39.61 -33.59
N PHE A 229 -14.08 38.85 -34.58
CA PHE A 229 -14.10 37.42 -34.44
C PHE A 229 -13.61 36.71 -35.68
N ILE A 230 -12.78 35.69 -35.47
CA ILE A 230 -12.30 34.84 -36.55
C ILE A 230 -12.82 33.43 -36.32
N VAL A 231 -13.23 32.78 -37.41
CA VAL A 231 -13.60 31.38 -37.37
C VAL A 231 -12.44 30.54 -37.88
N PRO A 232 -11.71 29.87 -36.97
CA PRO A 232 -10.63 28.99 -37.40
C PRO A 232 -11.13 27.59 -37.68
N THR A 233 -10.29 26.77 -38.31
CA THR A 233 -10.51 25.34 -38.29
C THR A 233 -9.53 24.78 -37.24
N PHE A 234 -9.95 23.76 -36.51
CA PHE A 234 -9.06 23.19 -35.49
C PHE A 234 -8.49 21.84 -35.90
N PHE A 235 -7.28 21.59 -35.44
CA PHE A 235 -6.65 20.30 -35.65
C PHE A 235 -6.01 19.85 -34.34
N ARG A 236 -5.74 18.55 -34.23
CA ARG A 236 -4.98 18.05 -33.10
C ARG A 236 -3.49 18.22 -33.40
N PRO A 237 -2.76 18.85 -32.46
CA PRO A 237 -1.32 19.10 -32.65
C PRO A 237 -0.49 17.80 -32.67
N ASN A 238 -0.97 16.77 -31.98
CA ASN A 238 -0.32 15.48 -31.97
C ASN A 238 -1.08 14.49 -32.83
N GLN A 239 -0.44 13.38 -33.13
CA GLN A 239 -1.12 12.30 -33.84
C GLN A 239 -1.18 11.08 -32.94
N PHE A 240 -1.73 11.25 -31.74
CA PHE A 240 -1.76 10.18 -30.74
C PHE A 240 -2.94 9.27 -30.95
N ILE A 241 -4.12 9.86 -31.17
CA ILE A 241 -5.30 9.08 -31.51
C ILE A 241 -5.00 8.16 -32.71
N GLU A 242 -4.31 8.71 -33.71
CA GLU A 242 -3.89 7.96 -34.88
C GLU A 242 -2.87 6.87 -34.55
N GLN A 243 -1.89 7.20 -33.72
CA GLN A 243 -0.85 6.24 -33.33
C GLN A 243 -1.40 5.04 -32.59
N LEU A 244 -2.48 5.26 -31.84
CA LEU A 244 -3.02 4.22 -30.96
C LEU A 244 -4.19 3.47 -31.58
N GLY A 245 -4.51 3.81 -32.84
CA GLY A 245 -5.56 3.13 -33.57
C GLY A 245 -6.99 3.29 -33.09
N CYS A 246 -7.36 4.46 -32.56
CA CYS A 246 -8.75 4.72 -32.18
C CYS A 246 -9.60 4.89 -33.45
N GLU A 247 -10.76 4.25 -33.51
CA GLU A 247 -11.64 4.37 -34.67
C GLU A 247 -12.63 5.55 -34.54
N LEU A 248 -12.84 6.27 -35.63
CA LEU A 248 -13.82 7.36 -35.71
C LEU A 248 -15.24 6.79 -35.71
N GLN A 249 -16.17 7.42 -34.98
CA GLN A 249 -17.52 6.83 -34.78
C GLN A 249 -18.61 7.39 -35.69
N SER A 250 -19.79 6.78 -35.63
CA SER A 250 -20.93 7.14 -36.46
C SER A 250 -21.45 8.54 -36.18
N ASN A 251 -20.90 9.18 -35.15
CA ASN A 251 -21.26 10.54 -34.75
C ASN A 251 -20.17 11.56 -35.03
N GLY A 252 -19.15 11.16 -35.78
CA GLY A 252 -18.05 12.05 -36.15
C GLY A 252 -16.94 12.20 -35.13
N THR A 253 -17.04 11.50 -33.99
CA THR A 253 -16.04 11.63 -32.93
C THR A 253 -15.26 10.35 -32.68
N PHE A 254 -14.31 10.42 -31.77
CA PHE A 254 -13.48 9.27 -31.43
C PHE A 254 -13.91 8.64 -30.10
N VAL A 255 -14.94 9.20 -29.51
CA VAL A 255 -15.42 8.80 -28.19
C VAL A 255 -16.69 7.92 -28.29
N ILE A 256 -16.79 6.88 -27.44
CA ILE A 256 -17.85 5.86 -27.56
C ILE A 256 -18.97 5.93 -26.51
N ASP A 257 -18.74 6.68 -25.44
CA ASP A 257 -19.78 6.96 -24.45
C ASP A 257 -19.56 8.37 -23.93
N ASP A 258 -20.35 8.79 -22.95
CA ASP A 258 -20.19 10.12 -22.37
C ASP A 258 -19.08 10.18 -21.31
N PHE A 259 -18.10 9.28 -21.36
CA PHE A 259 -17.06 9.25 -20.32
C PHE A 259 -15.66 9.26 -20.88
N GLY A 260 -15.55 9.42 -22.18
CA GLY A 260 -14.23 9.56 -22.77
C GLY A 260 -13.62 8.25 -23.20
N ARG A 261 -14.39 7.16 -23.09
CA ARG A 261 -13.92 5.86 -23.56
C ARG A 261 -13.86 5.84 -25.08
N THR A 262 -12.82 5.21 -25.63
CA THR A 262 -12.69 5.11 -27.08
C THR A 262 -12.89 3.69 -27.57
N SER A 263 -12.55 3.47 -28.84
CA SER A 263 -12.64 2.15 -29.44
C SER A 263 -11.49 1.26 -28.97
N GLU A 264 -10.49 1.88 -28.36
CA GLU A 264 -9.32 1.15 -27.93
C GLU A 264 -9.36 1.00 -26.42
N LYS A 265 -9.33 -0.26 -25.99
CA LYS A 265 -9.33 -0.60 -24.57
C LYS A 265 -8.20 0.14 -23.90
N ASN A 266 -8.53 0.81 -22.79
CA ASN A 266 -7.55 1.50 -21.95
C ASN A 266 -7.08 2.81 -22.50
N ILE A 267 -7.68 3.26 -23.60
CA ILE A 267 -7.41 4.62 -24.12
C ILE A 267 -8.62 5.51 -23.87
N TYR A 268 -8.39 6.68 -23.25
CA TYR A 268 -9.47 7.61 -22.90
C TYR A 268 -9.21 9.05 -23.35
N LEU A 269 -10.29 9.81 -23.57
CA LEU A 269 -10.18 11.20 -24.02
C LEU A 269 -10.95 12.16 -23.11
N ALA A 270 -10.37 13.32 -22.85
CA ALA A 270 -11.06 14.34 -22.09
C ALA A 270 -10.71 15.72 -22.64
N GLY A 271 -11.71 16.59 -22.74
CA GLY A 271 -11.49 17.94 -23.18
C GLY A 271 -11.76 18.15 -24.66
N GLU A 272 -11.04 19.07 -25.28
CA GLU A 272 -11.31 19.42 -26.68
C GLU A 272 -10.88 18.34 -27.68
N THR A 273 -9.90 17.53 -27.29
CA THR A 273 -9.51 16.37 -28.07
C THR A 273 -10.69 15.40 -28.28
N THR A 274 -11.69 15.47 -27.38
CA THR A 274 -12.89 14.64 -27.45
C THR A 274 -13.82 15.00 -28.58
N THR A 275 -14.27 16.24 -28.60
CA THR A 275 -15.25 16.71 -29.56
C THR A 275 -14.61 17.22 -30.84
N GLN A 276 -13.31 17.43 -30.81
CA GLN A 276 -12.57 17.99 -31.94
C GLN A 276 -13.11 19.37 -32.34
N GLY A 277 -13.69 20.06 -31.37
CA GLY A 277 -14.23 21.40 -31.54
C GLY A 277 -14.19 22.07 -30.18
N PRO A 278 -14.22 23.41 -30.17
CA PRO A 278 -14.03 24.26 -28.98
C PRO A 278 -15.15 24.16 -27.92
N SER A 279 -14.81 24.34 -26.65
CA SER A 279 -15.82 24.38 -25.60
C SER A 279 -15.58 25.53 -24.62
N SER A 280 -15.06 25.19 -23.45
CA SER A 280 -14.71 26.16 -22.41
C SER A 280 -13.92 25.43 -21.31
N LEU A 281 -13.35 26.19 -20.38
CA LEU A 281 -12.59 25.61 -19.28
C LEU A 281 -13.46 24.68 -18.42
N ILE A 282 -14.66 25.16 -18.10
CA ILE A 282 -15.53 24.44 -17.18
C ILE A 282 -16.03 23.12 -17.79
N ILE A 283 -16.27 23.10 -19.10
CA ILE A 283 -16.72 21.89 -19.80
C ILE A 283 -15.59 20.86 -19.86
N ALA A 284 -14.43 21.29 -20.34
CA ALA A 284 -13.21 20.48 -20.30
C ALA A 284 -12.91 19.87 -18.93
N ALA A 285 -13.04 20.66 -17.86
CA ALA A 285 -12.79 20.18 -16.51
C ALA A 285 -13.76 19.06 -16.18
N SER A 286 -15.02 19.28 -16.55
CA SER A 286 -16.09 18.34 -16.31
C SER A 286 -15.78 17.03 -17.05
N GLN A 287 -15.29 17.13 -18.27
CA GLN A 287 -14.97 15.95 -19.05
C GLN A 287 -13.76 15.19 -18.48
N GLY A 288 -12.86 15.94 -17.84
CA GLY A 288 -11.79 15.35 -17.06
C GLY A 288 -12.35 14.54 -15.88
N ASN A 289 -13.22 15.17 -15.08
CA ASN A 289 -13.90 14.49 -13.98
C ASN A 289 -14.58 13.20 -14.50
N LYS A 290 -15.30 13.31 -15.61
CA LYS A 290 -15.97 12.15 -16.17
C LYS A 290 -15.01 10.99 -16.54
N ALA A 291 -13.91 11.31 -17.21
CA ALA A 291 -12.94 10.29 -17.60
C ALA A 291 -12.30 9.62 -16.39
N ALA A 292 -12.08 10.39 -15.34
CA ALA A 292 -11.50 9.88 -14.11
C ALA A 292 -12.44 8.82 -13.56
N ILE A 293 -13.74 9.10 -13.63
CA ILE A 293 -14.72 8.14 -13.13
C ILE A 293 -14.74 6.85 -13.94
N ALA A 294 -14.53 6.95 -15.25
CA ALA A 294 -14.51 5.76 -16.09
C ALA A 294 -13.22 4.97 -15.86
N ILE A 295 -12.12 5.69 -15.65
CA ILE A 295 -10.82 5.05 -15.48
C ILE A 295 -10.76 4.29 -14.14
N ASN A 296 -11.24 4.93 -13.08
CA ASN A 296 -11.27 4.28 -11.78
C ASN A 296 -12.25 3.10 -11.76
N SER A 297 -13.38 3.29 -12.43
CA SER A 297 -14.39 2.25 -12.58
C SER A 297 -13.84 1.03 -13.33
N ASP A 298 -13.17 1.28 -14.45
CA ASP A 298 -12.53 0.23 -15.23
C ASP A 298 -11.43 -0.54 -14.46
N ILE A 299 -10.64 0.18 -13.67
CA ILE A 299 -9.63 -0.44 -12.83
C ILE A 299 -10.24 -1.28 -11.69
N THR A 300 -11.27 -0.72 -11.04
CA THR A 300 -11.98 -1.39 -9.96
C THR A 300 -12.53 -2.72 -10.45
N ASP A 301 -13.21 -2.70 -11.59
CA ASP A 301 -13.85 -3.89 -12.17
C ASP A 301 -12.86 -5.02 -12.41
N GLU A 302 -11.70 -4.70 -12.94
CA GLU A 302 -10.73 -5.74 -13.27
C GLU A 302 -9.90 -6.19 -12.06
N ARG A 303 -9.79 -5.33 -11.04
CA ARG A 303 -8.99 -5.66 -9.87
C ARG A 303 -9.81 -6.24 -8.72
N PHE A 304 -11.12 -5.99 -8.72
CA PHE A 304 -12.02 -6.60 -7.74
C PHE A 304 -12.80 -7.75 -8.41
N ILE B 7 -37.04 40.35 -17.92
CA ILE B 7 -36.39 39.11 -17.51
C ILE B 7 -36.45 38.04 -18.61
N ASP B 8 -35.31 37.78 -19.24
CA ASP B 8 -35.24 36.80 -20.34
C ASP B 8 -35.30 35.37 -19.82
N CYS B 9 -34.70 35.14 -18.65
CA CYS B 9 -34.65 33.80 -18.07
C CYS B 9 -34.62 33.85 -16.55
N ALA B 10 -35.60 33.19 -15.95
CA ALA B 10 -35.58 32.96 -14.51
C ALA B 10 -34.76 31.71 -14.24
N VAL B 11 -33.75 31.84 -13.39
CA VAL B 11 -32.95 30.71 -12.99
C VAL B 11 -33.29 30.34 -11.56
N ILE B 12 -33.82 29.14 -11.36
CA ILE B 12 -34.16 28.68 -10.04
C ILE B 12 -33.10 27.72 -9.52
N GLY B 13 -32.36 28.18 -8.52
CA GLY B 13 -31.25 27.44 -7.99
C GLY B 13 -29.94 28.16 -8.22
N ALA B 14 -29.29 28.56 -7.14
CA ALA B 14 -27.95 29.11 -7.23
C ALA B 14 -26.90 28.12 -6.72
N GLY B 15 -27.03 26.85 -7.13
CA GLY B 15 -25.95 25.89 -6.95
C GLY B 15 -24.95 26.14 -8.07
N PRO B 16 -23.94 25.27 -8.20
CA PRO B 16 -22.92 25.50 -9.22
C PRO B 16 -23.54 25.61 -10.60
N ALA B 17 -24.61 24.86 -10.82
CA ALA B 17 -25.34 24.91 -12.09
C ALA B 17 -25.90 26.32 -12.36
N GLY B 18 -26.77 26.79 -11.48
CA GLY B 18 -27.38 28.11 -11.61
C GLY B 18 -26.35 29.23 -11.68
N LEU B 19 -25.34 29.13 -10.85
CA LEU B 19 -24.25 30.10 -10.83
C LEU B 19 -23.54 30.22 -12.18
N ASN B 20 -23.12 29.08 -12.74
CA ASN B 20 -22.39 29.10 -13.98
C ASN B 20 -23.28 29.44 -15.16
N ALA B 21 -24.57 29.11 -15.04
CA ALA B 21 -25.55 29.45 -16.07
C ALA B 21 -25.75 30.96 -16.10
N SER B 22 -26.01 31.52 -14.93
CA SER B 22 -26.16 32.95 -14.76
C SER B 22 -24.90 33.70 -15.14
N LEU B 23 -23.74 33.06 -14.92
CA LEU B 23 -22.48 33.70 -15.23
C LEU B 23 -22.36 33.93 -16.72
N VAL B 24 -22.70 32.89 -17.49
CA VAL B 24 -22.62 32.97 -18.94
C VAL B 24 -23.71 33.88 -19.53
N LEU B 25 -24.90 33.86 -18.94
CA LEU B 25 -26.02 34.67 -19.42
C LEU B 25 -25.83 36.15 -19.12
N GLY B 26 -25.12 36.47 -18.04
CA GLY B 26 -24.83 37.85 -17.70
C GLY B 26 -23.80 38.43 -18.65
N ARG B 27 -23.01 37.54 -19.24
CA ARG B 27 -22.01 37.94 -20.21
C ARG B 27 -22.60 37.92 -21.61
N ALA B 28 -23.80 37.36 -21.71
CA ALA B 28 -24.54 37.35 -22.97
C ALA B 28 -25.62 38.44 -22.97
N ARG B 29 -25.49 39.37 -22.01
CA ARG B 29 -26.32 40.57 -21.92
C ARG B 29 -27.81 40.28 -21.79
N LYS B 30 -28.12 39.11 -21.23
CA LYS B 30 -29.51 38.71 -21.01
C LYS B 30 -29.95 39.14 -19.61
N GLN B 31 -31.24 39.42 -19.46
CA GLN B 31 -31.80 39.83 -18.18
C GLN B 31 -32.14 38.58 -17.35
N ILE B 32 -31.49 38.43 -16.21
CA ILE B 32 -31.61 37.22 -15.40
C ILE B 32 -32.12 37.46 -13.98
N ALA B 33 -33.12 36.67 -13.57
CA ALA B 33 -33.52 36.59 -12.16
C ALA B 33 -33.10 35.24 -11.53
N LEU B 34 -32.25 35.30 -10.51
CA LEU B 34 -31.67 34.09 -9.90
C LEU B 34 -32.13 33.88 -8.46
N PHE B 35 -32.85 32.79 -8.21
CA PHE B 35 -33.40 32.52 -6.88
C PHE B 35 -32.66 31.39 -6.16
N ASP B 36 -32.59 31.49 -4.83
CA ASP B 36 -31.98 30.45 -4.00
C ASP B 36 -32.44 30.57 -2.55
N ASN B 37 -32.87 29.46 -1.97
CA ASN B 37 -33.36 29.47 -0.59
C ASN B 37 -32.44 28.78 0.43
N ASN B 38 -31.16 28.67 0.08
CA ASN B 38 -30.13 28.10 0.98
C ASN B 38 -30.46 26.70 1.53
N THR B 39 -31.00 25.86 0.66
CA THR B 39 -31.32 24.47 0.99
C THR B 39 -30.55 23.44 0.14
N ASN B 40 -29.35 23.78 -0.33
CA ASN B 40 -28.51 22.85 -1.08
C ASN B 40 -28.13 21.64 -0.21
N ARG B 41 -28.27 20.43 -0.75
CA ARG B 41 -28.03 19.22 0.04
C ARG B 41 -26.62 19.15 0.65
N ASN B 42 -25.65 19.70 -0.06
CA ASN B 42 -24.24 19.63 0.32
C ASN B 42 -23.84 20.58 1.43
N ARG B 43 -24.80 21.33 1.96
CA ARG B 43 -24.49 22.33 2.99
C ARG B 43 -24.13 21.72 4.34
N VAL B 44 -24.43 20.44 4.53
CA VAL B 44 -24.09 19.75 5.76
C VAL B 44 -22.64 19.28 5.79
N THR B 45 -21.99 19.19 4.63
CA THR B 45 -20.57 18.83 4.62
C THR B 45 -19.69 20.03 4.91
N GLN B 46 -18.50 19.77 5.41
CA GLN B 46 -17.58 20.82 5.84
C GLN B 46 -16.62 21.23 4.75
N ASN B 47 -16.40 20.35 3.78
CA ASN B 47 -15.48 20.63 2.69
C ASN B 47 -15.98 20.04 1.39
N SER B 48 -15.50 20.59 0.29
CA SER B 48 -15.75 20.04 -1.04
C SER B 48 -14.43 19.77 -1.71
N HIS B 49 -14.37 18.73 -2.53
CA HIS B 49 -13.15 18.38 -3.26
C HIS B 49 -13.48 18.00 -4.70
N GLY B 50 -12.49 17.99 -5.59
CA GLY B 50 -12.69 17.49 -6.93
C GLY B 50 -12.97 18.54 -7.98
N PHE B 51 -13.25 19.76 -7.52
CA PHE B 51 -13.46 20.92 -8.38
C PHE B 51 -12.09 21.56 -8.56
N ILE B 52 -11.55 21.49 -9.77
CA ILE B 52 -10.19 22.03 -10.04
C ILE B 52 -10.05 23.52 -9.70
N THR B 53 -8.94 23.87 -9.05
CA THR B 53 -8.63 25.19 -8.47
C THR B 53 -9.40 25.51 -7.18
N ARG B 54 -10.42 24.72 -6.89
CA ARG B 54 -11.24 24.97 -5.71
C ARG B 54 -11.35 23.72 -4.80
N ASP B 55 -10.35 22.85 -4.89
CA ASP B 55 -10.35 21.59 -4.14
C ASP B 55 -10.10 21.82 -2.66
N GLY B 56 -11.10 21.62 -1.83
CA GLY B 56 -10.93 21.77 -0.39
C GLY B 56 -11.78 22.89 0.18
N ILE B 57 -12.39 23.68 -0.71
CA ILE B 57 -13.17 24.83 -0.30
C ILE B 57 -14.45 24.47 0.47
N LYS B 58 -14.76 25.26 1.48
CA LYS B 58 -16.04 25.19 2.19
C LYS B 58 -17.17 25.41 1.20
N PRO B 59 -18.26 24.64 1.34
CA PRO B 59 -19.45 24.83 0.50
C PRO B 59 -19.92 26.27 0.49
N GLU B 60 -20.01 26.91 1.66
CA GLU B 60 -20.50 28.29 1.75
C GLU B 60 -19.60 29.27 1.01
N GLU B 61 -18.31 29.15 1.25
CA GLU B 61 -17.32 30.00 0.60
C GLU B 61 -17.47 29.95 -0.92
N PHE B 62 -17.68 28.74 -1.44
CA PHE B 62 -17.88 28.49 -2.87
C PHE B 62 -19.10 29.24 -3.38
N LYS B 63 -20.19 29.15 -2.62
CA LYS B 63 -21.45 29.78 -3.00
C LYS B 63 -21.32 31.31 -2.99
N GLU B 64 -20.66 31.83 -1.96
CA GLU B 64 -20.40 33.26 -1.79
C GLU B 64 -19.62 33.85 -2.97
N ILE B 65 -18.47 33.23 -3.27
CA ILE B 65 -17.58 33.68 -4.34
C ILE B 65 -18.30 33.73 -5.69
N GLY B 66 -19.14 32.73 -5.94
CA GLY B 66 -19.94 32.68 -7.14
C GLY B 66 -20.91 33.84 -7.29
N LEU B 67 -21.76 34.04 -6.28
CA LEU B 67 -22.71 35.16 -6.30
C LEU B 67 -22.00 36.49 -6.50
N ASN B 68 -20.95 36.73 -5.73
CA ASN B 68 -20.12 37.91 -5.92
C ASN B 68 -19.60 38.00 -7.36
N GLU B 69 -19.37 36.87 -8.00
CA GLU B 69 -18.89 36.91 -9.38
C GLU B 69 -20.00 37.19 -10.38
N VAL B 70 -21.21 36.70 -10.09
CA VAL B 70 -22.33 36.90 -10.99
C VAL B 70 -22.97 38.27 -10.75
N MSE B 71 -22.75 38.83 -9.58
CA MSE B 71 -23.21 40.18 -9.28
C MSE B 71 -22.44 41.21 -10.11
O MSE B 71 -22.87 42.35 -10.23
CB MSE B 71 -23.07 40.51 -7.79
CG MSE B 71 -24.13 39.88 -6.91
SE MSE B 71 -23.93 40.41 -5.04
CE MSE B 71 -24.07 42.35 -5.25
N LYS B 72 -21.30 40.80 -10.65
CA LYS B 72 -20.49 41.67 -11.50
C LYS B 72 -21.23 42.13 -12.76
N TYR B 73 -22.23 41.35 -13.17
CA TYR B 73 -22.91 41.62 -14.43
C TYR B 73 -24.31 42.23 -14.22
N PRO B 74 -24.46 43.50 -14.60
CA PRO B 74 -25.61 44.36 -14.26
C PRO B 74 -26.97 43.77 -14.63
N SER B 75 -27.00 42.92 -15.65
CA SER B 75 -28.26 42.35 -16.15
C SER B 75 -28.78 41.23 -15.25
N VAL B 76 -27.96 40.80 -14.30
CA VAL B 76 -28.30 39.70 -13.39
C VAL B 76 -28.55 40.19 -11.97
N HIS B 77 -29.73 39.93 -11.43
CA HIS B 77 -30.03 40.31 -10.05
C HIS B 77 -30.49 39.12 -9.20
N TYR B 78 -29.92 39.02 -8.00
CA TYR B 78 -30.11 37.86 -7.14
C TYR B 78 -31.16 38.07 -6.07
N TYR B 79 -32.01 37.06 -5.89
CA TYR B 79 -33.07 37.11 -4.89
C TYR B 79 -32.97 35.89 -3.96
N GLU B 80 -32.91 36.15 -2.65
CA GLU B 80 -32.85 35.08 -1.67
C GLU B 80 -34.25 34.77 -1.13
N LYS B 81 -35.12 34.36 -2.04
CA LYS B 81 -36.48 33.96 -1.70
C LYS B 81 -36.68 32.47 -2.01
N THR B 82 -37.65 31.86 -1.35
CA THR B 82 -38.06 30.49 -1.67
C THR B 82 -39.14 30.51 -2.75
N VAL B 83 -38.87 29.90 -3.89
CA VAL B 83 -39.83 29.85 -5.01
C VAL B 83 -40.90 28.78 -4.83
N VAL B 84 -42.16 29.21 -4.70
CA VAL B 84 -43.27 28.29 -4.41
C VAL B 84 -43.97 27.71 -5.66
N MSE B 85 -44.27 28.55 -6.65
CA MSE B 85 -45.04 28.13 -7.81
C MSE B 85 -44.47 28.69 -9.12
O MSE B 85 -44.13 29.86 -9.21
CB MSE B 85 -46.50 28.56 -7.67
CG MSE B 85 -47.47 27.82 -8.58
SE MSE B 85 -49.32 28.39 -8.41
CE MSE B 85 -50.17 26.82 -9.22
N ILE B 86 -44.38 27.82 -10.13
CA ILE B 86 -44.04 28.24 -11.49
C ILE B 86 -45.13 27.80 -12.45
N THR B 87 -45.94 28.76 -12.87
CA THR B 87 -47.06 28.46 -13.75
C THR B 87 -46.89 29.12 -15.09
N LYS B 88 -47.38 28.46 -16.13
CA LYS B 88 -47.41 29.06 -17.44
C LYS B 88 -48.44 30.22 -17.43
N GLN B 89 -48.63 30.87 -18.58
CA GLN B 89 -49.64 31.91 -18.68
C GLN B 89 -50.30 31.82 -20.04
N SER B 90 -51.39 32.57 -20.23
CA SER B 90 -52.05 32.67 -21.52
C SER B 90 -51.17 33.36 -22.56
N THR B 91 -50.20 34.14 -22.09
CA THR B 91 -49.25 34.83 -22.96
C THR B 91 -48.18 33.88 -23.50
N GLY B 92 -47.83 32.88 -22.71
CA GLY B 92 -46.75 31.98 -23.06
C GLY B 92 -45.54 32.23 -22.18
N LEU B 93 -45.64 33.27 -21.36
CA LEU B 93 -44.62 33.58 -20.36
C LEU B 93 -44.67 32.59 -19.20
N PHE B 94 -43.93 32.89 -18.14
CA PHE B 94 -44.01 32.13 -16.90
C PHE B 94 -44.09 33.05 -15.69
N GLU B 95 -45.01 32.73 -14.78
CA GLU B 95 -45.23 33.50 -13.58
C GLU B 95 -44.49 32.82 -12.43
N ILE B 96 -43.64 33.57 -11.73
CA ILE B 96 -42.86 33.01 -10.62
C ILE B 96 -43.20 33.66 -9.28
N VAL B 97 -43.73 32.86 -8.37
CA VAL B 97 -44.18 33.34 -7.06
C VAL B 97 -43.27 32.79 -5.97
N THR B 98 -42.91 33.63 -5.01
CA THR B 98 -42.01 33.22 -3.93
C THR B 98 -42.77 32.99 -2.64
N LYS B 99 -42.04 32.80 -1.55
CA LYS B 99 -42.66 32.58 -0.24
C LYS B 99 -43.38 33.85 0.22
N ASP B 100 -42.72 35.00 0.06
CA ASP B 100 -43.32 36.28 0.44
C ASP B 100 -44.34 36.82 -0.56
N HIS B 101 -44.86 35.93 -1.40
CA HIS B 101 -45.94 36.25 -2.35
C HIS B 101 -45.57 37.26 -3.44
N THR B 102 -44.30 37.68 -3.49
CA THR B 102 -43.80 38.51 -4.59
C THR B 102 -43.94 37.72 -5.88
N LYS B 103 -44.19 38.40 -6.99
CA LYS B 103 -44.47 37.71 -8.24
C LYS B 103 -43.57 38.19 -9.38
N TYR B 104 -43.12 37.25 -10.21
CA TYR B 104 -42.10 37.54 -11.22
C TYR B 104 -42.48 37.02 -12.60
N LEU B 105 -42.20 37.82 -13.63
CA LEU B 105 -42.43 37.41 -15.02
C LEU B 105 -41.12 37.15 -15.76
N ALA B 106 -41.09 36.12 -16.58
CA ALA B 106 -39.89 35.72 -17.32
C ALA B 106 -40.18 34.86 -18.55
N GLU B 107 -39.51 35.21 -19.65
CA GLU B 107 -39.66 34.55 -20.95
C GLU B 107 -39.30 33.07 -20.91
N ARG B 108 -38.12 32.76 -20.38
CA ARG B 108 -37.65 31.38 -20.29
C ARG B 108 -37.30 30.93 -18.87
N VAL B 109 -37.44 29.64 -18.60
CA VAL B 109 -37.15 29.12 -17.26
C VAL B 109 -36.05 28.07 -17.26
N LEU B 110 -35.05 28.27 -16.41
CA LEU B 110 -34.01 27.28 -16.15
C LEU B 110 -34.09 26.71 -14.72
N LEU B 111 -34.43 25.44 -14.62
CA LEU B 111 -34.46 24.75 -13.31
C LEU B 111 -33.12 24.11 -12.99
N ALA B 112 -32.52 24.56 -11.90
CA ALA B 112 -31.27 24.01 -11.39
C ALA B 112 -31.38 23.92 -9.88
N THR B 113 -32.43 23.27 -9.44
CA THR B 113 -32.78 23.21 -8.01
C THR B 113 -32.18 22.00 -7.30
N GLY B 114 -31.25 21.32 -7.96
CA GLY B 114 -30.62 20.14 -7.39
C GLY B 114 -31.59 19.07 -6.90
N MSE B 115 -31.13 18.23 -5.99
N MSE B 115 -31.11 18.24 -5.97
CA MSE B 115 -31.99 17.18 -5.45
CA MSE B 115 -31.87 17.10 -5.47
C MSE B 115 -31.78 16.99 -3.96
C MSE B 115 -31.78 17.01 -3.95
O MSE B 115 -30.80 17.47 -3.40
O MSE B 115 -30.87 17.59 -3.36
CB MSE B 115 -31.75 15.86 -6.18
CB MSE B 115 -31.31 15.80 -6.05
CG MSE B 115 -30.31 15.38 -6.18
CG MSE B 115 -31.40 15.69 -7.55
SE MSE B 115 -30.16 13.69 -7.15
SE MSE B 115 -33.24 15.52 -8.14
CE MSE B 115 -31.97 13.61 -7.85
CE MSE B 115 -33.53 13.63 -7.75
N GLN B 116 -32.73 16.31 -3.34
CA GLN B 116 -32.66 16.05 -1.89
C GLN B 116 -32.53 14.57 -1.62
N GLU B 117 -32.10 14.23 -0.42
CA GLU B 117 -31.88 12.84 -0.08
C GLU B 117 -32.91 12.33 0.89
N GLU B 118 -33.36 11.10 0.67
CA GLU B 118 -34.07 10.36 1.70
C GLU B 118 -33.12 9.29 2.22
N PHE B 119 -33.10 9.09 3.53
CA PHE B 119 -32.19 8.12 4.12
C PHE B 119 -32.94 6.92 4.67
N PRO B 120 -32.26 5.76 4.71
CA PRO B 120 -32.80 4.57 5.37
C PRO B 120 -33.29 4.86 6.79
N SER B 121 -34.25 4.07 7.24
CA SER B 121 -34.85 4.27 8.56
C SER B 121 -33.89 3.85 9.68
N ILE B 122 -33.01 4.77 10.07
CA ILE B 122 -32.05 4.57 11.15
C ILE B 122 -32.02 5.84 11.98
N PRO B 123 -32.23 5.72 13.31
CA PRO B 123 -32.35 6.90 14.16
C PRO B 123 -31.12 7.80 14.05
N ASN B 124 -31.36 9.10 13.93
CA ASN B 124 -30.28 10.08 14.01
C ASN B 124 -29.24 9.99 12.89
N VAL B 125 -29.58 9.30 11.81
CA VAL B 125 -28.62 9.10 10.73
C VAL B 125 -28.20 10.43 10.10
N ARG B 126 -29.11 11.41 10.08
CA ARG B 126 -28.86 12.71 9.47
C ARG B 126 -27.82 13.56 10.23
N GLU B 127 -27.58 13.24 11.49
CA GLU B 127 -26.56 13.95 12.26
C GLU B 127 -25.14 13.59 11.80
N TYR B 128 -24.97 12.37 11.31
CA TYR B 128 -23.65 11.91 10.87
C TYR B 128 -23.37 12.22 9.39
N TYR B 129 -24.43 12.42 8.61
CA TYR B 129 -24.27 12.68 7.19
C TYR B 129 -23.60 14.04 7.03
N GLY B 130 -22.56 14.11 6.20
CA GLY B 130 -21.81 15.34 6.03
C GLY B 130 -20.58 15.36 6.91
N LYS B 131 -20.64 14.63 8.02
CA LYS B 131 -19.55 14.60 8.98
C LYS B 131 -18.72 13.32 8.95
N SER B 132 -19.34 12.18 9.25
CA SER B 132 -18.64 10.89 9.16
C SER B 132 -19.36 9.86 8.26
N LEU B 133 -20.63 10.10 7.95
CA LEU B 133 -21.34 9.31 6.95
C LEU B 133 -21.46 10.11 5.66
N PHE B 134 -21.17 9.47 4.53
CA PHE B 134 -21.14 10.16 3.25
C PHE B 134 -21.84 9.35 2.19
N SER B 135 -21.89 9.87 0.96
CA SER B 135 -22.68 9.24 -0.08
C SER B 135 -21.95 8.98 -1.39
N CYS B 136 -20.82 9.65 -1.59
CA CYS B 136 -20.00 9.42 -2.79
C CYS B 136 -18.52 9.28 -2.45
N PRO B 137 -17.98 8.09 -2.70
CA PRO B 137 -16.57 7.74 -2.51
C PRO B 137 -15.62 8.63 -3.31
N TYR B 138 -16.01 9.04 -4.51
CA TYR B 138 -15.19 9.96 -5.28
C TYR B 138 -15.03 11.32 -4.56
N CYS B 139 -16.08 11.75 -3.86
CA CYS B 139 -16.02 13.05 -3.21
C CYS B 139 -15.26 12.94 -1.90
N ASP B 140 -15.54 11.89 -1.12
CA ASP B 140 -15.08 11.85 0.27
C ASP B 140 -14.26 10.64 0.67
N GLY B 141 -13.90 9.82 -0.32
CA GLY B 141 -13.08 8.64 -0.05
C GLY B 141 -11.71 8.94 0.50
N TRP B 142 -11.04 9.93 -0.07
CA TRP B 142 -9.67 10.28 0.31
C TRP B 142 -9.52 10.52 1.80
N GLU B 143 -10.39 11.37 2.33
CA GLU B 143 -10.39 11.72 3.74
C GLU B 143 -10.70 10.53 4.66
N LEU B 144 -11.20 9.44 4.10
CA LEU B 144 -11.60 8.27 4.88
C LEU B 144 -10.72 7.06 4.62
N LYS B 145 -9.60 7.25 3.91
CA LYS B 145 -8.85 6.09 3.44
C LYS B 145 -8.27 5.26 4.58
N ASP B 146 -8.27 3.94 4.39
CA ASP B 146 -7.69 3.00 5.33
C ASP B 146 -8.35 3.02 6.71
N GLN B 147 -9.65 3.30 6.74
CA GLN B 147 -10.35 3.41 8.01
C GLN B 147 -11.32 2.28 8.17
N PRO B 148 -11.78 2.05 9.41
CA PRO B 148 -12.88 1.12 9.69
C PRO B 148 -14.26 1.62 9.21
N LEU B 149 -14.65 1.27 7.98
CA LEU B 149 -15.87 1.83 7.39
C LEU B 149 -17.09 0.91 7.35
N ILE B 150 -18.27 1.50 7.44
CA ILE B 150 -19.49 0.75 7.21
C ILE B 150 -20.17 1.23 5.90
N ILE B 151 -20.67 0.28 5.11
CA ILE B 151 -21.55 0.58 4.00
C ILE B 151 -22.98 0.20 4.37
N ILE B 152 -23.84 1.20 4.53
CA ILE B 152 -25.26 0.95 4.81
C ILE B 152 -26.07 0.98 3.51
N SER B 153 -26.54 -0.18 3.08
CA SER B 153 -27.26 -0.29 1.82
C SER B 153 -28.43 -1.27 1.91
N GLU B 154 -29.64 -0.73 1.89
CA GLU B 154 -30.86 -1.52 2.08
C GLU B 154 -31.22 -2.36 0.86
N ASN B 155 -30.88 -1.86 -0.33
CA ASN B 155 -31.23 -2.50 -1.60
C ASN B 155 -30.08 -3.28 -2.21
N GLU B 156 -30.31 -4.57 -2.47
CA GLU B 156 -29.34 -5.48 -3.11
C GLU B 156 -28.64 -4.87 -4.33
N ASP B 157 -29.45 -4.36 -5.26
CA ASP B 157 -28.98 -3.91 -6.57
C ASP B 157 -27.90 -2.83 -6.51
N HIS B 158 -27.70 -2.23 -5.33
CA HIS B 158 -26.77 -1.10 -5.19
C HIS B 158 -25.60 -1.46 -4.31
N THR B 159 -25.77 -2.54 -3.55
CA THR B 159 -24.77 -2.94 -2.57
C THR B 159 -23.42 -3.32 -3.19
N LEU B 160 -23.47 -4.17 -4.20
CA LEU B 160 -22.24 -4.70 -4.79
C LEU B 160 -21.37 -3.57 -5.37
N HIS B 161 -21.97 -2.76 -6.24
CA HIS B 161 -21.33 -1.59 -6.85
C HIS B 161 -20.67 -0.69 -5.80
N MSE B 162 -21.46 -0.29 -4.83
CA MSE B 162 -20.98 0.58 -3.77
C MSE B 162 -19.80 -0.06 -3.00
O MSE B 162 -18.88 0.63 -2.57
CB MSE B 162 -22.13 0.96 -2.83
CG MSE B 162 -21.76 1.97 -1.73
SE MSE B 162 -21.15 3.70 -2.41
CE MSE B 162 -22.54 4.04 -3.74
N THR B 163 -19.83 -1.38 -2.87
CA THR B 163 -18.76 -2.09 -2.16
C THR B 163 -17.46 -2.12 -2.96
N LYS B 164 -17.53 -2.54 -4.22
CA LYS B 164 -16.34 -2.57 -5.07
C LYS B 164 -15.67 -1.20 -5.12
N LEU B 165 -16.49 -0.16 -5.19
CA LEU B 165 -16.00 1.21 -5.30
C LEU B 165 -15.33 1.67 -4.00
N VAL B 166 -16.06 1.58 -2.88
CA VAL B 166 -15.53 2.00 -1.59
C VAL B 166 -14.24 1.23 -1.24
N TYR B 167 -14.14 0.00 -1.72
CA TYR B 167 -12.98 -0.85 -1.51
C TYR B 167 -11.65 -0.22 -1.97
N ASN B 168 -11.71 0.66 -2.98
CA ASN B 168 -10.56 1.47 -3.39
C ASN B 168 -9.92 2.21 -2.22
N TRP B 169 -10.75 2.69 -1.29
CA TRP B 169 -10.27 3.59 -0.24
C TRP B 169 -9.99 2.88 1.07
N SER B 170 -10.81 1.90 1.41
CA SER B 170 -10.48 1.02 2.51
C SER B 170 -10.95 -0.42 2.28
N THR B 171 -10.18 -1.36 2.83
CA THR B 171 -10.49 -2.77 2.73
C THR B 171 -11.07 -3.28 4.03
N ASP B 172 -11.01 -2.46 5.08
CA ASP B 172 -11.70 -2.72 6.34
C ASP B 172 -13.17 -2.32 6.25
N LEU B 173 -13.99 -3.14 5.60
CA LEU B 173 -15.39 -2.79 5.36
C LEU B 173 -16.35 -3.75 6.04
N VAL B 174 -17.53 -3.22 6.35
CA VAL B 174 -18.64 -4.00 6.88
C VAL B 174 -19.90 -3.56 6.15
N ILE B 175 -20.61 -4.49 5.53
CA ILE B 175 -21.88 -4.15 4.89
C ILE B 175 -23.04 -4.37 5.85
N ALA B 176 -23.93 -3.39 5.94
CA ALA B 176 -25.07 -3.44 6.85
C ALA B 176 -26.32 -3.23 6.04
N THR B 177 -27.15 -4.25 5.90
CA THR B 177 -28.31 -4.14 5.02
C THR B 177 -29.53 -3.60 5.77
N ASN B 178 -29.33 -3.27 7.04
CA ASN B 178 -30.39 -2.79 7.92
C ASN B 178 -31.68 -3.61 7.89
N GLY B 179 -31.59 -4.91 8.07
CA GLY B 179 -32.78 -5.74 8.15
C GLY B 179 -33.21 -6.33 6.83
N ASN B 180 -32.46 -6.04 5.77
CA ASN B 180 -32.80 -6.49 4.43
C ASN B 180 -31.97 -7.68 3.94
N GLU B 181 -32.57 -8.47 3.08
CA GLU B 181 -31.94 -9.70 2.61
C GLU B 181 -30.92 -9.37 1.54
N LEU B 182 -29.78 -10.04 1.62
CA LEU B 182 -28.76 -9.96 0.59
C LEU B 182 -28.80 -11.29 -0.19
N SER B 183 -28.63 -11.25 -1.51
CA SER B 183 -28.76 -12.45 -2.33
C SER B 183 -27.58 -13.40 -2.13
N GLN B 184 -27.79 -14.69 -2.41
CA GLN B 184 -26.74 -15.67 -2.26
C GLN B 184 -25.50 -15.33 -3.10
N THR B 185 -25.71 -15.11 -4.40
CA THR B 185 -24.62 -14.73 -5.30
C THR B 185 -23.79 -13.52 -4.82
N ILE B 186 -24.47 -12.42 -4.47
CA ILE B 186 -23.76 -11.23 -3.98
C ILE B 186 -23.01 -11.55 -2.69
N MSE B 187 -23.65 -12.33 -1.82
CA MSE B 187 -23.08 -12.66 -0.51
C MSE B 187 -21.77 -13.47 -0.63
O MSE B 187 -20.85 -13.29 0.18
CB MSE B 187 -24.10 -13.40 0.36
CG MSE B 187 -24.60 -12.59 1.56
SE MSE B 187 -26.07 -13.46 2.53
CE MSE B 187 -25.89 -12.49 4.21
N ASP B 188 -21.69 -14.33 -1.63
CA ASP B 188 -20.49 -15.11 -1.85
C ASP B 188 -19.37 -14.27 -2.48
N GLU B 189 -19.76 -13.30 -3.29
CA GLU B 189 -18.80 -12.37 -3.87
C GLU B 189 -18.08 -11.60 -2.76
N LEU B 190 -18.82 -11.18 -1.73
CA LEU B 190 -18.21 -10.45 -0.61
C LEU B 190 -17.37 -11.34 0.32
N SER B 191 -17.83 -12.57 0.58
CA SER B 191 -17.10 -13.56 1.36
C SER B 191 -15.68 -13.78 0.85
N ASN B 192 -15.54 -13.83 -0.48
CA ASN B 192 -14.24 -14.01 -1.11
C ASN B 192 -13.26 -12.86 -0.87
N LYS B 193 -13.78 -11.63 -0.77
CA LYS B 193 -12.92 -10.48 -0.51
C LYS B 193 -12.86 -10.14 0.98
N ASN B 194 -13.30 -11.08 1.82
CA ASN B 194 -13.25 -10.94 3.28
C ASN B 194 -13.96 -9.69 3.83
N ILE B 195 -15.12 -9.39 3.25
CA ILE B 195 -15.92 -8.28 3.68
C ILE B 195 -17.11 -8.89 4.40
N PRO B 196 -17.22 -8.69 5.72
CA PRO B 196 -18.30 -9.23 6.55
C PRO B 196 -19.63 -8.55 6.24
N VAL B 197 -20.72 -9.30 6.35
CA VAL B 197 -22.05 -8.78 6.07
C VAL B 197 -22.96 -8.98 7.29
N ILE B 198 -23.48 -7.87 7.81
CA ILE B 198 -24.48 -7.96 8.88
C ILE B 198 -25.84 -7.56 8.32
N THR B 199 -26.80 -8.48 8.43
CA THR B 199 -28.13 -8.27 7.87
C THR B 199 -29.11 -7.80 8.93
N GLU B 200 -28.68 -7.81 10.18
CA GLU B 200 -29.56 -7.43 11.28
C GLU B 200 -29.97 -5.95 11.21
N SER B 201 -31.12 -5.66 11.79
CA SER B 201 -31.60 -4.28 11.87
C SER B 201 -30.71 -3.43 12.77
N ILE B 202 -30.46 -2.18 12.37
CA ILE B 202 -29.64 -1.27 13.16
C ILE B 202 -30.48 -0.54 14.19
N ARG B 203 -30.08 -0.64 15.45
CA ARG B 203 -30.82 -0.01 16.54
C ARG B 203 -30.45 1.45 16.75
N THR B 204 -29.17 1.69 17.01
CA THR B 204 -28.68 3.03 17.24
C THR B 204 -27.32 3.25 16.59
N LEU B 205 -27.03 4.51 16.26
CA LEU B 205 -25.69 4.93 15.87
C LEU B 205 -25.09 5.66 17.06
N GLN B 206 -23.83 5.40 17.35
CA GLN B 206 -23.19 6.00 18.52
C GLN B 206 -21.91 6.73 18.14
N GLY B 207 -21.57 7.72 18.96
CA GLY B 207 -20.46 8.60 18.67
C GLY B 207 -21.04 9.99 18.68
N GLU B 208 -20.38 10.91 19.38
CA GLU B 208 -20.94 12.23 19.59
C GLU B 208 -20.53 13.23 18.53
N GLY B 209 -21.30 14.30 18.40
CA GLY B 209 -20.98 15.39 17.51
C GLY B 209 -20.90 14.99 16.04
N GLY B 210 -21.66 13.97 15.66
CA GLY B 210 -21.73 13.54 14.28
C GLY B 210 -20.57 12.65 13.82
N TYR B 211 -19.69 12.31 14.75
CA TYR B 211 -18.52 11.50 14.45
C TYR B 211 -18.70 10.05 14.93
N LEU B 212 -18.86 9.14 13.98
CA LEU B 212 -19.29 7.79 14.27
C LEU B 212 -18.25 7.00 15.08
N LYS B 213 -18.72 6.23 16.06
CA LYS B 213 -17.80 5.44 16.89
C LYS B 213 -18.20 3.98 16.85
N LYS B 214 -19.50 3.75 16.95
CA LYS B 214 -20.06 2.42 17.10
C LYS B 214 -21.40 2.27 16.40
N VAL B 215 -21.71 1.04 16.00
CA VAL B 215 -23.02 0.70 15.47
C VAL B 215 -23.59 -0.43 16.32
N GLU B 216 -24.76 -0.19 16.90
CA GLU B 216 -25.42 -1.23 17.66
C GLU B 216 -26.61 -1.78 16.89
N PHE B 217 -26.63 -3.09 16.70
CA PHE B 217 -27.73 -3.79 16.03
C PHE B 217 -28.81 -4.24 17.00
N HIS B 218 -29.95 -4.68 16.44
CA HIS B 218 -31.12 -5.04 17.23
C HIS B 218 -30.85 -6.07 18.32
N SER B 219 -30.04 -7.07 18.02
CA SER B 219 -29.83 -8.20 18.94
C SER B 219 -28.96 -7.82 20.12
N GLY B 220 -28.23 -6.73 20.00
CA GLY B 220 -27.30 -6.33 21.05
C GLY B 220 -25.87 -6.19 20.60
N LEU B 221 -25.54 -6.71 19.41
CA LEU B 221 -24.18 -6.61 18.88
C LEU B 221 -23.75 -5.14 18.62
N ARG B 222 -22.64 -4.75 19.25
CA ARG B 222 -22.03 -3.45 19.01
C ARG B 222 -20.70 -3.64 18.29
N ILE B 223 -20.51 -2.95 17.17
CA ILE B 223 -19.25 -2.97 16.46
C ILE B 223 -18.59 -1.58 16.40
N GLU B 224 -17.26 -1.57 16.42
CA GLU B 224 -16.52 -0.33 16.21
C GLU B 224 -16.49 0.01 14.71
N ARG B 225 -16.83 1.27 14.37
CA ARG B 225 -16.72 1.78 13.00
C ARG B 225 -16.45 3.28 13.09
N ALA B 226 -15.61 3.83 12.23
CA ALA B 226 -15.31 5.26 12.33
C ALA B 226 -16.13 6.14 11.36
N GLY B 227 -16.81 5.53 10.42
CA GLY B 227 -17.57 6.27 9.43
C GLY B 227 -17.85 5.36 8.26
N GLY B 228 -18.25 5.93 7.14
CA GLY B 228 -18.57 5.13 5.98
C GLY B 228 -19.54 5.81 5.04
N PHE B 229 -20.42 5.02 4.44
CA PHE B 229 -21.26 5.47 3.33
C PHE B 229 -22.68 4.95 3.43
N ILE B 230 -23.65 5.77 3.04
CA ILE B 230 -25.04 5.34 2.94
C ILE B 230 -25.47 5.44 1.50
N VAL B 231 -26.46 4.66 1.11
CA VAL B 231 -27.02 4.74 -0.21
C VAL B 231 -28.40 5.34 -0.05
N PRO B 232 -28.53 6.64 -0.37
CA PRO B 232 -29.84 7.30 -0.22
C PRO B 232 -30.62 7.16 -1.50
N THR B 233 -31.95 7.23 -1.38
CA THR B 233 -32.76 7.43 -2.57
C THR B 233 -32.80 8.94 -2.80
N PHE B 234 -32.81 9.34 -4.06
CA PHE B 234 -32.90 10.76 -4.35
C PHE B 234 -34.30 11.16 -4.84
N PHE B 235 -34.73 12.36 -4.48
CA PHE B 235 -36.02 12.87 -4.93
C PHE B 235 -35.93 14.34 -5.28
N ARG B 236 -36.89 14.86 -6.04
CA ARG B 236 -36.93 16.28 -6.32
C ARG B 236 -37.72 17.00 -5.23
N PRO B 237 -37.14 18.10 -4.71
CA PRO B 237 -37.73 18.85 -3.59
C PRO B 237 -39.00 19.59 -4.00
N ASN B 238 -39.05 20.00 -5.27
CA ASN B 238 -40.20 20.70 -5.84
C ASN B 238 -40.91 19.86 -6.90
N GLN B 239 -42.05 20.32 -7.36
CA GLN B 239 -42.77 19.63 -8.42
C GLN B 239 -42.78 20.50 -9.67
N PHE B 240 -41.74 21.31 -9.87
CA PHE B 240 -41.72 22.30 -10.95
C PHE B 240 -41.82 21.64 -12.32
N ILE B 241 -41.00 20.61 -12.56
CA ILE B 241 -41.03 19.84 -13.81
C ILE B 241 -42.45 19.38 -14.14
N GLU B 242 -43.19 19.07 -13.09
CA GLU B 242 -44.54 18.55 -13.18
C GLU B 242 -45.61 19.65 -13.32
N GLN B 243 -45.30 20.85 -12.82
CA GLN B 243 -46.18 22.00 -13.03
C GLN B 243 -46.03 22.53 -14.45
N LEU B 244 -44.94 22.13 -15.11
CA LEU B 244 -44.59 22.66 -16.43
C LEU B 244 -44.72 21.58 -17.51
N GLY B 245 -45.17 20.40 -17.13
CA GLY B 245 -45.52 19.35 -18.07
C GLY B 245 -44.42 18.98 -19.04
N CYS B 246 -43.25 18.66 -18.50
CA CYS B 246 -42.17 18.14 -19.32
C CYS B 246 -42.33 16.64 -19.44
N GLU B 247 -42.05 16.09 -20.62
CA GLU B 247 -42.29 14.68 -20.89
C GLU B 247 -41.06 13.79 -20.66
N LEU B 248 -41.27 12.73 -19.89
CA LEU B 248 -40.21 11.79 -19.51
C LEU B 248 -39.69 10.99 -20.70
N GLN B 249 -38.42 11.19 -21.04
CA GLN B 249 -37.81 10.46 -22.13
C GLN B 249 -37.49 9.02 -21.70
N SER B 250 -37.07 8.19 -22.64
CA SER B 250 -36.84 6.77 -22.35
C SER B 250 -35.46 6.53 -21.73
N ASN B 251 -34.67 7.59 -21.59
CA ASN B 251 -33.41 7.48 -20.86
C ASN B 251 -33.66 7.54 -19.36
N GLY B 252 -34.86 7.97 -18.99
CA GLY B 252 -35.22 8.17 -17.59
C GLY B 252 -34.95 9.61 -17.17
N THR B 253 -35.20 10.54 -18.09
CA THR B 253 -34.81 11.93 -17.89
C THR B 253 -35.76 12.87 -18.63
N PHE B 254 -36.03 14.02 -18.03
CA PHE B 254 -36.74 15.08 -18.71
C PHE B 254 -35.76 15.97 -19.50
N VAL B 255 -35.11 15.38 -20.51
CA VAL B 255 -34.11 16.11 -21.29
C VAL B 255 -33.98 15.49 -22.69
N ILE B 256 -33.99 16.35 -23.71
CA ILE B 256 -33.99 15.87 -25.09
C ILE B 256 -32.61 15.94 -25.75
N ASP B 257 -31.69 16.70 -25.15
CA ASP B 257 -30.33 16.80 -25.68
C ASP B 257 -29.27 17.00 -24.59
N ASP B 258 -28.05 17.34 -24.99
CA ASP B 258 -26.95 17.51 -24.05
C ASP B 258 -26.85 18.94 -23.49
N PHE B 259 -27.85 19.77 -23.76
CA PHE B 259 -27.81 21.17 -23.34
C PHE B 259 -28.92 21.54 -22.36
N GLY B 260 -29.71 20.56 -21.95
CA GLY B 260 -30.74 20.79 -20.94
C GLY B 260 -32.13 21.07 -21.48
N ARG B 261 -32.28 21.04 -22.80
CA ARG B 261 -33.57 21.28 -23.44
C ARG B 261 -34.57 20.15 -23.18
N THR B 262 -35.85 20.50 -23.12
CA THR B 262 -36.88 19.51 -22.81
C THR B 262 -37.97 19.45 -23.87
N SER B 263 -39.05 18.73 -23.57
CA SER B 263 -40.20 18.63 -24.45
C SER B 263 -40.94 19.95 -24.43
N GLU B 264 -40.95 20.58 -23.27
CA GLU B 264 -41.62 21.85 -23.10
C GLU B 264 -40.73 22.99 -23.56
N LYS B 265 -40.98 23.50 -24.77
CA LYS B 265 -40.23 24.63 -25.32
C LYS B 265 -40.11 25.77 -24.30
N ASN B 266 -38.97 26.45 -24.31
CA ASN B 266 -38.64 27.50 -23.32
C ASN B 266 -38.39 27.01 -21.89
N ILE B 267 -38.27 25.70 -21.70
CA ILE B 267 -37.91 25.11 -20.40
C ILE B 267 -36.60 24.32 -20.48
N TYR B 268 -35.64 24.69 -19.64
CA TYR B 268 -34.30 24.11 -19.70
C TYR B 268 -33.91 23.53 -18.35
N LEU B 269 -32.98 22.58 -18.34
CA LEU B 269 -32.54 21.94 -17.09
C LEU B 269 -31.02 21.89 -16.94
N ALA B 270 -30.55 22.14 -15.72
CA ALA B 270 -29.14 21.95 -15.44
C ALA B 270 -28.90 21.48 -14.01
N GLY B 271 -27.68 21.03 -13.76
CA GLY B 271 -27.30 20.48 -12.47
C GLY B 271 -27.88 19.10 -12.21
N GLU B 272 -27.98 18.74 -10.94
CA GLU B 272 -28.38 17.38 -10.58
C GLU B 272 -29.82 17.05 -10.91
N THR B 273 -30.59 18.08 -11.18
CA THR B 273 -31.99 17.92 -11.56
C THR B 273 -32.07 17.31 -12.96
N THR B 274 -30.98 17.46 -13.72
CA THR B 274 -30.87 16.91 -15.07
C THR B 274 -30.90 15.37 -15.08
N THR B 275 -29.86 14.73 -14.54
CA THR B 275 -29.76 13.28 -14.53
C THR B 275 -30.65 12.66 -13.46
N GLN B 276 -31.15 13.50 -12.56
CA GLN B 276 -31.89 13.05 -11.39
C GLN B 276 -31.11 12.01 -10.61
N GLY B 277 -29.78 12.20 -10.59
CA GLY B 277 -28.86 11.36 -9.84
C GLY B 277 -27.63 12.19 -9.51
N PRO B 278 -26.86 11.78 -8.49
CA PRO B 278 -25.74 12.61 -8.04
C PRO B 278 -24.64 12.79 -9.09
N SER B 279 -23.98 13.95 -9.09
CA SER B 279 -22.84 14.17 -9.97
C SER B 279 -21.71 14.82 -9.18
N SER B 280 -21.36 16.04 -9.54
CA SER B 280 -20.30 16.75 -8.82
C SER B 280 -20.46 18.26 -8.98
N LEU B 281 -19.68 19.04 -8.22
CA LEU B 281 -19.70 20.47 -8.36
C LEU B 281 -19.33 20.87 -9.80
N ILE B 282 -18.20 20.34 -10.28
CA ILE B 282 -17.66 20.70 -11.58
C ILE B 282 -18.54 20.25 -12.75
N ILE B 283 -19.24 19.12 -12.58
CA ILE B 283 -20.09 18.59 -13.63
C ILE B 283 -21.40 19.38 -13.73
N ALA B 284 -22.00 19.68 -12.60
CA ALA B 284 -23.20 20.52 -12.58
C ALA B 284 -22.89 21.89 -13.19
N ALA B 285 -21.84 22.53 -12.67
CA ALA B 285 -21.37 23.81 -13.17
C ALA B 285 -21.27 23.83 -14.70
N SER B 286 -20.76 22.77 -15.29
CA SER B 286 -20.60 22.72 -16.75
C SER B 286 -21.95 22.51 -17.43
N GLN B 287 -22.87 21.86 -16.73
CA GLN B 287 -24.22 21.73 -17.23
C GLN B 287 -24.98 23.07 -17.19
N GLY B 288 -24.44 24.02 -16.42
CA GLY B 288 -25.03 25.35 -16.35
C GLY B 288 -24.59 26.07 -17.61
N ASN B 289 -23.27 26.10 -17.80
CA ASN B 289 -22.67 26.58 -19.03
C ASN B 289 -23.41 26.07 -20.27
N LYS B 290 -23.55 24.76 -20.41
CA LYS B 290 -24.26 24.18 -21.56
C LYS B 290 -25.69 24.73 -21.69
N ALA B 291 -26.37 24.81 -20.55
CA ALA B 291 -27.72 25.33 -20.52
C ALA B 291 -27.79 26.79 -20.96
N ALA B 292 -26.81 27.59 -20.54
CA ALA B 292 -26.75 29.00 -20.91
C ALA B 292 -26.67 29.16 -22.43
N ILE B 293 -25.61 28.60 -23.01
CA ILE B 293 -25.46 28.43 -24.45
C ILE B 293 -26.76 28.09 -25.20
N ALA B 294 -27.46 27.07 -24.73
CA ALA B 294 -28.70 26.66 -25.37
C ALA B 294 -29.76 27.77 -25.30
N ILE B 295 -29.85 28.40 -24.13
CA ILE B 295 -30.81 29.49 -23.91
C ILE B 295 -30.52 30.68 -24.84
N ASN B 296 -29.27 31.13 -24.87
CA ASN B 296 -28.88 32.23 -25.73
C ASN B 296 -29.04 31.87 -27.22
N SER B 297 -28.77 30.62 -27.57
CA SER B 297 -28.88 30.15 -28.94
C SER B 297 -30.34 30.10 -29.43
N ASP B 298 -31.25 29.76 -28.53
CA ASP B 298 -32.68 29.74 -28.86
C ASP B 298 -33.33 31.13 -28.89
N ILE B 299 -32.77 32.06 -28.11
CA ILE B 299 -33.22 33.44 -28.10
C ILE B 299 -32.78 34.13 -29.41
N THR B 300 -31.47 34.09 -29.66
CA THR B 300 -30.88 34.59 -30.90
C THR B 300 -31.63 34.10 -32.14
N ASP B 301 -32.02 32.84 -32.13
CA ASP B 301 -32.75 32.26 -33.26
C ASP B 301 -34.05 33.00 -33.51
N GLU B 302 -34.77 33.31 -32.44
CA GLU B 302 -36.10 33.92 -32.54
C GLU B 302 -36.04 35.45 -32.71
N ARG B 303 -34.99 36.07 -32.18
CA ARG B 303 -34.89 37.53 -32.20
C ARG B 303 -34.31 38.08 -33.50
N PHE B 304 -33.46 37.29 -34.17
CA PHE B 304 -32.86 37.71 -35.43
C PHE B 304 -33.92 37.89 -36.53
N TYR C 6 0.81 -10.95 -7.84
CA TYR C 6 1.45 -12.12 -7.24
C TYR C 6 1.74 -11.94 -5.74
N ILE C 7 2.51 -12.90 -5.22
CA ILE C 7 2.87 -13.04 -3.83
C ILE C 7 4.35 -12.67 -3.73
N ASP C 8 4.76 -12.01 -2.64
CA ASP C 8 6.17 -11.69 -2.44
C ASP C 8 7.02 -12.94 -2.18
N CYS C 9 6.50 -13.87 -1.39
CA CYS C 9 7.24 -15.08 -1.06
C CYS C 9 6.36 -16.25 -0.61
N ALA C 10 6.52 -17.36 -1.31
CA ALA C 10 5.89 -18.60 -0.92
C ALA C 10 6.82 -19.29 0.07
N VAL C 11 6.31 -19.56 1.26
CA VAL C 11 7.06 -20.35 2.22
C VAL C 11 6.47 -21.74 2.21
N ILE C 12 7.27 -22.70 1.79
CA ILE C 12 6.84 -24.10 1.70
C ILE C 12 7.31 -24.82 2.94
N GLY C 13 6.38 -25.12 3.84
CA GLY C 13 6.69 -25.79 5.07
C GLY C 13 6.43 -24.91 6.28
N ALA C 14 5.53 -25.36 7.15
CA ALA C 14 5.27 -24.62 8.37
C ALA C 14 5.82 -25.33 9.62
N GLY C 15 7.08 -25.76 9.55
CA GLY C 15 7.82 -26.19 10.72
C GLY C 15 8.36 -24.96 11.41
N PRO C 16 9.26 -25.14 12.39
CA PRO C 16 9.72 -23.91 13.07
C PRO C 16 10.50 -22.95 12.12
N ALA C 17 11.15 -23.48 11.08
CA ALA C 17 11.85 -22.61 10.12
C ALA C 17 10.86 -21.78 9.31
N GLY C 18 9.87 -22.45 8.75
CA GLY C 18 8.91 -21.77 7.89
C GLY C 18 8.10 -20.79 8.70
N LEU C 19 7.80 -21.18 9.94
CA LEU C 19 6.95 -20.37 10.80
C LEU C 19 7.67 -19.10 11.28
N ASN C 20 8.92 -19.23 11.72
CA ASN C 20 9.65 -18.05 12.18
C ASN C 20 9.99 -17.11 11.01
N ALA C 21 10.26 -17.68 9.84
CA ALA C 21 10.46 -16.89 8.64
C ALA C 21 9.21 -16.08 8.28
N SER C 22 8.04 -16.73 8.30
CA SER C 22 6.77 -16.09 7.98
C SER C 22 6.43 -15.01 9.01
N LEU C 23 6.78 -15.27 10.26
CA LEU C 23 6.57 -14.31 11.34
C LEU C 23 7.36 -13.01 11.14
N VAL C 24 8.64 -13.13 10.77
CA VAL C 24 9.47 -11.97 10.56
C VAL C 24 9.07 -11.26 9.27
N LEU C 25 8.87 -12.02 8.19
CA LEU C 25 8.37 -11.44 6.94
C LEU C 25 7.02 -10.77 7.08
N GLY C 26 6.09 -11.40 7.80
CA GLY C 26 4.78 -10.80 8.04
C GLY C 26 4.88 -9.48 8.81
N ARG C 27 5.74 -9.46 9.82
CA ARG C 27 6.00 -8.24 10.56
C ARG C 27 6.69 -7.17 9.69
N ALA C 28 7.28 -7.62 8.60
CA ALA C 28 7.96 -6.75 7.64
C ALA C 28 7.00 -6.37 6.49
N ARG C 29 5.73 -6.69 6.69
CA ARG C 29 4.65 -6.31 5.76
C ARG C 29 4.77 -6.93 4.37
N LYS C 30 5.39 -8.10 4.28
CA LYS C 30 5.54 -8.78 3.01
C LYS C 30 4.41 -9.78 2.76
N GLN C 31 3.91 -9.86 1.53
CA GLN C 31 2.82 -10.79 1.19
C GLN C 31 3.33 -12.21 1.09
N ILE C 32 2.98 -13.02 2.08
CA ILE C 32 3.49 -14.36 2.25
C ILE C 32 2.43 -15.41 2.00
N ALA C 33 2.75 -16.41 1.17
CA ALA C 33 1.92 -17.60 1.07
C ALA C 33 2.57 -18.76 1.81
N LEU C 34 1.97 -19.22 2.90
CA LEU C 34 2.52 -20.32 3.71
C LEU C 34 1.79 -21.66 3.48
N PHE C 35 2.56 -22.71 3.17
CA PHE C 35 2.02 -24.04 2.85
C PHE C 35 2.51 -25.09 3.85
N ASP C 36 1.64 -26.04 4.21
CA ASP C 36 2.02 -27.19 5.06
C ASP C 36 1.00 -28.30 4.91
N ASN C 37 1.47 -29.54 4.79
CA ASN C 37 0.55 -30.66 4.68
C ASN C 37 0.70 -31.69 5.80
N ASN C 38 1.22 -31.25 6.94
CA ASN C 38 1.24 -32.09 8.13
C ASN C 38 2.05 -33.38 7.99
N THR C 39 3.24 -33.29 7.41
CA THR C 39 4.10 -34.46 7.24
C THR C 39 5.44 -34.26 7.91
N ASN C 40 5.48 -33.34 8.87
CA ASN C 40 6.65 -33.15 9.71
C ASN C 40 7.13 -34.45 10.41
N ARG C 41 8.43 -34.76 10.30
CA ARG C 41 9.01 -36.00 10.84
C ARG C 41 8.69 -36.13 12.35
N ASN C 42 8.75 -35.02 13.07
CA ASN C 42 8.49 -35.06 14.51
C ASN C 42 7.02 -35.20 14.93
N ARG C 43 6.12 -35.43 13.99
CA ARG C 43 4.73 -35.58 14.36
C ARG C 43 4.53 -36.90 15.13
N VAL C 44 5.49 -37.82 14.97
CA VAL C 44 5.39 -39.16 15.56
C VAL C 44 5.78 -39.20 17.02
N THR C 45 6.34 -38.11 17.51
CA THR C 45 6.78 -38.03 18.89
C THR C 45 5.71 -37.33 19.75
N GLN C 46 5.71 -37.61 21.06
CA GLN C 46 4.62 -37.16 21.94
C GLN C 46 4.98 -35.88 22.66
N ASN C 47 6.28 -35.63 22.81
CA ASN C 47 6.76 -34.47 23.49
C ASN C 47 7.91 -33.84 22.73
N SER C 48 8.43 -32.75 23.25
CA SER C 48 9.49 -32.03 22.59
C SER C 48 10.21 -31.18 23.62
N HIS C 49 11.55 -31.20 23.58
CA HIS C 49 12.37 -30.55 24.63
C HIS C 49 13.52 -29.72 24.05
N GLY C 50 14.14 -28.86 24.86
CA GLY C 50 15.29 -28.12 24.39
C GLY C 50 15.00 -26.77 23.72
N PHE C 51 13.74 -26.48 23.44
CA PHE C 51 13.33 -25.16 22.91
C PHE C 51 12.98 -24.25 24.10
N ILE C 52 13.88 -23.33 24.44
CA ILE C 52 13.70 -22.51 25.63
C ILE C 52 12.33 -21.83 25.68
N THR C 53 11.70 -21.94 26.84
CA THR C 53 10.33 -21.48 27.13
C THR C 53 9.25 -22.42 26.61
N ARG C 54 9.63 -23.40 25.81
CA ARG C 54 8.66 -24.40 25.33
C ARG C 54 9.06 -25.84 25.73
N ASP C 55 9.87 -25.97 26.77
CA ASP C 55 10.39 -27.28 27.16
C ASP C 55 9.28 -28.24 27.59
N GLY C 56 8.98 -29.22 26.75
CA GLY C 56 8.01 -30.24 27.10
C GLY C 56 6.70 -30.16 26.35
N ILE C 57 6.66 -29.37 25.29
CA ILE C 57 5.41 -29.13 24.58
C ILE C 57 5.13 -30.24 23.55
N LYS C 58 3.86 -30.55 23.33
CA LYS C 58 3.50 -31.47 22.25
C LYS C 58 3.80 -30.78 20.93
N PRO C 59 4.34 -31.53 19.95
CA PRO C 59 4.71 -30.93 18.68
C PRO C 59 3.51 -30.31 17.93
N GLU C 60 2.35 -30.95 18.04
N GLU C 60 2.34 -30.94 18.03
CA GLU C 60 1.13 -30.45 17.43
CA GLU C 60 1.16 -30.39 17.37
C GLU C 60 0.75 -29.10 18.05
C GLU C 60 0.67 -29.12 18.06
N GLU C 61 0.96 -28.98 19.36
CA GLU C 61 0.61 -27.76 20.08
C GLU C 61 1.55 -26.59 19.77
N PHE C 62 2.82 -26.91 19.54
CA PHE C 62 3.82 -25.93 19.13
C PHE C 62 3.44 -25.40 17.77
N LYS C 63 3.13 -26.32 16.85
CA LYS C 63 2.72 -25.97 15.49
C LYS C 63 1.50 -25.04 15.51
N GLU C 64 0.50 -25.37 16.33
CA GLU C 64 -0.72 -24.60 16.39
C GLU C 64 -0.51 -23.15 16.87
N ILE C 65 0.22 -22.99 17.98
CA ILE C 65 0.55 -21.67 18.51
C ILE C 65 1.34 -20.82 17.51
N GLY C 66 2.28 -21.44 16.80
CA GLY C 66 3.10 -20.72 15.85
C GLY C 66 2.24 -20.26 14.70
N LEU C 67 1.40 -21.15 14.20
CA LEU C 67 0.52 -20.83 13.08
C LEU C 67 -0.40 -19.66 13.44
N ASN C 68 -1.03 -19.73 14.61
CA ASN C 68 -1.94 -18.68 15.06
C ASN C 68 -1.26 -17.32 15.28
N GLU C 69 -0.02 -17.35 15.75
CA GLU C 69 0.78 -16.14 15.89
C GLU C 69 1.03 -15.48 14.54
N VAL C 70 1.37 -16.30 13.57
CA VAL C 70 1.79 -15.83 12.27
C VAL C 70 0.60 -15.24 11.49
N MSO C 71 -0.58 -15.77 11.75
CA MSO C 71 -1.78 -15.32 11.10
CB MSO C 71 -2.85 -16.39 11.21
C MSO C 71 -2.28 -14.02 11.69
CG MSO C 71 -3.02 -17.22 9.94
SE MSO C 71 -3.77 -19.00 10.32
OE MSO C 71 -5.31 -18.64 10.56
CE MSO C 71 -3.20 -19.12 12.19
O MSO C 71 -3.18 -13.43 11.09
N LYS C 72 -1.71 -13.56 12.80
CA LYS C 72 -2.07 -12.25 13.34
C LYS C 72 -1.71 -11.17 12.29
N TYR C 73 -0.74 -11.47 11.42
CA TYR C 73 -0.27 -10.53 10.41
C TYR C 73 -1.06 -10.69 9.12
N PRO C 74 -1.75 -9.61 8.72
CA PRO C 74 -2.72 -9.60 7.61
C PRO C 74 -2.12 -10.04 6.29
N SER C 75 -0.81 -9.82 6.10
CA SER C 75 -0.16 -10.21 4.85
C SER C 75 0.24 -11.69 4.76
N VAL C 76 0.04 -12.46 5.83
CA VAL C 76 0.40 -13.88 5.80
C VAL C 76 -0.82 -14.77 5.60
N HIS C 77 -0.78 -15.61 4.58
CA HIS C 77 -1.89 -16.52 4.31
C HIS C 77 -1.45 -17.99 4.31
N TYR C 78 -2.22 -18.81 5.01
CA TYR C 78 -1.89 -20.21 5.21
C TYR C 78 -2.69 -21.10 4.26
N TYR C 79 -2.01 -22.05 3.61
CA TYR C 79 -2.69 -23.09 2.82
C TYR C 79 -2.28 -24.50 3.30
N GLU C 80 -3.23 -25.23 3.86
CA GLU C 80 -2.99 -26.58 4.31
C GLU C 80 -3.16 -27.48 3.11
N LYS C 81 -2.13 -27.51 2.26
CA LYS C 81 -2.21 -28.21 0.98
C LYS C 81 -0.86 -28.82 0.68
N THR C 82 -0.87 -30.03 0.12
CA THR C 82 0.37 -30.63 -0.40
C THR C 82 0.78 -29.89 -1.66
N VAL C 83 1.97 -29.30 -1.66
CA VAL C 83 2.57 -28.74 -2.86
C VAL C 83 3.25 -29.88 -3.61
N VAL C 84 2.89 -30.08 -4.87
CA VAL C 84 3.46 -31.16 -5.67
C VAL C 84 4.49 -30.65 -6.69
N MSE C 85 4.49 -29.35 -6.96
CA MSE C 85 5.33 -28.79 -8.01
C MSE C 85 5.61 -27.28 -7.85
O MSE C 85 4.73 -26.52 -7.43
CB MSE C 85 4.72 -29.09 -9.38
CG MSE C 85 5.53 -28.62 -10.57
SE MSE C 85 4.93 -29.55 -12.18
CE MSE C 85 4.72 -31.29 -11.37
N ILE C 86 6.83 -26.85 -8.18
CA ILE C 86 7.20 -25.43 -8.16
C ILE C 86 8.04 -25.13 -9.39
N THR C 87 7.50 -24.33 -10.31
CA THR C 87 8.15 -24.06 -11.60
C THR C 87 8.49 -22.59 -11.86
N LYS C 88 9.75 -22.34 -12.21
CA LYS C 88 10.16 -21.03 -12.73
C LYS C 88 9.40 -20.76 -14.02
N GLN C 89 8.65 -19.65 -14.06
CA GLN C 89 7.93 -19.24 -15.27
C GLN C 89 8.80 -18.37 -16.15
N SER C 90 8.38 -18.17 -17.40
CA SER C 90 9.11 -17.35 -18.34
C SER C 90 9.09 -15.87 -17.93
N THR C 91 8.10 -15.50 -17.11
CA THR C 91 8.04 -14.16 -16.55
C THR C 91 9.12 -13.96 -15.50
N GLY C 92 9.65 -15.07 -14.99
CA GLY C 92 10.67 -15.06 -13.96
C GLY C 92 10.09 -15.49 -12.61
N LEU C 93 8.77 -15.37 -12.50
CA LEU C 93 8.03 -15.73 -11.29
C LEU C 93 7.98 -17.24 -11.10
N PHE C 94 7.61 -17.70 -9.90
CA PHE C 94 7.53 -19.13 -9.66
C PHE C 94 6.08 -19.60 -9.48
N GLU C 95 5.66 -20.56 -10.30
CA GLU C 95 4.35 -21.16 -10.14
C GLU C 95 4.36 -22.30 -9.10
N ILE C 96 3.54 -22.15 -8.07
CA ILE C 96 3.36 -23.21 -7.09
C ILE C 96 2.05 -23.93 -7.42
N VAL C 97 2.11 -25.26 -7.51
CA VAL C 97 0.93 -26.08 -7.79
C VAL C 97 0.67 -27.13 -6.69
N THR C 98 -0.56 -27.18 -6.19
CA THR C 98 -0.91 -28.12 -5.12
C THR C 98 -1.56 -29.39 -5.67
N LYS C 99 -1.85 -30.35 -4.79
CA LYS C 99 -2.37 -31.64 -5.23
C LYS C 99 -3.79 -31.55 -5.80
N ASP C 100 -4.43 -30.40 -5.60
CA ASP C 100 -5.74 -30.13 -6.24
C ASP C 100 -5.60 -29.27 -7.49
N HIS C 101 -4.37 -29.12 -7.96
CA HIS C 101 -4.05 -28.39 -9.19
C HIS C 101 -4.28 -26.88 -9.08
N THR C 102 -4.41 -26.36 -7.86
CA THR C 102 -4.51 -24.92 -7.67
C THR C 102 -3.14 -24.30 -7.91
N LYS C 103 -3.10 -23.22 -8.68
CA LYS C 103 -1.83 -22.56 -8.97
C LYS C 103 -1.67 -21.30 -8.13
N TYR C 104 -0.43 -20.98 -7.77
CA TYR C 104 -0.10 -19.74 -7.09
C TYR C 104 1.16 -19.19 -7.72
N LEU C 105 1.28 -17.87 -7.80
CA LEU C 105 2.45 -17.23 -8.39
C LEU C 105 3.22 -16.48 -7.32
N ALA C 106 4.55 -16.53 -7.39
CA ALA C 106 5.37 -15.95 -6.35
C ALA C 106 6.70 -15.41 -6.87
N GLU C 107 7.12 -14.28 -6.33
CA GLU C 107 8.38 -13.67 -6.72
C GLU C 107 9.56 -14.42 -6.10
N ARG C 108 9.44 -14.76 -4.82
CA ARG C 108 10.48 -15.54 -4.16
C ARG C 108 9.88 -16.79 -3.54
N VAL C 109 10.69 -17.85 -3.39
CA VAL C 109 10.26 -19.11 -2.79
C VAL C 109 11.21 -19.46 -1.65
N LEU C 110 10.65 -19.75 -0.48
CA LEU C 110 11.50 -20.18 0.62
C LEU C 110 11.19 -21.65 0.90
N LEU C 111 12.18 -22.53 0.72
CA LEU C 111 11.96 -23.96 0.99
C LEU C 111 12.30 -24.25 2.44
N ALA C 112 11.27 -24.57 3.22
CA ALA C 112 11.49 -24.95 4.61
C ALA C 112 10.83 -26.32 4.82
N THR C 113 11.13 -27.25 3.94
CA THR C 113 10.37 -28.50 3.83
C THR C 113 10.80 -29.68 4.76
N GLY C 114 11.87 -29.50 5.53
CA GLY C 114 12.27 -30.50 6.51
C GLY C 114 12.92 -31.68 5.83
N MSE C 115 13.15 -32.73 6.61
CA MSE C 115 13.72 -33.95 6.09
C MSE C 115 12.88 -35.13 6.54
O MSE C 115 11.96 -35.00 7.36
CB MSE C 115 15.18 -34.11 6.51
CG MSE C 115 16.10 -32.98 6.06
SE MSE C 115 16.33 -32.92 4.11
CE MSE C 115 17.51 -34.45 3.90
N GLN C 116 13.20 -36.31 6.01
CA GLN C 116 12.43 -37.50 6.31
C GLN C 116 13.41 -38.66 6.56
N GLU C 117 13.08 -39.53 7.51
CA GLU C 117 13.99 -40.63 7.87
C GLU C 117 13.95 -41.82 6.91
N GLU C 118 15.13 -42.36 6.62
CA GLU C 118 15.27 -43.72 6.11
C GLU C 118 15.77 -44.59 7.25
N PHE C 119 15.07 -45.69 7.55
CA PHE C 119 15.40 -46.47 8.74
C PHE C 119 16.26 -47.67 8.42
N PRO C 120 16.98 -48.18 9.44
CA PRO C 120 17.65 -49.48 9.32
C PRO C 120 16.63 -50.58 9.02
N SER C 121 17.10 -51.67 8.43
CA SER C 121 16.18 -52.69 7.95
C SER C 121 15.75 -53.61 9.07
N ILE C 122 14.86 -53.12 9.91
CA ILE C 122 14.26 -53.88 10.99
C ILE C 122 12.77 -53.78 10.84
N PRO C 123 12.05 -54.92 10.96
CA PRO C 123 10.61 -54.81 10.72
C PRO C 123 9.98 -53.90 11.77
N ASN C 124 8.98 -53.13 11.35
CA ASN C 124 8.18 -52.33 12.26
C ASN C 124 8.94 -51.37 13.15
N VAL C 125 10.15 -50.99 12.77
CA VAL C 125 10.89 -49.96 13.52
C VAL C 125 10.10 -48.64 13.60
N ARG C 126 9.23 -48.42 12.63
CA ARG C 126 8.43 -47.20 12.58
C ARG C 126 7.46 -47.11 13.74
N GLU C 127 6.93 -48.26 14.15
N GLU C 127 6.93 -48.25 14.17
CA GLU C 127 5.95 -48.30 15.24
CA GLU C 127 5.94 -48.23 15.24
C GLU C 127 6.57 -47.83 16.55
C GLU C 127 6.58 -47.77 16.55
N TYR C 128 7.89 -47.94 16.65
CA TYR C 128 8.62 -47.63 17.88
C TYR C 128 9.24 -46.22 17.90
N TYR C 129 9.55 -45.70 16.72
CA TYR C 129 10.18 -44.39 16.57
C TYR C 129 9.25 -43.24 16.98
N GLY C 130 9.73 -42.38 17.88
CA GLY C 130 8.94 -41.37 18.55
C GLY C 130 8.37 -41.82 19.89
N LYS C 131 8.36 -43.13 20.14
CA LYS C 131 7.76 -43.67 21.38
C LYS C 131 8.81 -44.21 22.33
N SER C 132 9.63 -45.14 21.84
CA SER C 132 10.73 -45.72 22.62
C SER C 132 12.09 -45.71 21.89
N LEU C 133 12.08 -45.57 20.55
CA LEU C 133 13.32 -45.40 19.77
C LEU C 133 13.40 -43.98 19.25
N PHE C 134 14.60 -43.44 19.21
CA PHE C 134 14.81 -42.04 18.84
C PHE C 134 16.10 -41.91 18.08
N SER C 135 16.42 -40.69 17.66
CA SER C 135 17.62 -40.50 16.86
C SER C 135 18.54 -39.42 17.40
N CYS C 136 18.06 -38.58 18.32
CA CYS C 136 18.97 -37.62 18.93
C CYS C 136 18.96 -37.69 20.45
N PRO C 137 20.10 -38.01 21.05
CA PRO C 137 20.29 -38.07 22.50
C PRO C 137 20.09 -36.71 23.19
N TYR C 138 20.44 -35.60 22.49
CA TYR C 138 20.30 -34.28 23.07
C TYR C 138 18.84 -33.98 23.33
N CYS C 139 17.99 -34.42 22.42
CA CYS C 139 16.56 -34.23 22.54
C CYS C 139 15.91 -35.23 23.51
N ASP C 140 16.31 -36.49 23.41
CA ASP C 140 15.51 -37.54 24.03
C ASP C 140 16.24 -38.39 25.07
N GLY C 141 17.49 -38.04 25.34
CA GLY C 141 18.32 -38.77 26.29
C GLY C 141 17.80 -38.73 27.72
N TRP C 142 17.40 -37.53 28.16
CA TRP C 142 16.96 -37.30 29.54
C TRP C 142 15.85 -38.22 30.01
N GLU C 143 14.86 -38.43 29.16
CA GLU C 143 13.73 -39.28 29.56
C GLU C 143 14.10 -40.76 29.54
N LEU C 144 15.28 -41.07 29.04
CA LEU C 144 15.73 -42.46 28.92
C LEU C 144 16.95 -42.72 29.79
N LYS C 145 17.34 -41.73 30.59
CA LYS C 145 18.55 -41.84 31.40
C LYS C 145 18.54 -43.05 32.35
N ASP C 146 19.68 -43.74 32.39
CA ASP C 146 19.91 -44.88 33.27
C ASP C 146 19.12 -46.14 32.93
N GLN C 147 18.29 -46.07 31.90
N GLN C 147 18.29 -46.08 31.89
CA GLN C 147 17.52 -47.23 31.44
CA GLN C 147 17.50 -47.23 31.45
C GLN C 147 18.38 -48.25 30.67
C GLN C 147 18.31 -48.21 30.57
N PRO C 148 17.85 -49.47 30.46
CA PRO C 148 18.48 -50.42 29.53
C PRO C 148 18.21 -50.16 28.05
N LEU C 149 19.22 -49.67 27.35
CA LEU C 149 19.04 -49.10 26.02
C LEU C 149 19.82 -49.85 24.98
N ILE C 150 19.29 -49.88 23.76
CA ILE C 150 19.97 -50.48 22.65
C ILE C 150 20.33 -49.36 21.64
N ILE C 151 21.49 -49.48 21.01
CA ILE C 151 21.81 -48.58 19.92
C ILE C 151 21.90 -49.41 18.66
N ILE C 152 21.00 -49.14 17.72
CA ILE C 152 21.02 -49.82 16.44
C ILE C 152 21.74 -48.97 15.41
N SER C 153 22.87 -49.47 14.91
CA SER C 153 23.72 -48.72 13.97
C SER C 153 24.39 -49.66 12.97
N GLU C 154 23.96 -49.58 11.71
CA GLU C 154 24.47 -50.48 10.69
C GLU C 154 25.81 -50.03 10.13
N ASN C 155 25.97 -48.72 9.93
CA ASN C 155 27.22 -48.15 9.42
C ASN C 155 28.20 -47.93 10.59
N GLU C 156 29.36 -48.57 10.52
CA GLU C 156 30.34 -48.47 11.60
C GLU C 156 30.89 -47.05 11.78
N ASP C 157 30.92 -46.30 10.67
CA ASP C 157 31.42 -44.92 10.64
C ASP C 157 30.73 -44.02 11.67
N HIS C 158 29.50 -44.38 12.04
CA HIS C 158 28.69 -43.59 12.96
C HIS C 158 28.57 -44.23 14.33
N THR C 159 29.02 -45.47 14.46
CA THR C 159 28.70 -46.23 15.65
C THR C 159 29.43 -45.75 16.91
N LEU C 160 30.71 -45.40 16.77
CA LEU C 160 31.49 -45.00 17.93
C LEU C 160 30.95 -43.70 18.52
N HIS C 161 30.74 -42.70 17.65
CA HIS C 161 30.18 -41.42 18.07
C HIS C 161 28.87 -41.53 18.87
N MSE C 162 27.88 -42.17 18.28
CA MSE C 162 26.59 -42.36 18.90
C MSE C 162 26.72 -43.04 20.27
O MSE C 162 26.03 -42.67 21.23
CB MSE C 162 25.72 -43.22 17.98
CG MSE C 162 24.27 -43.31 18.44
SE MSE C 162 23.53 -41.49 18.59
CE MSE C 162 21.69 -41.88 18.08
N THR C 163 27.59 -44.05 20.35
CA THR C 163 27.84 -44.77 21.60
C THR C 163 28.42 -43.87 22.68
N LYS C 164 29.52 -43.20 22.36
CA LYS C 164 30.12 -42.22 23.25
C LYS C 164 29.10 -41.21 23.74
N LEU C 165 28.20 -40.77 22.85
CA LEU C 165 27.26 -39.72 23.17
C LEU C 165 26.18 -40.25 24.11
N VAL C 166 25.53 -41.33 23.72
CA VAL C 166 24.47 -41.97 24.50
C VAL C 166 24.92 -42.40 25.90
N TYR C 167 26.18 -42.77 26.02
CA TYR C 167 26.76 -43.15 27.30
C TYR C 167 26.59 -42.10 28.40
N ASN C 168 26.51 -40.80 28.03
CA ASN C 168 26.23 -39.72 29.01
C ASN C 168 24.93 -39.99 29.74
N TRP C 169 23.95 -40.55 29.04
CA TRP C 169 22.63 -40.74 29.60
C TRP C 169 22.42 -42.12 30.29
N SER C 170 23.07 -43.15 29.76
CA SER C 170 23.00 -44.49 30.36
C SER C 170 24.21 -45.36 30.03
N THR C 171 24.73 -46.05 31.03
CA THR C 171 25.85 -46.94 30.81
C THR C 171 25.39 -48.39 30.57
N ASP C 172 24.08 -48.62 30.61
CA ASP C 172 23.53 -49.96 30.37
C ASP C 172 23.15 -50.04 28.90
N LEU C 173 24.15 -50.18 28.05
CA LEU C 173 23.98 -50.15 26.60
C LEU C 173 24.22 -51.50 25.96
N VAL C 174 23.62 -51.69 24.79
CA VAL C 174 23.93 -52.80 23.93
C VAL C 174 24.01 -52.23 22.53
N ILE C 175 25.07 -52.54 21.81
CA ILE C 175 25.15 -52.13 20.43
C ILE C 175 24.74 -53.25 19.50
N ALA C 176 23.84 -52.93 18.57
CA ALA C 176 23.36 -53.89 17.59
C ALA C 176 23.61 -53.38 16.18
N THR C 177 24.44 -54.09 15.42
CA THR C 177 24.80 -53.66 14.07
C THR C 177 23.81 -54.18 13.04
N ASN C 178 22.83 -54.96 13.49
CA ASN C 178 21.84 -55.55 12.60
C ASN C 178 22.42 -56.26 11.37
N GLY C 179 23.33 -57.21 11.60
CA GLY C 179 23.88 -58.03 10.52
C GLY C 179 25.10 -57.46 9.84
N ASN C 180 25.71 -56.42 10.41
CA ASN C 180 26.88 -55.81 9.81
C ASN C 180 28.07 -56.00 10.72
N GLU C 181 29.28 -55.94 10.17
CA GLU C 181 30.46 -56.14 11.00
C GLU C 181 31.03 -54.82 11.51
N LEU C 182 31.73 -54.91 12.64
CA LEU C 182 32.28 -53.76 13.34
C LEU C 182 33.78 -53.98 13.43
N SER C 183 34.58 -52.95 13.14
CA SER C 183 36.04 -53.10 13.08
C SER C 183 36.58 -53.56 14.42
N GLN C 184 37.78 -54.12 14.42
CA GLN C 184 38.32 -54.64 15.66
C GLN C 184 38.57 -53.48 16.62
N THR C 185 39.03 -52.36 16.06
CA THR C 185 39.29 -51.15 16.82
C THR C 185 38.06 -50.69 17.61
N ILE C 186 36.92 -50.61 16.94
CA ILE C 186 35.70 -50.15 17.59
C ILE C 186 35.20 -51.16 18.62
N MSE C 187 35.20 -52.43 18.24
CA MSE C 187 34.76 -53.50 19.14
C MSE C 187 35.56 -53.52 20.44
O MSE C 187 34.98 -53.65 21.53
CB MSE C 187 34.84 -54.86 18.45
CG MSE C 187 33.48 -55.54 18.26
SE MSE C 187 33.53 -56.90 16.85
CE MSE C 187 35.41 -57.30 16.92
N ASP C 188 36.88 -53.38 20.33
CA ASP C 188 37.77 -53.24 21.48
C ASP C 188 37.41 -52.08 22.41
N GLU C 189 37.15 -50.91 21.84
CA GLU C 189 36.83 -49.73 22.65
C GLU C 189 35.54 -49.93 23.43
N LEU C 190 34.57 -50.61 22.82
CA LEU C 190 33.31 -50.91 23.48
C LEU C 190 33.47 -51.95 24.59
N SER C 191 34.31 -52.96 24.36
CA SER C 191 34.55 -53.98 25.38
C SER C 191 35.21 -53.40 26.63
N ASN C 192 36.15 -52.48 26.45
CA ASN C 192 36.86 -51.86 27.57
C ASN C 192 35.94 -51.02 28.44
N LYS C 193 34.80 -50.63 27.87
CA LYS C 193 33.74 -49.91 28.60
C LYS C 193 32.57 -50.82 29.00
N ASN C 194 32.78 -52.14 29.00
CA ASN C 194 31.73 -53.11 29.33
C ASN C 194 30.45 -53.01 28.52
N ILE C 195 30.53 -52.50 27.30
CA ILE C 195 29.36 -52.39 26.43
C ILE C 195 29.32 -53.58 25.46
N PRO C 196 28.29 -54.44 25.58
CA PRO C 196 28.14 -55.60 24.70
C PRO C 196 27.83 -55.18 23.28
N VAL C 197 28.32 -55.97 22.33
CA VAL C 197 28.06 -55.79 20.92
C VAL C 197 27.45 -57.07 20.34
N ILE C 198 26.29 -56.95 19.70
CA ILE C 198 25.70 -58.05 18.95
C ILE C 198 25.66 -57.70 17.45
N THR C 199 26.31 -58.56 16.65
CA THR C 199 26.42 -58.36 15.22
C THR C 199 25.35 -59.09 14.41
N GLU C 200 24.55 -59.92 15.07
CA GLU C 200 23.51 -60.69 14.41
C GLU C 200 22.36 -59.81 13.92
N SER C 201 21.76 -60.20 12.80
CA SER C 201 20.57 -59.53 12.28
C SER C 201 19.42 -59.52 13.30
N ILE C 202 18.74 -58.39 13.43
CA ILE C 202 17.52 -58.32 14.24
C ILE C 202 16.35 -58.97 13.49
N ARG C 203 15.61 -59.84 14.15
CA ARG C 203 14.54 -60.54 13.47
C ARG C 203 13.22 -59.80 13.68
N THR C 204 13.10 -59.20 14.86
CA THR C 204 11.82 -58.72 15.38
C THR C 204 12.09 -57.78 16.56
N LEU C 205 11.24 -56.76 16.73
CA LEU C 205 11.19 -55.98 17.98
C LEU C 205 9.87 -56.36 18.61
N GLN C 206 9.79 -56.31 19.93
CA GLN C 206 8.52 -56.63 20.60
C GLN C 206 8.14 -55.57 21.64
N GLY C 207 6.84 -55.32 21.79
CA GLY C 207 6.35 -54.39 22.79
C GLY C 207 5.08 -53.72 22.31
N GLU C 208 4.01 -53.87 23.08
CA GLU C 208 2.70 -53.36 22.69
C GLU C 208 2.72 -51.86 22.43
N GLY C 209 1.96 -51.43 21.42
CA GLY C 209 1.80 -50.02 21.09
C GLY C 209 3.06 -49.18 20.93
N GLY C 210 4.13 -49.77 20.41
CA GLY C 210 5.32 -49.00 20.10
C GLY C 210 6.33 -48.79 21.22
N TYR C 211 6.10 -49.43 22.36
CA TYR C 211 7.02 -49.33 23.49
C TYR C 211 7.89 -50.59 23.67
N LEU C 212 9.17 -50.46 23.35
CA LEU C 212 10.08 -51.60 23.26
C LEU C 212 10.22 -52.40 24.56
N LYS C 213 10.17 -53.72 24.43
CA LYS C 213 10.36 -54.60 25.60
C LYS C 213 11.44 -55.61 25.32
N LYS C 214 11.40 -56.21 24.14
CA LYS C 214 12.44 -57.15 23.74
C LYS C 214 12.95 -57.00 22.30
N VAL C 215 14.23 -57.25 22.12
CA VAL C 215 14.81 -57.38 20.80
C VAL C 215 15.11 -58.86 20.49
N GLU C 216 14.64 -59.36 19.34
CA GLU C 216 14.95 -60.73 18.97
C GLU C 216 15.85 -60.83 17.74
N PHE C 217 16.89 -61.65 17.83
CA PHE C 217 17.87 -61.83 16.75
C PHE C 217 17.64 -63.08 15.94
N HIS C 218 18.28 -63.14 14.76
CA HIS C 218 18.01 -64.18 13.77
C HIS C 218 18.23 -65.56 14.38
N SER C 219 19.23 -65.68 15.25
CA SER C 219 19.54 -66.92 15.97
C SER C 219 18.43 -67.41 16.90
N GLY C 220 17.61 -66.49 17.42
CA GLY C 220 16.56 -66.81 18.36
C GLY C 220 16.78 -66.13 19.72
N LEU C 221 17.98 -65.58 19.88
CA LEU C 221 18.34 -64.82 21.08
C LEU C 221 17.36 -63.68 21.35
N ARG C 222 16.67 -63.75 22.49
CA ARG C 222 15.78 -62.67 22.92
C ARG C 222 16.35 -61.89 24.12
N ILE C 223 16.53 -60.59 23.93
CA ILE C 223 17.06 -59.74 24.99
C ILE C 223 16.00 -58.73 25.45
N GLU C 224 16.09 -58.28 26.68
CA GLU C 224 15.22 -57.21 27.15
C GLU C 224 15.95 -55.89 26.96
N ARG C 225 15.22 -54.94 26.38
CA ARG C 225 15.68 -53.56 26.17
C ARG C 225 14.44 -52.66 26.27
N ALA C 226 14.61 -51.46 26.84
CA ALA C 226 13.45 -50.60 27.11
C ALA C 226 13.27 -49.52 26.04
N GLY C 227 14.31 -49.33 25.23
CA GLY C 227 14.25 -48.29 24.25
C GLY C 227 15.65 -48.05 23.79
N GLY C 228 15.85 -46.94 23.07
CA GLY C 228 17.17 -46.67 22.57
C GLY C 228 17.23 -45.72 21.41
N PHE C 229 18.29 -45.87 20.63
CA PHE C 229 18.58 -44.97 19.53
C PHE C 229 18.89 -45.69 18.23
N ILE C 230 18.39 -45.14 17.14
CA ILE C 230 18.76 -45.62 15.82
C ILE C 230 19.54 -44.51 15.13
N VAL C 231 20.32 -44.88 14.12
CA VAL C 231 21.02 -43.90 13.31
C VAL C 231 20.38 -43.86 11.93
N PRO C 232 19.40 -42.96 11.74
CA PRO C 232 18.70 -42.94 10.45
C PRO C 232 19.50 -42.25 9.35
N THR C 233 19.12 -42.52 8.10
CA THR C 233 19.60 -41.76 6.95
C THR C 233 18.53 -40.71 6.65
N PHE C 234 18.94 -39.53 6.21
CA PHE C 234 17.96 -38.49 5.90
C PHE C 234 17.89 -38.18 4.42
N PHE C 235 16.67 -38.04 3.91
CA PHE C 235 16.51 -37.62 2.52
C PHE C 235 15.45 -36.50 2.41
N ARG C 236 15.44 -35.80 1.27
CA ARG C 236 14.44 -34.78 1.01
C ARG C 236 13.14 -35.40 0.50
N PRO C 237 12.00 -35.06 1.13
CA PRO C 237 10.77 -35.76 0.71
C PRO C 237 10.27 -35.30 -0.67
N ASN C 238 10.52 -34.03 -1.04
CA ASN C 238 10.08 -33.50 -2.32
C ASN C 238 11.21 -33.42 -3.32
N GLN C 239 10.86 -33.07 -4.56
CA GLN C 239 11.84 -32.89 -5.63
C GLN C 239 11.85 -31.43 -6.05
N PHE C 240 11.75 -30.54 -5.07
CA PHE C 240 11.63 -29.12 -5.36
C PHE C 240 12.95 -28.53 -5.83
N ILE C 241 14.06 -28.99 -5.24
CA ILE C 241 15.37 -28.50 -5.60
C ILE C 241 15.79 -28.91 -7.03
N GLU C 242 15.32 -30.07 -7.48
CA GLU C 242 15.58 -30.54 -8.83
C GLU C 242 14.73 -29.79 -9.83
N GLN C 243 13.44 -29.70 -9.55
CA GLN C 243 12.52 -29.05 -10.48
C GLN C 243 12.68 -27.52 -10.55
N LEU C 244 13.50 -26.97 -9.66
CA LEU C 244 13.87 -25.54 -9.67
C LEU C 244 15.30 -25.31 -10.15
N GLY C 245 16.08 -26.38 -10.27
CA GLY C 245 17.46 -26.28 -10.74
C GLY C 245 18.47 -25.61 -9.81
N CYS C 246 18.35 -25.83 -8.50
CA CYS C 246 19.40 -25.37 -7.58
C CYS C 246 20.70 -26.16 -7.77
N GLU C 247 21.83 -25.45 -7.72
CA GLU C 247 23.15 -26.08 -7.91
C GLU C 247 23.74 -26.64 -6.61
N LEU C 248 24.25 -27.88 -6.67
CA LEU C 248 24.91 -28.51 -5.53
C LEU C 248 26.24 -27.80 -5.24
N GLN C 249 26.52 -27.53 -3.98
CA GLN C 249 27.73 -26.80 -3.62
C GLN C 249 28.88 -27.71 -3.26
N SER C 250 29.95 -27.12 -2.73
CA SER C 250 31.15 -27.89 -2.38
C SER C 250 31.13 -28.38 -0.92
N ASN C 251 29.96 -28.38 -0.32
CA ASN C 251 29.78 -28.90 1.03
C ASN C 251 28.64 -29.89 1.06
N GLY C 252 28.11 -30.22 -0.11
CA GLY C 252 27.04 -31.20 -0.22
C GLY C 252 25.65 -30.64 0.02
N THR C 253 25.58 -29.33 0.30
CA THR C 253 24.30 -28.65 0.45
C THR C 253 24.02 -27.78 -0.79
N PHE C 254 22.92 -27.04 -0.74
CA PHE C 254 22.55 -26.19 -1.85
C PHE C 254 22.58 -24.74 -1.41
N VAL C 255 23.38 -24.46 -0.39
CA VAL C 255 23.40 -23.17 0.27
C VAL C 255 24.70 -22.40 0.01
N ILE C 256 24.56 -21.09 -0.19
CA ILE C 256 25.66 -20.21 -0.63
C ILE C 256 26.21 -19.35 0.51
N ASP C 257 25.32 -18.93 1.41
CA ASP C 257 25.76 -18.11 2.54
C ASP C 257 25.12 -18.58 3.84
N ASP C 258 25.19 -17.76 4.88
CA ASP C 258 24.63 -18.10 6.19
C ASP C 258 23.14 -17.70 6.33
N PHE C 259 22.52 -17.30 5.24
CA PHE C 259 21.15 -16.83 5.31
C PHE C 259 20.19 -17.70 4.54
N GLY C 260 20.74 -18.63 3.78
CA GLY C 260 19.90 -19.61 3.10
C GLY C 260 19.71 -19.36 1.61
N ARG C 261 20.57 -18.52 1.04
CA ARG C 261 20.54 -18.25 -0.41
C ARG C 261 21.06 -19.46 -1.20
N THR C 262 20.67 -19.57 -2.46
CA THR C 262 21.11 -20.69 -3.28
C THR C 262 21.83 -20.19 -4.52
N SER C 263 21.89 -21.03 -5.55
CA SER C 263 22.52 -20.67 -6.82
C SER C 263 21.47 -20.11 -7.77
N GLU C 264 20.22 -20.17 -7.35
CA GLU C 264 19.13 -19.65 -8.14
C GLU C 264 18.63 -18.37 -7.48
N LYS C 265 18.60 -17.28 -8.23
CA LYS C 265 18.12 -16.01 -7.72
C LYS C 265 16.70 -16.20 -7.21
N ASN C 266 16.41 -15.60 -6.06
CA ASN C 266 15.06 -15.64 -5.51
C ASN C 266 14.63 -17.00 -4.93
N ILE C 267 15.55 -17.97 -4.88
CA ILE C 267 15.33 -19.22 -4.12
C ILE C 267 16.13 -19.25 -2.81
N TYR C 268 15.41 -19.49 -1.70
CA TYR C 268 15.98 -19.56 -0.36
C TYR C 268 15.73 -20.90 0.36
N LEU C 269 16.63 -21.27 1.27
CA LEU C 269 16.42 -22.46 2.10
C LEU C 269 16.50 -22.13 3.59
N ALA C 270 15.72 -22.84 4.41
CA ALA C 270 15.77 -22.67 5.86
C ALA C 270 15.42 -23.96 6.58
N GLY C 271 16.10 -24.22 7.70
CA GLY C 271 15.81 -25.38 8.53
C GLY C 271 16.60 -26.59 8.08
N GLU C 272 16.13 -27.78 8.43
CA GLU C 272 16.86 -28.98 8.08
C GLU C 272 17.03 -29.19 6.57
N THR C 273 16.19 -28.53 5.77
CA THR C 273 16.37 -28.43 4.31
C THR C 273 17.79 -28.05 3.90
N THR C 274 18.39 -27.13 4.66
CA THR C 274 19.67 -26.55 4.32
C THR C 274 20.80 -27.55 4.46
N THR C 275 21.02 -28.01 5.68
CA THR C 275 22.05 -29.02 5.97
C THR C 275 21.71 -30.37 5.37
N GLN C 276 20.42 -30.61 5.12
CA GLN C 276 19.94 -31.94 4.78
C GLN C 276 20.44 -32.92 5.85
N GLY C 277 20.33 -32.48 7.10
CA GLY C 277 20.81 -33.21 8.25
C GLY C 277 20.04 -32.69 9.44
N PRO C 278 20.01 -33.46 10.54
CA PRO C 278 19.22 -33.19 11.75
C PRO C 278 19.72 -32.01 12.62
N SER C 279 18.80 -31.17 13.10
CA SER C 279 19.16 -30.08 14.01
C SER C 279 18.30 -30.09 15.26
N SER C 280 17.49 -29.05 15.45
CA SER C 280 16.54 -28.98 16.58
C SER C 280 15.53 -27.90 16.22
N LEU C 281 14.44 -27.81 16.99
CA LEU C 281 13.42 -26.80 16.76
C LEU C 281 13.96 -25.37 16.78
N ILE C 282 14.89 -25.10 17.70
CA ILE C 282 15.34 -23.73 17.94
C ILE C 282 16.38 -23.29 16.88
N ILE C 283 17.21 -24.24 16.44
CA ILE C 283 18.17 -23.94 15.39
C ILE C 283 17.44 -23.70 14.08
N ALA C 284 16.50 -24.59 13.76
CA ALA C 284 15.65 -24.43 12.58
C ALA C 284 14.93 -23.07 12.60
N ALA C 285 14.27 -22.75 13.72
CA ALA C 285 13.64 -21.45 13.89
C ALA C 285 14.63 -20.30 13.61
N SER C 286 15.82 -20.38 14.21
CA SER C 286 16.86 -19.40 13.98
C SER C 286 17.21 -19.22 12.49
N GLN C 287 17.21 -20.32 11.75
CA GLN C 287 17.50 -20.27 10.33
C GLN C 287 16.35 -19.65 9.56
N GLY C 288 15.13 -19.87 10.06
CA GLY C 288 13.96 -19.20 9.52
C GLY C 288 14.09 -17.69 9.64
N ASN C 289 14.56 -17.23 10.80
CA ASN C 289 14.72 -15.80 11.04
C ASN C 289 15.74 -15.23 10.07
N LYS C 290 16.86 -15.94 9.92
CA LYS C 290 17.93 -15.51 9.01
C LYS C 290 17.44 -15.40 7.57
N ALA C 291 16.69 -16.40 7.10
CA ALA C 291 16.19 -16.41 5.74
C ALA C 291 15.28 -15.21 5.47
N ALA C 292 14.46 -14.87 6.45
CA ALA C 292 13.49 -13.78 6.34
C ALA C 292 14.17 -12.42 6.21
N ILE C 293 15.25 -12.25 6.95
CA ILE C 293 16.07 -11.05 6.88
C ILE C 293 16.67 -10.91 5.49
N ALA C 294 17.21 -12.00 4.96
CA ALA C 294 17.83 -12.00 3.65
C ALA C 294 16.78 -11.74 2.57
N ILE C 295 15.62 -12.36 2.71
CA ILE C 295 14.55 -12.21 1.75
C ILE C 295 14.10 -10.75 1.73
N ASN C 296 13.91 -10.17 2.92
CA ASN C 296 13.51 -8.78 3.02
C ASN C 296 14.62 -7.82 2.58
N SER C 297 15.86 -8.20 2.84
CA SER C 297 16.99 -7.43 2.35
C SER C 297 17.04 -7.37 0.82
N ASP C 298 16.89 -8.52 0.17
CA ASP C 298 16.87 -8.55 -1.28
C ASP C 298 15.70 -7.73 -1.89
N ILE C 299 14.54 -7.75 -1.23
CA ILE C 299 13.37 -7.06 -1.76
C ILE C 299 13.57 -5.56 -1.62
N THR C 300 14.15 -5.17 -0.49
CA THR C 300 14.46 -3.79 -0.21
C THR C 300 15.40 -3.15 -1.25
N ASP C 301 16.41 -3.88 -1.71
CA ASP C 301 17.37 -3.33 -2.66
C ASP C 301 16.81 -3.17 -4.06
N GLU C 302 15.87 -4.02 -4.44
CA GLU C 302 15.33 -3.94 -5.79
C GLU C 302 14.13 -3.01 -5.89
N ARG C 303 13.60 -2.59 -4.75
CA ARG C 303 12.43 -1.72 -4.75
C ARG C 303 12.81 -0.30 -4.33
N PHE C 304 14.02 -0.15 -3.81
CA PHE C 304 14.55 1.15 -3.42
C PHE C 304 15.88 1.33 -4.15
N TYR D 6 31.56 -29.86 42.19
CA TYR D 6 32.20 -29.98 40.88
C TYR D 6 31.38 -29.27 39.81
N ILE D 7 31.88 -28.15 39.29
CA ILE D 7 31.17 -27.47 38.19
C ILE D 7 31.76 -27.81 36.83
N ASP D 8 30.94 -28.44 35.99
CA ASP D 8 31.30 -28.72 34.60
C ASP D 8 31.38 -27.42 33.79
N CYS D 9 30.34 -26.60 33.88
CA CYS D 9 30.31 -25.37 33.13
C CYS D 9 29.66 -24.18 33.87
N ALA D 10 30.44 -23.14 34.06
CA ALA D 10 29.89 -21.87 34.51
C ALA D 10 29.30 -21.16 33.30
N VAL D 11 27.98 -20.98 33.30
CA VAL D 11 27.33 -20.20 32.28
C VAL D 11 27.12 -18.77 32.77
N ILE D 12 27.81 -17.82 32.14
CA ILE D 12 27.71 -16.41 32.51
C ILE D 12 26.66 -15.68 31.65
N GLY D 13 25.52 -15.36 32.24
CA GLY D 13 24.41 -14.74 31.53
C GLY D 13 23.21 -15.67 31.34
N ALA D 14 22.04 -15.21 31.74
CA ALA D 14 20.81 -15.97 31.52
C ALA D 14 19.78 -15.21 30.65
N GLY D 15 20.25 -14.71 29.53
CA GLY D 15 19.35 -14.33 28.44
C GLY D 15 19.03 -15.60 27.65
N PRO D 16 18.48 -15.42 26.44
CA PRO D 16 18.17 -16.58 25.60
C PRO D 16 19.36 -17.48 25.39
N ALA D 17 20.56 -16.93 25.23
CA ALA D 17 21.71 -17.76 24.91
C ALA D 17 22.10 -18.65 26.08
N GLY D 18 22.21 -18.08 27.27
CA GLY D 18 22.62 -18.84 28.43
C GLY D 18 21.54 -19.77 28.93
N LEU D 19 20.28 -19.37 28.76
CA LEU D 19 19.16 -20.22 29.16
C LEU D 19 19.05 -21.46 28.28
N ASN D 20 19.06 -21.27 26.96
CA ASN D 20 18.98 -22.43 26.07
C ASN D 20 20.21 -23.32 26.17
N ALA D 21 21.36 -22.74 26.50
CA ALA D 21 22.55 -23.54 26.69
C ALA D 21 22.39 -24.37 27.98
N SER D 22 22.02 -23.71 29.07
CA SER D 22 21.74 -24.36 30.35
C SER D 22 20.68 -25.45 30.25
N LEU D 23 19.65 -25.21 29.45
CA LEU D 23 18.57 -26.17 29.30
C LEU D 23 19.09 -27.48 28.69
N VAL D 24 19.84 -27.37 27.60
CA VAL D 24 20.37 -28.54 26.92
C VAL D 24 21.44 -29.22 27.76
N LEU D 25 22.20 -28.44 28.51
CA LEU D 25 23.27 -28.98 29.35
C LEU D 25 22.71 -29.73 30.57
N GLY D 26 21.73 -29.15 31.25
CA GLY D 26 21.01 -29.82 32.31
C GLY D 26 20.33 -31.12 31.85
N ARG D 27 19.67 -31.07 30.70
CA ARG D 27 19.15 -32.31 30.14
C ARG D 27 20.27 -33.30 29.75
N ALA D 28 21.51 -32.84 29.70
CA ALA D 28 22.65 -33.69 29.34
C ALA D 28 23.40 -34.11 30.61
N ARG D 29 22.78 -33.82 31.76
CA ARG D 29 23.28 -34.23 33.08
C ARG D 29 24.57 -33.54 33.48
N LYS D 30 24.83 -32.36 32.95
CA LYS D 30 26.08 -31.70 33.28
C LYS D 30 25.87 -30.69 34.42
N GLN D 31 26.87 -30.55 35.29
CA GLN D 31 26.75 -29.64 36.45
C GLN D 31 26.96 -28.16 36.05
N ILE D 32 25.89 -27.37 36.16
CA ILE D 32 25.92 -26.01 35.66
C ILE D 32 25.72 -24.96 36.76
N ALA D 33 26.64 -23.99 36.81
CA ALA D 33 26.46 -22.80 37.63
C ALA D 33 26.05 -21.65 36.68
N LEU D 34 24.81 -21.17 36.81
CA LEU D 34 24.27 -20.14 35.90
C LEU D 34 24.18 -18.77 36.60
N PHE D 35 24.85 -17.77 36.03
CA PHE D 35 24.89 -16.43 36.66
C PHE D 35 24.12 -15.41 35.85
N ASP D 36 23.41 -14.52 36.55
CA ASP D 36 22.75 -13.41 35.90
C ASP D 36 22.42 -12.32 36.92
N ASN D 37 22.58 -11.05 36.50
CA ASN D 37 22.42 -9.91 37.40
C ASN D 37 21.42 -8.87 36.91
N ASN D 38 20.58 -9.29 35.95
CA ASN D 38 19.47 -8.47 35.43
C ASN D 38 19.91 -7.15 34.81
N THR D 39 20.94 -7.21 33.96
CA THR D 39 21.43 -6.05 33.25
C THR D 39 21.37 -6.21 31.73
N ASN D 40 20.41 -7.01 31.25
CA ASN D 40 20.20 -7.24 29.81
C ASN D 40 19.72 -5.99 29.08
N ARG D 41 20.34 -5.63 27.95
CA ARG D 41 19.98 -4.40 27.23
C ARG D 41 18.47 -4.32 26.91
N ASN D 42 17.80 -5.44 26.68
CA ASN D 42 16.37 -5.40 26.36
C ASN D 42 15.44 -5.15 27.55
N ARG D 43 16.02 -4.87 28.71
CA ARG D 43 15.23 -4.60 29.90
C ARG D 43 14.46 -3.27 29.75
N VAL D 44 14.88 -2.42 28.79
CA VAL D 44 14.28 -1.10 28.59
C VAL D 44 13.06 -1.12 27.69
N THR D 45 12.74 -2.28 27.15
CA THR D 45 11.62 -2.41 26.21
C THR D 45 10.43 -3.12 26.90
N GLN D 46 9.21 -2.79 26.49
N GLN D 46 9.21 -2.80 26.50
CA GLN D 46 8.02 -3.33 27.15
CA GLN D 46 8.03 -3.38 27.18
C GLN D 46 7.56 -4.68 26.60
C GLN D 46 7.49 -4.65 26.52
N ASN D 47 7.79 -4.90 25.32
N ASN D 47 7.79 -4.84 25.24
CA ASN D 47 7.41 -6.16 24.68
CA ASN D 47 7.40 -6.08 24.57
C ASN D 47 8.48 -6.57 23.68
C ASN D 47 8.59 -6.62 23.78
N SER D 48 8.44 -7.83 23.24
CA SER D 48 9.40 -8.30 22.24
C SER D 48 8.67 -9.16 21.24
N HIS D 49 9.20 -9.20 20.02
CA HIS D 49 8.51 -9.87 18.93
C HIS D 49 9.53 -10.63 18.10
N GLY D 50 9.09 -11.56 17.25
CA GLY D 50 10.01 -12.30 16.38
C GLY D 50 10.45 -13.70 16.78
N PHE D 51 10.24 -14.06 18.05
CA PHE D 51 10.57 -15.39 18.59
C PHE D 51 9.35 -16.28 18.44
N ILE D 52 9.38 -17.27 17.54
CA ILE D 52 8.16 -18.06 17.25
C ILE D 52 7.57 -18.69 18.52
N THR D 53 6.24 -18.63 18.63
CA THR D 53 5.46 -19.00 19.84
C THR D 53 5.56 -18.03 21.03
N ARG D 54 6.45 -17.05 20.96
CA ARG D 54 6.55 -16.05 22.03
C ARG D 54 6.46 -14.61 21.52
N ASP D 55 5.65 -14.39 20.50
CA ASP D 55 5.59 -13.09 19.84
C ASP D 55 4.71 -12.19 20.67
N GLY D 56 5.29 -11.14 21.24
CA GLY D 56 4.54 -10.24 22.10
C GLY D 56 4.99 -10.26 23.54
N ILE D 57 5.69 -11.31 23.94
CA ILE D 57 6.04 -11.50 25.34
C ILE D 57 6.89 -10.36 25.95
N LYS D 58 6.55 -9.98 27.18
CA LYS D 58 7.41 -9.11 27.96
C LYS D 58 8.79 -9.75 28.18
N PRO D 59 9.85 -8.96 28.05
CA PRO D 59 11.22 -9.47 28.19
C PRO D 59 11.49 -10.15 29.54
N GLU D 60 10.86 -9.66 30.60
CA GLU D 60 11.04 -10.26 31.92
C GLU D 60 10.25 -11.55 32.08
N GLU D 61 9.11 -11.66 31.42
CA GLU D 61 8.34 -12.88 31.48
C GLU D 61 9.08 -14.01 30.76
N PHE D 62 9.78 -13.64 29.69
CA PHE D 62 10.58 -14.59 28.91
C PHE D 62 11.71 -15.20 29.76
N LYS D 63 12.48 -14.33 30.42
CA LYS D 63 13.57 -14.76 31.27
C LYS D 63 13.05 -15.61 32.43
N GLU D 64 11.85 -15.29 32.92
CA GLU D 64 11.26 -15.97 34.07
C GLU D 64 10.79 -17.38 33.69
N ILE D 65 10.11 -17.50 32.56
CA ILE D 65 9.68 -18.79 32.06
C ILE D 65 10.89 -19.67 31.73
N GLY D 66 11.94 -19.06 31.19
CA GLY D 66 13.17 -19.76 30.91
C GLY D 66 13.88 -20.27 32.16
N LEU D 67 13.97 -19.45 33.20
CA LEU D 67 14.63 -19.87 34.42
C LEU D 67 13.90 -21.02 35.10
N ASN D 68 12.57 -20.97 35.10
CA ASN D 68 11.79 -22.02 35.74
C ASN D 68 11.93 -23.35 35.01
N GLU D 69 12.12 -23.26 33.69
CA GLU D 69 12.28 -24.48 32.90
C GLU D 69 13.58 -25.15 33.20
N VAL D 70 14.65 -24.36 33.12
CA VAL D 70 15.99 -24.81 33.47
C VAL D 70 16.13 -25.38 34.91
N MSE D 71 15.45 -24.76 35.87
CA MSE D 71 15.56 -25.21 37.26
C MSE D 71 14.77 -26.49 37.55
O MSE D 71 14.75 -26.96 38.67
CB MSE D 71 15.18 -24.10 38.24
CG MSE D 71 16.21 -22.94 38.32
SE MSE D 71 15.56 -21.37 39.33
CE MSE D 71 14.96 -22.31 40.96
N LYS D 72 14.15 -27.06 36.52
CA LYS D 72 13.55 -28.37 36.63
C LYS D 72 14.61 -29.48 36.66
N TYR D 73 15.78 -29.17 36.10
CA TYR D 73 16.90 -30.11 36.03
C TYR D 73 17.86 -29.88 37.19
N PRO D 74 18.04 -30.90 38.04
CA PRO D 74 18.72 -30.70 39.33
C PRO D 74 20.22 -30.43 39.24
N SER D 75 20.85 -30.74 38.10
CA SER D 75 22.25 -30.39 37.91
C SER D 75 22.47 -28.90 37.55
N VAL D 76 21.40 -28.12 37.44
CA VAL D 76 21.57 -26.68 37.17
C VAL D 76 21.37 -25.83 38.41
N HIS D 77 22.36 -24.99 38.74
CA HIS D 77 22.23 -24.07 39.86
C HIS D 77 22.29 -22.61 39.42
N TYR D 78 21.30 -21.85 39.87
CA TYR D 78 21.14 -20.46 39.48
C TYR D 78 21.61 -19.50 40.57
N TYR D 79 22.46 -18.55 40.18
CA TYR D 79 22.97 -17.55 41.11
C TYR D 79 22.67 -16.13 40.62
N GLU D 80 21.79 -15.44 41.31
CA GLU D 80 21.48 -14.08 40.92
C GLU D 80 22.58 -13.15 41.44
N LYS D 81 23.69 -13.08 40.69
CA LYS D 81 24.88 -12.39 41.16
C LYS D 81 25.66 -11.77 40.01
N THR D 82 26.46 -10.76 40.34
CA THR D 82 27.34 -10.10 39.39
C THR D 82 28.71 -10.79 39.40
N VAL D 83 29.07 -11.40 38.28
CA VAL D 83 30.41 -11.91 38.09
C VAL D 83 31.37 -10.73 37.77
N VAL D 84 32.43 -10.57 38.55
CA VAL D 84 33.37 -9.49 38.33
C VAL D 84 34.73 -9.95 37.78
N MSE D 85 35.02 -11.25 37.89
CA MSE D 85 36.33 -11.72 37.45
C MSE D 85 36.31 -13.20 37.13
O MSE D 85 35.60 -13.98 37.76
CB MSE D 85 37.38 -11.41 38.50
CG MSE D 85 38.79 -11.41 37.97
SE MSE D 85 40.10 -10.99 39.35
CE MSE D 85 41.67 -10.83 38.21
N ILE D 86 37.08 -13.60 36.14
CA ILE D 86 37.17 -14.98 35.74
C ILE D 86 38.64 -15.22 35.40
N THR D 87 39.25 -16.19 36.08
CA THR D 87 40.68 -16.37 35.95
C THR D 87 41.05 -17.83 35.77
N LYS D 88 41.95 -18.11 34.83
CA LYS D 88 42.45 -19.46 34.65
C LYS D 88 43.47 -19.79 35.74
N GLN D 89 43.25 -20.89 36.44
CA GLN D 89 44.12 -21.27 37.55
C GLN D 89 45.29 -22.16 37.14
N SER D 90 46.24 -22.29 38.07
CA SER D 90 47.36 -23.22 37.96
C SER D 90 46.90 -24.62 37.55
N THR D 91 45.77 -25.06 38.10
CA THR D 91 45.21 -26.37 37.81
C THR D 91 44.58 -26.46 36.42
N GLY D 92 44.34 -25.30 35.79
CA GLY D 92 43.69 -25.28 34.48
C GLY D 92 42.19 -25.04 34.58
N LEU D 93 41.64 -25.17 35.78
CA LEU D 93 40.24 -24.81 36.03
C LEU D 93 40.09 -23.31 36.00
N PHE D 94 38.85 -22.82 35.98
CA PHE D 94 38.60 -21.37 35.98
C PHE D 94 37.97 -20.92 37.30
N GLU D 95 38.52 -19.89 37.90
CA GLU D 95 37.94 -19.30 39.11
C GLU D 95 37.01 -18.13 38.77
N ILE D 96 35.73 -18.28 39.10
CA ILE D 96 34.75 -17.22 38.92
C ILE D 96 34.60 -16.48 40.24
N VAL D 97 34.65 -15.16 40.20
CA VAL D 97 34.54 -14.37 41.40
C VAL D 97 33.38 -13.40 41.25
N THR D 98 32.48 -13.40 42.22
CA THR D 98 31.35 -12.49 42.19
C THR D 98 31.60 -11.23 43.03
N LYS D 99 30.68 -10.28 42.91
CA LYS D 99 30.85 -8.97 43.51
C LYS D 99 30.79 -9.04 45.04
N ASP D 100 30.00 -9.96 45.58
CA ASP D 100 29.94 -10.23 47.03
C ASP D 100 31.04 -11.15 47.54
N HIS D 101 32.02 -11.44 46.69
CA HIS D 101 33.25 -12.18 47.07
C HIS D 101 33.17 -13.71 47.13
N THR D 102 32.10 -14.27 46.56
CA THR D 102 32.00 -15.71 46.44
C THR D 102 32.84 -16.19 45.24
N LYS D 103 33.45 -17.35 45.39
CA LYS D 103 34.28 -17.94 44.35
C LYS D 103 33.74 -19.32 43.95
N TYR D 104 33.90 -19.66 42.69
CA TYR D 104 33.45 -20.93 42.17
C TYR D 104 34.53 -21.47 41.24
N LEU D 105 34.78 -22.76 41.29
CA LEU D 105 35.70 -23.38 40.35
C LEU D 105 34.95 -24.09 39.22
N ALA D 106 35.38 -23.85 38.00
CA ALA D 106 34.67 -24.44 36.87
C ALA D 106 35.64 -25.01 35.84
N GLU D 107 35.29 -26.16 35.29
CA GLU D 107 36.14 -26.79 34.29
C GLU D 107 36.00 -26.07 32.95
N ARG D 108 34.78 -25.63 32.63
CA ARG D 108 34.56 -24.84 31.42
C ARG D 108 33.75 -23.60 31.75
N VAL D 109 33.89 -22.60 30.87
CA VAL D 109 33.13 -21.36 30.98
C VAL D 109 32.46 -20.96 29.66
N LEU D 110 31.16 -20.69 29.74
CA LEU D 110 30.41 -20.19 28.60
C LEU D 110 30.00 -18.76 28.89
N LEU D 111 30.55 -17.82 28.12
CA LEU D 111 30.23 -16.40 28.20
C LEU D 111 29.01 -16.05 27.34
N ALA D 112 27.91 -15.69 28.00
CA ALA D 112 26.66 -15.37 27.33
C ALA D 112 26.12 -14.08 27.93
N THR D 113 27.00 -13.08 28.06
CA THR D 113 26.70 -11.82 28.74
C THR D 113 26.25 -10.74 27.78
N GLY D 114 25.97 -11.13 26.54
CA GLY D 114 25.41 -10.22 25.56
C GLY D 114 26.24 -8.98 25.36
N MSE D 115 25.60 -7.88 24.99
N MSE D 115 25.56 -7.89 25.00
CA MSE D 115 26.31 -6.62 24.85
CA MSE D 115 26.20 -6.64 24.63
C MSE D 115 25.54 -5.46 25.44
C MSE D 115 25.48 -5.47 25.31
O MSE D 115 24.53 -5.66 26.12
O MSE D 115 24.44 -5.67 25.94
CB MSE D 115 26.64 -6.34 23.38
CB MSE D 115 26.17 -6.49 23.11
CG MSE D 115 25.46 -6.48 22.44
CG MSE D 115 27.45 -5.95 22.48
SE MSE D 115 26.08 -6.28 20.61
SE MSE D 115 28.87 -7.26 22.04
CE MSE D 115 27.75 -7.26 20.82
CE MSE D 115 30.09 -5.98 21.13
N GLN D 116 26.02 -4.26 25.18
CA GLN D 116 25.41 -3.06 25.76
C GLN D 116 25.54 -1.84 24.82
N GLU D 117 24.55 -0.95 24.82
CA GLU D 117 24.57 0.20 23.90
C GLU D 117 25.34 1.39 24.43
N GLU D 118 26.21 1.94 23.59
CA GLU D 118 26.74 3.28 23.81
C GLU D 118 26.02 4.20 22.83
N PHE D 119 25.51 5.31 23.32
CA PHE D 119 24.67 6.14 22.47
C PHE D 119 25.38 7.33 21.89
N PRO D 120 24.91 7.76 20.69
CA PRO D 120 25.30 9.04 20.11
C PRO D 120 25.08 10.13 21.15
N SER D 121 25.93 11.16 21.10
CA SER D 121 25.78 12.28 22.00
C SER D 121 24.58 13.13 21.58
N ILE D 122 23.39 12.62 21.86
CA ILE D 122 22.15 13.36 21.69
C ILE D 122 21.49 13.37 23.06
N PRO D 123 21.24 14.57 23.62
CA PRO D 123 20.75 14.73 25.00
C PRO D 123 19.55 13.84 25.32
N ASN D 124 19.73 12.98 26.32
CA ASN D 124 18.60 12.27 26.93
C ASN D 124 17.92 11.23 26.02
N VAL D 125 18.62 10.73 25.00
CA VAL D 125 18.06 9.62 24.20
C VAL D 125 17.78 8.37 25.01
N ARG D 126 18.45 8.19 26.15
CA ARG D 126 18.21 7.02 26.98
C ARG D 126 16.76 6.96 27.46
N GLU D 127 16.16 8.14 27.65
CA GLU D 127 14.77 8.20 28.08
C GLU D 127 13.84 7.66 26.99
N TYR D 128 14.24 7.82 25.75
CA TYR D 128 13.38 7.43 24.63
C TYR D 128 13.68 6.02 24.10
N TYR D 129 14.91 5.54 24.28
CA TYR D 129 15.29 4.22 23.82
C TYR D 129 14.48 3.11 24.50
N GLY D 130 13.84 2.29 23.69
CA GLY D 130 13.01 1.22 24.21
C GLY D 130 11.54 1.57 24.29
N LYS D 131 11.23 2.85 24.17
CA LYS D 131 9.84 3.31 24.22
C LYS D 131 9.34 3.90 22.91
N SER D 132 10.15 4.78 22.30
CA SER D 132 9.80 5.37 21.02
C SER D 132 10.98 5.47 20.07
N LEU D 133 12.21 5.40 20.57
CA LEU D 133 13.36 5.18 19.69
C LEU D 133 13.87 3.74 19.85
N PHE D 134 14.25 3.13 18.73
CA PHE D 134 14.67 1.73 18.72
C PHE D 134 15.91 1.56 17.85
N SER D 135 16.42 0.35 17.74
CA SER D 135 17.65 0.13 16.99
C SER D 135 17.46 -0.84 15.85
N CYS D 136 16.41 -1.64 15.93
CA CYS D 136 16.24 -2.70 14.94
C CYS D 136 14.85 -2.71 14.30
N PRO D 137 14.77 -2.37 13.02
CA PRO D 137 13.51 -2.31 12.29
C PRO D 137 12.78 -3.65 12.26
N TYR D 138 13.51 -4.75 12.12
CA TYR D 138 12.88 -6.08 12.18
C TYR D 138 12.21 -6.29 13.52
N CYS D 139 12.89 -5.91 14.59
CA CYS D 139 12.31 -6.09 15.92
C CYS D 139 11.13 -5.16 16.15
N ASP D 140 11.27 -3.89 15.78
CA ASP D 140 10.28 -2.90 16.22
C ASP D 140 9.54 -2.09 15.15
N GLY D 141 9.67 -2.50 13.89
CA GLY D 141 9.12 -1.73 12.79
C GLY D 141 7.60 -1.80 12.74
N TRP D 142 7.07 -3.00 12.96
CA TRP D 142 5.63 -3.22 12.82
C TRP D 142 4.76 -2.29 13.70
N GLU D 143 5.14 -2.11 14.96
CA GLU D 143 4.38 -1.27 15.88
C GLU D 143 4.54 0.23 15.60
N LEU D 144 5.36 0.55 14.61
CA LEU D 144 5.74 1.91 14.32
C LEU D 144 5.39 2.22 12.85
N LYS D 145 4.75 1.26 12.19
CA LYS D 145 4.42 1.39 10.77
C LYS D 145 3.57 2.63 10.44
N ASP D 146 3.87 3.25 9.29
CA ASP D 146 3.11 4.38 8.74
C ASP D 146 3.06 5.57 9.67
N GLN D 147 4.05 5.71 10.55
CA GLN D 147 4.08 6.84 11.45
C GLN D 147 5.21 7.77 11.05
N PRO D 148 5.13 9.04 11.46
CA PRO D 148 6.24 9.95 11.15
C PRO D 148 7.49 9.65 11.98
N LEU D 149 8.46 9.00 11.35
CA LEU D 149 9.65 8.53 12.06
C LEU D 149 10.87 9.38 11.79
N ILE D 150 11.77 9.39 12.75
CA ILE D 150 13.08 9.99 12.57
C ILE D 150 14.16 8.89 12.53
N ILE D 151 15.18 9.13 11.73
CA ILE D 151 16.33 8.25 11.70
C ILE D 151 17.54 9.07 12.07
N ILE D 152 18.15 8.73 13.19
CA ILE D 152 19.31 9.44 13.67
C ILE D 152 20.51 8.57 13.42
N SER D 153 21.45 9.05 12.63
CA SER D 153 22.62 8.24 12.34
C SER D 153 23.80 9.11 11.90
N GLU D 154 24.96 8.88 12.51
CA GLU D 154 26.11 9.75 12.30
C GLU D 154 27.04 9.30 11.16
N ASN D 155 26.95 8.03 10.77
CA ASN D 155 27.79 7.46 9.72
C ASN D 155 27.04 7.27 8.41
N GLU D 156 27.49 7.97 7.36
CA GLU D 156 26.75 8.08 6.11
C GLU D 156 26.27 6.77 5.48
N ASP D 157 27.15 5.78 5.41
CA ASP D 157 26.82 4.52 4.74
C ASP D 157 25.80 3.70 5.50
N HIS D 158 25.85 3.77 6.82
CA HIS D 158 24.85 3.07 7.58
C HIS D 158 23.50 3.80 7.52
N THR D 159 23.56 5.12 7.39
CA THR D 159 22.36 5.94 7.23
C THR D 159 21.53 5.53 6.00
N LEU D 160 22.16 5.44 4.84
CA LEU D 160 21.52 4.92 3.64
C LEU D 160 20.94 3.50 3.82
N HIS D 161 21.64 2.64 4.57
CA HIS D 161 21.11 1.30 4.80
C HIS D 161 19.88 1.34 5.72
N MSE D 162 20.02 2.01 6.85
CA MSE D 162 18.94 2.16 7.83
C MSE D 162 17.69 2.78 7.19
O MSE D 162 16.57 2.33 7.42
CB MSE D 162 19.44 3.00 9.02
CG MSE D 162 18.64 2.90 10.32
SE MSE D 162 18.30 1.07 10.98
CE MSE D 162 20.00 0.27 10.54
N THR D 163 17.90 3.80 6.35
CA THR D 163 16.81 4.48 5.67
C THR D 163 16.06 3.55 4.73
N LYS D 164 16.78 2.86 3.87
CA LYS D 164 16.18 1.91 2.92
C LYS D 164 15.34 0.84 3.65
N LEU D 165 15.89 0.32 4.75
CA LEU D 165 15.23 -0.71 5.52
C LEU D 165 13.95 -0.17 6.22
N VAL D 166 14.09 0.92 6.99
CA VAL D 166 12.97 1.51 7.71
C VAL D 166 11.82 1.98 6.79
N TYR D 167 12.16 2.32 5.54
CA TYR D 167 11.18 2.71 4.52
C TYR D 167 10.13 1.61 4.26
N ASN D 168 10.47 0.34 4.52
CA ASN D 168 9.51 -0.79 4.48
C ASN D 168 8.31 -0.55 5.41
N TRP D 169 8.54 0.19 6.50
CA TRP D 169 7.54 0.35 7.55
C TRP D 169 6.84 1.70 7.54
N SER D 170 7.59 2.74 7.21
CA SER D 170 6.97 4.05 6.97
C SER D 170 7.71 4.83 5.88
N THR D 171 6.97 5.54 5.06
CA THR D 171 7.57 6.43 4.06
C THR D 171 7.67 7.85 4.56
N ASP D 172 7.12 8.10 5.76
CA ASP D 172 7.23 9.40 6.40
C ASP D 172 8.47 9.45 7.28
N LEU D 173 9.61 9.69 6.66
CA LEU D 173 10.91 9.67 7.35
C LEU D 173 11.61 11.04 7.32
N VAL D 174 12.28 11.37 8.43
CA VAL D 174 13.25 12.46 8.43
C VAL D 174 14.62 11.91 8.90
N ILE D 175 15.65 12.10 8.08
CA ILE D 175 17.00 11.71 8.49
C ILE D 175 17.72 12.81 9.28
N ALA D 176 18.16 12.51 10.49
CA ALA D 176 19.00 13.46 11.23
C ALA D 176 20.41 12.91 11.42
N THR D 177 21.40 13.54 10.80
CA THR D 177 22.77 13.06 10.89
C THR D 177 23.45 13.62 12.14
N ASN D 178 22.78 14.53 12.83
CA ASN D 178 23.26 15.05 14.11
C ASN D 178 24.66 15.64 14.06
N GLY D 179 24.89 16.52 13.08
CA GLY D 179 26.18 17.22 13.01
C GLY D 179 27.13 16.76 11.93
N ASN D 180 26.72 15.81 11.10
CA ASN D 180 27.60 15.27 10.06
C ASN D 180 27.08 15.47 8.65
N GLU D 181 27.97 15.59 7.68
CA GLU D 181 27.54 15.70 6.30
C GLU D 181 27.32 14.33 5.67
N LEU D 182 26.53 14.31 4.60
CA LEU D 182 26.33 13.11 3.79
C LEU D 182 26.98 13.34 2.42
N SER D 183 27.45 12.26 1.80
CA SER D 183 28.01 12.34 0.45
C SER D 183 26.98 12.81 -0.56
N GLN D 184 27.44 13.44 -1.64
CA GLN D 184 26.53 13.86 -2.70
C GLN D 184 25.78 12.67 -3.31
N THR D 185 26.48 11.55 -3.48
CA THR D 185 25.88 10.28 -3.92
C THR D 185 24.71 9.84 -3.02
N ILE D 186 24.94 9.77 -1.72
CA ILE D 186 23.87 9.44 -0.80
C ILE D 186 22.78 10.53 -0.78
N MSE D 187 23.22 11.78 -0.70
CA MSE D 187 22.30 12.91 -0.69
C MSE D 187 21.30 12.86 -1.83
O MSE D 187 20.10 13.06 -1.62
CB MSE D 187 23.08 14.23 -0.78
CG MSE D 187 23.47 14.84 0.56
SE MSE D 187 24.56 16.46 0.32
CE MSE D 187 24.83 16.86 2.22
N ASP D 188 21.80 12.59 -3.03
CA ASP D 188 20.98 12.54 -4.24
C ASP D 188 19.84 11.52 -4.13
N GLU D 189 20.17 10.32 -3.67
CA GLU D 189 19.20 9.23 -3.59
C GLU D 189 18.01 9.54 -2.66
N LEU D 190 18.26 10.21 -1.55
CA LEU D 190 17.19 10.55 -0.61
C LEU D 190 16.26 11.64 -1.14
N SER D 191 16.82 12.57 -1.92
CA SER D 191 16.05 13.67 -2.48
C SER D 191 14.96 13.19 -3.42
N ASN D 192 15.19 12.07 -4.11
CA ASN D 192 14.21 11.54 -5.05
C ASN D 192 13.09 10.77 -4.36
N LYS D 193 13.25 10.54 -3.06
CA LYS D 193 12.31 9.73 -2.31
C LYS D 193 11.47 10.55 -1.34
N ASN D 194 11.52 11.88 -1.50
CA ASN D 194 10.75 12.77 -0.63
C ASN D 194 11.19 12.59 0.83
N ILE D 195 12.49 12.37 1.01
CA ILE D 195 13.03 12.16 2.34
C ILE D 195 13.99 13.28 2.71
N PRO D 196 13.56 14.15 3.63
CA PRO D 196 14.40 15.26 4.09
C PRO D 196 15.59 14.81 4.93
N VAL D 197 16.72 15.47 4.70
CA VAL D 197 17.89 15.30 5.54
C VAL D 197 18.12 16.58 6.37
N ILE D 198 18.33 16.41 7.68
CA ILE D 198 18.76 17.53 8.53
C ILE D 198 20.15 17.24 9.12
N THR D 199 21.04 18.19 8.89
CA THR D 199 22.48 18.00 9.07
C THR D 199 22.95 18.55 10.42
N GLU D 200 22.21 19.51 10.97
CA GLU D 200 22.61 20.16 12.22
C GLU D 200 22.53 19.19 13.38
N SER D 201 23.23 19.52 14.46
CA SER D 201 23.17 18.74 15.69
C SER D 201 21.80 18.89 16.31
N ILE D 202 21.38 17.85 17.01
CA ILE D 202 20.14 17.88 17.76
C ILE D 202 20.38 18.63 19.07
N ARG D 203 19.42 19.45 19.50
CA ARG D 203 19.56 20.16 20.76
C ARG D 203 18.76 19.48 21.88
N THR D 204 17.52 19.12 21.58
CA THR D 204 16.65 18.48 22.56
C THR D 204 15.72 17.50 21.86
N LEU D 205 15.50 16.34 22.47
CA LEU D 205 14.34 15.52 22.16
C LEU D 205 13.22 15.92 23.13
N GLN D 206 11.99 16.00 22.65
CA GLN D 206 10.88 16.50 23.48
C GLN D 206 9.71 15.51 23.44
N GLY D 207 9.13 15.25 24.61
CA GLY D 207 8.01 14.34 24.73
C GLY D 207 7.62 14.20 26.19
N GLU D 208 6.94 13.12 26.52
CA GLU D 208 6.57 12.83 27.92
C GLU D 208 6.80 11.37 28.26
N GLY D 209 7.65 11.11 29.25
CA GLY D 209 7.94 9.76 29.68
C GLY D 209 8.41 8.88 28.54
N GLY D 210 9.39 9.39 27.79
CA GLY D 210 10.01 8.63 26.72
C GLY D 210 9.23 8.48 25.42
N TYR D 211 8.11 9.18 25.28
CA TYR D 211 7.32 9.11 24.05
C TYR D 211 7.49 10.37 23.21
N LEU D 212 8.28 10.22 22.15
CA LEU D 212 8.76 11.32 21.33
C LEU D 212 7.64 12.12 20.66
N LYS D 213 7.73 13.46 20.74
CA LYS D 213 6.77 14.36 20.09
C LYS D 213 7.46 15.31 19.09
N LYS D 214 8.60 15.85 19.49
CA LYS D 214 9.32 16.84 18.69
C LYS D 214 10.84 16.66 18.82
N VAL D 215 11.56 16.98 17.74
CA VAL D 215 13.01 17.07 17.77
C VAL D 215 13.46 18.51 17.45
N GLU D 216 14.26 19.07 18.34
CA GLU D 216 14.78 20.42 18.15
C GLU D 216 16.28 20.43 17.83
N PHE D 217 16.66 21.17 16.80
CA PHE D 217 18.05 21.22 16.34
C PHE D 217 18.77 22.48 16.85
N HIS D 218 20.08 22.56 16.61
CA HIS D 218 20.92 23.59 17.24
C HIS D 218 20.46 24.98 16.84
N SER D 219 20.11 25.16 15.57
CA SER D 219 19.70 26.46 15.09
C SER D 219 18.24 26.74 15.40
N GLY D 220 17.64 25.89 16.22
CA GLY D 220 16.33 26.16 16.79
C GLY D 220 15.15 25.64 16.00
N LEU D 221 15.41 25.05 14.84
CA LEU D 221 14.37 24.37 14.08
C LEU D 221 13.78 23.25 14.92
N ARG D 222 12.48 23.03 14.76
CA ARG D 222 11.73 22.10 15.57
C ARG D 222 10.80 21.36 14.64
N ILE D 223 10.85 20.03 14.65
CA ILE D 223 9.96 19.23 13.83
C ILE D 223 9.22 18.17 14.65
N GLU D 224 8.02 17.83 14.24
CA GLU D 224 7.28 16.77 14.91
C GLU D 224 7.59 15.40 14.34
N ARG D 225 7.91 14.47 15.23
CA ARG D 225 8.19 13.08 14.92
C ARG D 225 7.60 12.25 16.05
N ALA D 226 7.21 11.00 15.78
CA ALA D 226 6.48 10.19 16.77
C ALA D 226 7.35 9.13 17.42
N GLY D 227 8.58 9.04 16.94
CA GLY D 227 9.50 8.03 17.40
C GLY D 227 10.38 7.69 16.23
N GLY D 228 11.09 6.58 16.30
CA GLY D 228 11.91 6.14 15.20
C GLY D 228 13.14 5.34 15.58
N PHE D 229 14.22 5.55 14.84
CA PHE D 229 15.38 4.69 14.94
C PHE D 229 16.69 5.46 15.13
N ILE D 230 17.56 4.87 15.93
CA ILE D 230 18.86 5.46 16.23
C ILE D 230 19.92 4.39 15.89
N VAL D 231 21.19 4.74 15.94
CA VAL D 231 22.21 3.74 15.68
C VAL D 231 23.25 3.75 16.79
N PRO D 232 23.10 2.83 17.76
CA PRO D 232 24.01 2.87 18.90
C PRO D 232 25.33 2.21 18.57
N THR D 233 26.35 2.46 19.38
CA THR D 233 27.59 1.70 19.30
C THR D 233 27.44 0.57 20.31
N PHE D 234 27.90 -0.62 19.95
CA PHE D 234 27.87 -1.74 20.89
C PHE D 234 29.22 -2.02 21.49
N PHE D 235 29.24 -2.30 22.78
CA PHE D 235 30.48 -2.66 23.48
C PHE D 235 30.21 -3.69 24.56
N ARG D 236 31.28 -4.29 25.08
CA ARG D 236 31.16 -5.31 26.13
C ARG D 236 31.76 -4.78 27.41
N PRO D 237 30.90 -4.29 28.31
CA PRO D 237 31.41 -3.73 29.57
C PRO D 237 32.06 -4.77 30.47
N ASN D 238 31.85 -6.07 30.27
CA ASN D 238 32.54 -7.05 31.11
C ASN D 238 34.01 -7.27 30.79
N GLN D 239 34.36 -7.23 29.50
CA GLN D 239 35.72 -7.55 29.09
C GLN D 239 36.24 -8.90 29.64
N PHE D 240 35.36 -9.89 29.73
CA PHE D 240 35.76 -11.23 30.18
C PHE D 240 36.62 -11.87 29.10
N ILE D 241 36.19 -11.69 27.85
CA ILE D 241 36.89 -12.18 26.68
C ILE D 241 38.33 -11.70 26.66
N GLU D 242 38.55 -10.49 27.16
CA GLU D 242 39.88 -9.90 27.17
C GLU D 242 40.74 -10.45 28.30
N GLN D 243 40.15 -10.66 29.47
CA GLN D 243 40.95 -11.15 30.59
C GLN D 243 41.21 -12.65 30.50
N LEU D 244 40.42 -13.34 29.68
CA LEU D 244 40.62 -14.78 29.45
C LEU D 244 41.53 -15.07 28.26
N GLY D 245 42.06 -14.03 27.62
CA GLY D 245 43.01 -14.20 26.53
C GLY D 245 42.48 -14.68 25.20
N CYS D 246 41.16 -14.62 24.97
CA CYS D 246 40.59 -15.01 23.69
C CYS D 246 41.15 -14.14 22.55
N GLU D 247 41.58 -14.77 21.46
CA GLU D 247 42.14 -14.06 20.30
C GLU D 247 41.07 -13.68 19.28
N LEU D 248 41.14 -12.44 18.79
CA LEU D 248 40.25 -11.99 17.72
C LEU D 248 40.57 -12.74 16.43
N GLN D 249 39.53 -13.23 15.76
CA GLN D 249 39.72 -13.84 14.44
C GLN D 249 39.63 -12.81 13.33
N SER D 250 40.25 -13.15 12.21
CA SER D 250 40.34 -12.26 11.04
C SER D 250 39.03 -11.57 10.67
N ASN D 251 37.90 -12.23 10.93
CA ASN D 251 36.61 -11.65 10.60
C ASN D 251 35.97 -10.77 11.69
N GLY D 252 36.73 -10.40 12.71
CA GLY D 252 36.19 -9.51 13.73
C GLY D 252 35.36 -10.14 14.85
N THR D 253 35.29 -11.48 14.88
CA THR D 253 34.68 -12.17 16.01
C THR D 253 35.71 -12.96 16.81
N PHE D 254 35.28 -13.49 17.95
CA PHE D 254 36.18 -14.21 18.86
C PHE D 254 35.93 -15.69 18.79
N VAL D 255 35.03 -16.07 17.89
CA VAL D 255 34.57 -17.44 17.76
C VAL D 255 35.35 -18.13 16.62
N ILE D 256 35.73 -19.40 16.81
CA ILE D 256 36.50 -20.09 15.76
C ILE D 256 35.70 -21.11 14.93
N ASP D 257 34.42 -21.28 15.22
CA ASP D 257 33.59 -22.26 14.51
C ASP D 257 32.15 -21.84 14.73
N ASP D 258 31.19 -22.67 14.33
CA ASP D 258 29.79 -22.27 14.48
C ASP D 258 29.16 -22.75 15.78
N PHE D 259 29.98 -23.28 16.70
CA PHE D 259 29.50 -23.82 17.96
C PHE D 259 29.99 -23.03 19.16
N GLY D 260 30.57 -21.86 18.88
CA GLY D 260 30.96 -20.96 19.95
C GLY D 260 32.33 -21.15 20.57
N ARG D 261 33.17 -21.99 19.97
CA ARG D 261 34.49 -22.29 20.54
C ARG D 261 35.40 -21.11 20.27
N THR D 262 36.36 -20.86 21.17
CA THR D 262 37.27 -19.73 20.99
C THR D 262 38.70 -20.24 20.85
N SER D 263 39.68 -19.36 20.92
CA SER D 263 41.06 -19.80 20.75
C SER D 263 41.59 -20.36 22.09
N GLU D 264 40.83 -20.18 23.15
CA GLU D 264 41.21 -20.65 24.46
C GLU D 264 40.47 -21.94 24.72
N LYS D 265 41.21 -22.98 25.14
CA LYS D 265 40.59 -24.24 25.47
C LYS D 265 39.61 -24.03 26.62
N ASN D 266 38.43 -24.61 26.51
CA ASN D 266 37.41 -24.61 27.56
C ASN D 266 36.61 -23.31 27.78
N ILE D 267 36.72 -22.38 26.83
CA ILE D 267 35.94 -21.14 26.88
C ILE D 267 35.07 -21.04 25.64
N TYR D 268 33.77 -20.87 25.85
CA TYR D 268 32.81 -20.88 24.75
C TYR D 268 31.99 -19.58 24.80
N LEU D 269 31.42 -19.19 23.66
CA LEU D 269 30.66 -17.95 23.54
C LEU D 269 29.28 -18.25 22.94
N ALA D 270 28.24 -17.61 23.47
CA ALA D 270 26.95 -17.73 22.83
C ALA D 270 26.17 -16.43 22.92
N GLY D 271 25.39 -16.18 21.88
CA GLY D 271 24.55 -14.99 21.81
C GLY D 271 25.36 -13.82 21.30
N GLU D 272 25.00 -12.62 21.73
CA GLU D 272 25.63 -11.45 21.15
C GLU D 272 27.11 -11.30 21.46
N THR D 273 27.64 -12.09 22.40
CA THR D 273 29.09 -12.11 22.64
C THR D 273 29.83 -12.65 21.42
N THR D 274 29.22 -13.60 20.71
CA THR D 274 29.86 -14.29 19.59
C THR D 274 30.10 -13.36 18.42
N THR D 275 28.99 -12.82 17.91
CA THR D 275 28.97 -11.99 16.69
C THR D 275 29.49 -10.58 16.86
N GLN D 276 29.68 -10.17 18.11
CA GLN D 276 30.08 -8.79 18.43
C GLN D 276 29.16 -7.69 17.84
N GLY D 277 27.90 -8.03 17.60
CA GLY D 277 26.91 -7.06 17.15
C GLY D 277 25.52 -7.54 17.56
N PRO D 278 24.46 -6.85 17.12
CA PRO D 278 23.08 -7.20 17.47
C PRO D 278 22.63 -8.48 16.77
N SER D 279 21.66 -9.19 17.35
CA SER D 279 20.96 -10.28 16.64
C SER D 279 19.48 -10.37 17.03
N SER D 280 19.03 -11.46 17.63
CA SER D 280 17.64 -11.52 18.11
C SER D 280 17.54 -12.57 19.19
N LEU D 281 16.36 -12.71 19.81
CA LEU D 281 16.17 -13.67 20.89
C LEU D 281 16.30 -15.10 20.33
N ILE D 282 15.61 -15.35 19.22
CA ILE D 282 15.65 -16.66 18.59
C ILE D 282 17.06 -17.05 18.12
N ILE D 283 17.82 -16.09 17.59
CA ILE D 283 19.18 -16.41 17.11
C ILE D 283 20.16 -16.70 18.26
N ALA D 284 20.12 -15.87 19.30
CA ALA D 284 20.90 -16.08 20.52
C ALA D 284 20.59 -17.43 21.21
N ALA D 285 19.31 -17.75 21.29
CA ALA D 285 18.86 -18.99 21.91
C ALA D 285 19.50 -20.16 21.17
N SER D 286 19.47 -20.09 19.85
CA SER D 286 20.05 -21.15 19.03
C SER D 286 21.58 -21.26 19.17
N GLN D 287 22.28 -20.14 19.28
CA GLN D 287 23.71 -20.23 19.57
C GLN D 287 23.96 -20.84 20.97
N GLY D 288 23.02 -20.63 21.89
CA GLY D 288 23.05 -21.29 23.18
C GLY D 288 23.01 -22.80 23.01
N ASN D 289 22.01 -23.26 22.25
CA ASN D 289 21.84 -24.66 21.91
C ASN D 289 23.13 -25.26 21.33
N LYS D 290 23.77 -24.53 20.42
CA LYS D 290 24.95 -25.01 19.72
C LYS D 290 26.18 -25.10 20.60
N ALA D 291 26.38 -24.10 21.46
CA ALA D 291 27.51 -24.13 22.39
C ALA D 291 27.35 -25.32 23.36
N ALA D 292 26.11 -25.61 23.74
CA ALA D 292 25.84 -26.74 24.62
C ALA D 292 26.26 -28.05 23.94
N ILE D 293 26.01 -28.15 22.65
CA ILE D 293 26.45 -29.34 21.92
C ILE D 293 27.96 -29.37 21.93
N ALA D 294 28.61 -28.23 21.67
CA ALA D 294 30.07 -28.19 21.66
C ALA D 294 30.62 -28.58 23.02
N ILE D 295 30.01 -28.06 24.08
CA ILE D 295 30.48 -28.28 25.45
C ILE D 295 30.31 -29.76 25.88
N ASN D 296 29.12 -30.32 25.69
CA ASN D 296 28.90 -31.72 26.04
C ASN D 296 29.78 -32.66 25.21
N SER D 297 30.01 -32.27 23.98
CA SER D 297 30.78 -33.07 23.06
C SER D 297 32.25 -33.08 23.46
N ASP D 298 32.75 -31.97 23.96
CA ASP D 298 34.17 -31.89 24.31
C ASP D 298 34.42 -32.65 25.59
N ILE D 299 33.46 -32.56 26.52
CA ILE D 299 33.51 -33.29 27.79
C ILE D 299 33.47 -34.81 27.57
N THR D 300 32.57 -35.23 26.70
CA THR D 300 32.45 -36.60 26.28
C THR D 300 33.73 -37.11 25.65
N ASP D 301 34.35 -36.31 24.78
CA ASP D 301 35.59 -36.79 24.17
C ASP D 301 36.72 -37.00 25.18
N GLU D 302 36.75 -36.19 26.23
CA GLU D 302 37.86 -36.33 27.17
C GLU D 302 37.58 -37.34 28.28
N ARG D 303 36.30 -37.65 28.53
CA ARG D 303 35.94 -38.59 29.59
C ARG D 303 35.69 -40.01 29.12
N PHE D 304 35.62 -40.22 27.81
CA PHE D 304 35.41 -41.56 27.27
C PHE D 304 36.72 -42.17 26.76
PA FAD E . -6.01 22.72 -23.03
O1A FAD E . -6.27 23.60 -21.89
O2A FAD E . -5.67 23.33 -24.31
O5B FAD E . -4.89 21.71 -22.63
C5B FAD E . -4.13 20.98 -23.55
C4B FAD E . -2.79 20.72 -22.89
O4B FAD E . -2.09 19.69 -23.55
C3B FAD E . -1.89 21.94 -22.95
O3B FAD E . -1.52 22.30 -21.64
C2B FAD E . -0.64 21.48 -23.63
O2B FAD E . 0.41 21.93 -22.82
C1B FAD E . -0.71 19.98 -23.51
N9A FAD E . -0.02 19.22 -24.55
C8A FAD E . -0.43 19.12 -25.80
N7A FAD E . 0.39 18.32 -26.49
C5A FAD E . 1.34 17.88 -25.68
C6A FAD E . 2.51 17.00 -25.78
N6A FAD E . 2.85 16.42 -26.93
N1A FAD E . 3.24 16.81 -24.70
C2A FAD E . 2.93 17.39 -23.53
N3A FAD E . 1.88 18.20 -23.38
C4A FAD E . 1.05 18.47 -24.38
N1 FAD E . -12.46 29.25 -22.44
C2 FAD E . -13.15 29.77 -21.43
O2 FAD E . -13.85 29.06 -20.72
N3 FAD E . -13.14 31.06 -21.14
C4 FAD E . -12.42 31.92 -21.83
O4 FAD E . -12.45 33.12 -21.53
C4X FAD E . -11.63 31.43 -22.95
N5 FAD E . -10.90 32.27 -23.68
C5X FAD E . -10.17 31.80 -24.69
C6 FAD E . -9.42 32.66 -25.45
C7 FAD E . -8.66 32.19 -26.49
C7M FAD E . -7.83 33.13 -27.31
C8 FAD E . -8.66 30.76 -26.82
C8M FAD E . -7.84 30.23 -27.94
C9 FAD E . -9.42 29.90 -26.06
C9A FAD E . -10.18 30.37 -25.01
N10 FAD E . -10.95 29.48 -24.27
C10 FAD E . -11.69 30.00 -23.21
C1' FAD E . -10.95 28.06 -24.58
C2' FAD E . -10.29 27.25 -23.49
O2' FAD E . -8.93 27.61 -23.40
C3' FAD E . -10.40 25.78 -23.85
O3' FAD E . -11.78 25.51 -24.09
C4' FAD E . -9.87 24.82 -22.79
O4' FAD E . -8.54 25.17 -22.45
C5' FAD E . -9.87 23.40 -23.31
O5' FAD E . -9.40 22.55 -22.29
P FAD E . -8.47 21.33 -22.53
O1P FAD E . -8.00 20.92 -21.20
O2P FAD E . -9.18 20.38 -23.38
O3P FAD E . -7.24 21.78 -23.39
MG MG F . -10.54 37.33 -23.27
PA FAD G . -27.23 22.40 -5.78
O1A FAD G . -27.81 21.66 -4.66
O2A FAD G . -25.87 22.91 -5.65
O5B FAD G . -28.19 23.61 -6.09
C5B FAD G . -29.58 23.54 -5.78
C4B FAD G . -30.00 24.90 -5.28
O4B FAD G . -31.37 25.12 -5.57
C3B FAD G . -29.87 25.01 -3.77
O3B FAD G . -28.92 26.01 -3.47
C2B FAD G . -31.24 25.44 -3.27
O2B FAD G . -31.03 26.54 -2.42
C1B FAD G . -31.93 25.90 -4.53
N9A FAD G . -33.39 25.71 -4.57
C8A FAD G . -34.06 24.57 -4.81
N7A FAD G . -35.38 24.77 -4.83
C5A FAD G . -35.58 26.07 -4.62
C6A FAD G . -36.74 26.97 -4.51
N6A FAD G . -37.99 26.50 -4.64
N1A FAD G . -36.50 28.25 -4.28
C2A FAD G . -35.27 28.76 -4.14
N3A FAD G . -34.18 28.01 -4.23
C4A FAD G . -34.27 26.69 -4.46
N1 FAD G . -19.56 17.34 -4.96
C2 FAD G . -18.28 17.57 -5.26
O2 FAD G . -18.03 17.86 -6.43
N3 FAD G . -17.31 17.53 -4.37
C4 FAD G . -17.54 17.22 -3.11
O4 FAD G . -16.64 17.16 -2.28
C4X FAD G . -18.91 16.94 -2.69
N5 FAD G . -19.21 16.63 -1.44
C5X FAD G . -20.49 16.39 -1.09
C6 FAD G . -20.82 16.06 0.20
C7 FAD G . -22.13 15.82 0.53
C7M FAD G . -22.48 15.47 1.94
C8 FAD G . -23.18 15.90 -0.50
C8M FAD G . -24.62 15.64 -0.17
C9 FAD G . -22.85 16.23 -1.78
C9A FAD G . -21.54 16.47 -2.11
N10 FAD G . -21.23 16.79 -3.42
C10 FAD G . -19.92 17.03 -3.72
C1' FAD G . -22.25 16.88 -4.44
C2' FAD G . -22.46 18.32 -4.87
O2' FAD G . -22.82 19.09 -3.75
C3' FAD G . -23.61 18.33 -5.86
O3' FAD G . -23.25 17.38 -6.83
C4' FAD G . -23.87 19.68 -6.51
O4' FAD G . -23.86 20.71 -5.54
C5' FAD G . -25.23 19.71 -7.16
O5' FAD G . -25.29 20.75 -8.13
P FAD G . -26.61 21.58 -8.40
O1P FAD G . -26.17 22.97 -8.60
O2P FAD G . -27.37 20.90 -9.46
O3P FAD G . -27.45 21.51 -7.07
PA FAD H . 9.89 -29.50 9.90
O1A FAD H . 9.35 -29.04 11.16
O2A FAD H . 9.92 -30.92 9.67
O5B FAD H . 9.02 -28.80 8.83
C5B FAD H . 8.79 -29.30 7.55
C4B FAD H . 7.41 -28.88 7.18
O4B FAD H . 7.32 -28.87 5.78
C3B FAD H . 6.41 -29.89 7.69
O3B FAD H . 5.40 -29.22 8.42
C2B FAD H . 5.80 -30.47 6.46
O2B FAD H . 4.42 -30.61 6.70
C1B FAD H . 6.07 -29.41 5.43
N9A FAD H . 6.10 -29.92 4.06
C8A FAD H . 7.00 -30.74 3.55
N7A FAD H . 6.73 -31.01 2.27
C5A FAD H . 5.63 -30.36 1.95
C6A FAD H . 4.80 -30.21 0.76
N6A FAD H . 5.10 -30.84 -0.37
N1A FAD H . 3.73 -29.43 0.84
C2A FAD H . 3.41 -28.79 1.98
N3A FAD H . 4.11 -28.88 3.09
C4A FAD H . 5.22 -29.64 3.13
N1 FAD H . 13.82 -31.35 18.05
C2 FAD H . 13.93 -30.73 19.22
O2 FAD H . 14.38 -29.60 19.25
N3 FAD H . 13.59 -31.28 20.36
C4 FAD H . 13.11 -32.51 20.41
O4 FAD H . 12.81 -33.00 21.49
C4X FAD H . 12.95 -33.26 19.17
N5 FAD H . 12.48 -34.50 19.17
C5X FAD H . 12.34 -35.16 18.02
C6 FAD H . 11.85 -36.43 18.04
C7 FAD H . 11.69 -37.15 16.88
C7M FAD H . 11.15 -38.54 16.92
C8 FAD H . 12.07 -36.52 15.61
C8M FAD H . 11.90 -37.27 14.33
C9 FAD H . 12.57 -35.24 15.58
C9A FAD H . 12.72 -34.52 16.74
N10 FAD H . 13.22 -33.24 16.72
C10 FAD H . 13.35 -32.59 17.94
C1' FAD H . 13.62 -32.60 15.48
C2' FAD H . 12.73 -31.45 15.06
O2' FAD H . 11.50 -32.01 14.75
C3' FAD H . 13.30 -30.83 13.81
O3' FAD H . 14.64 -30.52 14.09
C4' FAD H . 12.60 -29.58 13.35
O4' FAD H . 11.27 -29.90 13.02
C5' FAD H . 13.21 -28.98 12.11
O5' FAD H . 12.32 -27.99 11.66
P FAD H . 12.05 -27.65 10.16
O1P FAD H . 11.15 -26.52 10.11
O2P FAD H . 13.31 -27.53 9.49
O3P FAD H . 11.31 -28.90 9.57
MG MG I . 10.95 -36.71 23.34
MG MG J . -6.68 -18.24 11.86
PA FAD K . 21.06 -10.95 26.82
O1A FAD K . 21.35 -9.55 26.81
O2A FAD K . 19.70 -11.40 26.77
O5B FAD K . 21.67 -11.66 28.04
C5B FAD K . 22.86 -11.28 28.66
C4B FAD K . 22.70 -11.60 30.12
O4B FAD K . 23.96 -11.57 30.74
C3B FAD K . 21.87 -10.53 30.79
O3B FAD K . 20.69 -11.09 31.31
C2B FAD K . 22.74 -10.04 31.91
O2B FAD K . 21.97 -9.96 33.07
C1B FAD K . 23.78 -11.09 32.05
N9A FAD K . 25.04 -10.55 32.54
C8A FAD K . 25.76 -9.65 31.91
N7A FAD K . 26.84 -9.35 32.58
C5A FAD K . 26.85 -10.05 33.69
C6A FAD K . 27.73 -10.21 34.85
N6A FAD K . 28.86 -9.51 34.95
N1A FAD K . 27.38 -11.06 35.80
C2A FAD K . 26.28 -11.76 35.71
N3A FAD K . 25.43 -11.68 34.70
C4A FAD K . 25.65 -10.86 33.67
N1 FAD K . 15.16 -9.10 20.06
C2 FAD K . 14.11 -9.73 19.54
O2 FAD K . 14.24 -10.86 19.14
N3 FAD K . 12.91 -9.19 19.44
C4 FAD K . 12.67 -7.97 19.83
O4 FAD K . 11.55 -7.49 19.72
C4X FAD K . 13.78 -7.19 20.41
N5 FAD K . 13.62 -5.95 20.84
C5X FAD K . 14.62 -5.27 21.36
C6 FAD K . 14.42 -3.99 21.80
C7 FAD K . 15.47 -3.30 22.34
C7M FAD K . 15.30 -1.90 22.82
C8 FAD K . 16.79 -3.92 22.46
C8M FAD K . 17.90 -3.13 23.06
C9 FAD K . 16.99 -5.20 22.03
C9A FAD K . 15.96 -5.90 21.48
N10 FAD K . 16.15 -7.20 21.04
C10 FAD K . 15.07 -7.86 20.50
C1' FAD K . 17.47 -7.79 21.15
C2' FAD K . 17.53 -8.98 22.07
O2' FAD K . 17.28 -8.49 23.35
C3' FAD K . 18.91 -9.60 22.02
O3' FAD K . 19.21 -10.01 20.70
C4' FAD K . 19.05 -10.76 22.99
O4' FAD K . 18.59 -10.37 24.26
C5' FAD K . 20.49 -11.15 23.19
O5' FAD K . 20.56 -12.41 23.82
P FAD K . 21.78 -12.81 24.73
O1P FAD K . 21.44 -14.01 25.45
O2P FAD K . 22.98 -12.85 23.93
O3P FAD K . 21.95 -11.55 25.68
MG MG L . 9.07 -3.70 20.80
C1 GOL M . 1.70 -16.82 22.34
O1 GOL M . 1.44 -16.09 21.14
C2 GOL M . 2.79 -16.14 23.17
O2 GOL M . 2.77 -14.73 22.99
C3 GOL M . 2.65 -16.49 24.65
O3 GOL M . 3.76 -15.98 25.37
#